data_9J0W
#
_entry.id   9J0W
#
_cell.length_a   101.110
_cell.length_b   144.254
_cell.length_c   150.336
_cell.angle_alpha   90.00
_cell.angle_beta   90.00
_cell.angle_gamma   90.00
#
_symmetry.space_group_name_H-M   'P 21 21 21'
#
loop_
_entity.id
_entity.type
_entity.pdbx_description
1 polymer 'Aldehyde dehydrogenase'
2 non-polymer 'NADP NICOTINAMIDE-ADENINE-DINUCLEOTIDE PHOSPHATE'
3 water water
#
_entity_poly.entity_id   1
_entity_poly.type   'polypeptide(L)'
_entity_poly.pdbx_seq_one_letter_code
;MSDSRYTDLGLQPLAGEWRHGRAGRRLKVSNPFDGSLLLEIEQADRDDLDAAYAKAAEVQPAWAALGPSARAAVLYKAVE
VFDRRHEEIVDWIIRESGSTRLKAEIEWGAARAITLESASFPARVHGRIVESDVPGKESRVYRSAIGVVGVISPWNFPLH
LTQRSIAPALALGNAVVVKPASDTPVCGGLLLARIFEEAGLPAGLFSVVVGPGSEIGDAFVEHPVPGLVTFTGSTPVGRN
IGRIASGGAHLKHVALELGGNSPFVVLGDADLEQAVSAAVFGKFLHQGQICMAINRIIVEDSLYDAFAARFVERVKGLRV
GDPQRADTAVGPIVNARQLEGLLEKIRLARQEGAKPLYEGGVDGQLLAPHVFGEVTATMEIARDEIFGPLVGLLRARDEA
HALELANASEYGLSSAVFSRDLERAVRFARQLRAGMTHVNDIPVNDEANAPFGGEKNSGLGRFNGDWAIEEFTTDHWISV
QHAPRQYPF
;
_entity_poly.pdbx_strand_id   A,B,C,D
#
loop_
_chem_comp.id
_chem_comp.type
_chem_comp.name
_chem_comp.formula
NAP non-polymer 'NADP NICOTINAMIDE-ADENINE-DINUCLEOTIDE PHOSPHATE' 'C21 H28 N7 O17 P3'
#
# COMPACT_ATOMS: atom_id res chain seq x y z
N SER A 4 4.84 -33.97 -29.06
CA SER A 4 3.63 -34.76 -28.87
C SER A 4 2.46 -33.88 -28.44
N ARG A 5 1.58 -33.56 -29.38
CA ARG A 5 0.45 -32.69 -29.11
C ARG A 5 -0.56 -33.41 -28.21
N TYR A 6 -1.25 -32.62 -27.39
CA TYR A 6 -2.30 -33.17 -26.53
C TYR A 6 -3.34 -33.92 -27.36
N THR A 7 -3.75 -35.07 -26.86
CA THR A 7 -4.81 -35.85 -27.49
C THR A 7 -5.88 -36.16 -26.45
N ASP A 8 -7.01 -36.73 -26.89
CA ASP A 8 -8.13 -37.06 -25.96
C ASP A 8 -8.63 -35.77 -25.29
N LEU A 9 -8.76 -34.69 -26.07
CA LEU A 9 -9.23 -33.37 -25.56
C LEU A 9 -10.69 -33.47 -25.06
N GLY A 10 -11.49 -34.36 -25.63
CA GLY A 10 -12.92 -34.46 -25.29
C GLY A 10 -13.16 -34.78 -23.82
N LEU A 11 -12.32 -35.62 -23.22
CA LEU A 11 -12.48 -35.91 -21.76
C LEU A 11 -12.31 -34.59 -20.99
N GLN A 12 -13.13 -34.39 -19.96
CA GLN A 12 -13.12 -33.09 -19.23
C GLN A 12 -12.66 -33.30 -17.79
N PRO A 13 -11.75 -32.45 -17.25
CA PRO A 13 -11.26 -32.69 -15.92
C PRO A 13 -12.50 -32.53 -15.08
N LEU A 14 -12.72 -33.46 -14.15
CA LEU A 14 -13.98 -33.43 -13.36
C LEU A 14 -13.69 -34.07 -12.00
N ALA A 15 -13.53 -33.25 -10.97
CA ALA A 15 -13.34 -33.77 -9.61
C ALA A 15 -12.11 -34.67 -9.50
N GLY A 16 -11.00 -34.25 -10.11
CA GLY A 16 -9.74 -34.92 -9.95
C GLY A 16 -9.38 -35.94 -11.02
N GLU A 17 -10.27 -36.21 -11.97
CA GLU A 17 -9.96 -37.19 -13.01
C GLU A 17 -10.48 -36.70 -14.35
N TRP A 18 -9.91 -37.27 -15.42
CA TRP A 18 -10.29 -36.95 -16.79
C TRP A 18 -11.26 -38.00 -17.27
N ARG A 19 -12.53 -37.62 -17.42
CA ARG A 19 -13.57 -38.56 -17.79
C ARG A 19 -14.62 -37.87 -18.62
N HIS A 20 -15.50 -38.67 -19.23
CA HIS A 20 -16.65 -38.14 -19.93
C HIS A 20 -17.66 -37.57 -18.95
N GLY A 21 -18.42 -36.57 -19.43
CA GLY A 21 -19.58 -36.11 -18.68
C GLY A 21 -20.73 -37.09 -18.77
N ARG A 22 -21.70 -36.92 -17.87
CA ARG A 22 -22.79 -37.87 -17.74
C ARG A 22 -24.14 -37.27 -18.16
N ALA A 23 -24.14 -36.20 -18.93
CA ALA A 23 -25.37 -35.64 -19.46
C ALA A 23 -25.96 -36.47 -20.59
N GLY A 24 -25.21 -37.40 -21.17
CA GLY A 24 -25.67 -38.15 -22.32
C GLY A 24 -25.87 -37.33 -23.57
N ARG A 25 -25.60 -36.03 -23.53
CA ARG A 25 -25.75 -35.15 -24.68
C ARG A 25 -24.39 -34.72 -25.16
N ARG A 26 -24.22 -34.64 -26.48
CA ARG A 26 -22.92 -34.39 -27.10
C ARG A 26 -22.85 -32.98 -27.65
N LEU A 27 -21.72 -32.32 -27.43
CA LEU A 27 -21.43 -31.01 -28.02
C LEU A 27 -20.43 -31.21 -29.16
N LYS A 28 -20.81 -30.77 -30.36
CA LYS A 28 -19.91 -30.81 -31.51
C LYS A 28 -19.17 -29.48 -31.59
N VAL A 29 -17.85 -29.54 -31.60
CA VAL A 29 -16.99 -28.36 -31.69
C VAL A 29 -16.46 -28.28 -33.11
N SER A 30 -16.73 -27.17 -33.79
CA SER A 30 -16.45 -27.05 -35.22
C SER A 30 -15.61 -25.83 -35.51
N ASN A 31 -14.97 -25.84 -36.68
CA ASN A 31 -14.20 -24.71 -37.18
C ASN A 31 -15.15 -23.69 -37.82
N PRO A 32 -15.13 -22.42 -37.40
CA PRO A 32 -16.02 -21.44 -38.03
C PRO A 32 -15.74 -21.22 -39.50
N PHE A 33 -14.49 -21.35 -39.92
CA PHE A 33 -14.10 -21.00 -41.28
C PHE A 33 -14.72 -21.97 -42.30
N ASP A 34 -14.45 -23.26 -42.14
CA ASP A 34 -14.83 -24.26 -43.13
C ASP A 34 -15.94 -25.20 -42.67
N GLY A 35 -16.27 -25.22 -41.38
CA GLY A 35 -17.29 -26.10 -40.86
C GLY A 35 -16.82 -27.49 -40.49
N SER A 36 -15.53 -27.78 -40.61
CA SER A 36 -15.03 -29.11 -40.31
C SER A 36 -15.13 -29.40 -38.82
N LEU A 37 -15.71 -30.55 -38.48
CA LEU A 37 -15.80 -30.98 -37.09
C LEU A 37 -14.40 -31.15 -36.51
N LEU A 38 -14.18 -30.61 -35.31
CA LEU A 38 -12.89 -30.72 -34.63
C LEU A 38 -12.89 -31.79 -33.55
N LEU A 39 -13.92 -31.86 -32.73
CA LEU A 39 -14.09 -32.96 -31.78
C LEU A 39 -15.50 -32.88 -31.23
N GLU A 40 -15.81 -33.84 -30.37
CA GLU A 40 -17.17 -33.99 -29.87
C GLU A 40 -17.04 -34.37 -28.41
N ILE A 41 -17.83 -33.72 -27.55
CA ILE A 41 -17.63 -33.76 -26.11
C ILE A 41 -18.91 -34.28 -25.45
N GLU A 42 -18.76 -35.32 -24.64
CA GLU A 42 -19.85 -35.80 -23.79
C GLU A 42 -20.09 -34.77 -22.69
N GLN A 43 -21.22 -34.07 -22.77
CA GLN A 43 -21.42 -32.88 -21.96
C GLN A 43 -21.52 -33.21 -20.48
N ALA A 44 -21.27 -32.20 -19.66
CA ALA A 44 -21.25 -32.34 -18.21
C ALA A 44 -22.65 -32.31 -17.63
N ASP A 45 -22.78 -32.93 -16.47
CA ASP A 45 -24.04 -33.10 -15.77
C ASP A 45 -24.17 -32.05 -14.67
N ARG A 46 -25.39 -31.96 -14.12
CA ARG A 46 -25.56 -31.18 -12.89
C ARG A 46 -24.90 -31.87 -11.72
N ASP A 47 -24.84 -33.21 -11.73
CA ASP A 47 -24.09 -33.95 -10.72
C ASP A 47 -22.59 -33.82 -10.95
N ASP A 48 -22.16 -33.76 -12.22
CA ASP A 48 -20.77 -33.48 -12.52
C ASP A 48 -20.35 -32.13 -11.94
N LEU A 49 -21.23 -31.14 -12.05
CA LEU A 49 -20.93 -29.82 -11.50
C LEU A 49 -20.81 -29.88 -9.97
N ASP A 50 -21.76 -30.56 -9.31
CA ASP A 50 -21.68 -30.69 -7.86
C ASP A 50 -20.41 -31.43 -7.45
N ALA A 51 -20.00 -32.42 -8.24
CA ALA A 51 -18.78 -33.15 -7.94
C ALA A 51 -17.55 -32.28 -8.17
N ALA A 52 -17.53 -31.51 -9.26
CA ALA A 52 -16.40 -30.64 -9.54
C ALA A 52 -16.20 -29.64 -8.40
N TYR A 53 -17.28 -28.98 -7.96
CA TYR A 53 -17.18 -28.02 -6.87
C TYR A 53 -16.76 -28.69 -5.57
N ALA A 54 -17.40 -29.82 -5.23
CA ALA A 54 -17.12 -30.48 -3.95
C ALA A 54 -15.67 -30.92 -3.85
N LYS A 55 -15.13 -31.51 -4.92
CA LYS A 55 -13.73 -31.92 -4.89
C LYS A 55 -12.80 -30.71 -4.80
N ALA A 56 -13.16 -29.62 -5.50
CA ALA A 56 -12.38 -28.39 -5.41
C ALA A 56 -12.33 -27.88 -3.98
N ALA A 57 -13.47 -27.94 -3.27
CA ALA A 57 -13.48 -27.55 -1.86
C ALA A 57 -12.59 -28.46 -1.03
N GLU A 58 -12.57 -29.75 -1.35
CA GLU A 58 -11.90 -30.73 -0.49
C GLU A 58 -10.38 -30.61 -0.60
N VAL A 59 -9.85 -30.33 -1.79
CA VAL A 59 -8.40 -30.30 -1.99
C VAL A 59 -7.83 -28.89 -2.02
N GLN A 60 -8.67 -27.86 -1.93
CA GLN A 60 -8.13 -26.49 -1.91
C GLN A 60 -7.30 -26.20 -0.67
N PRO A 61 -7.75 -26.52 0.56
CA PRO A 61 -6.91 -26.23 1.74
C PRO A 61 -5.49 -26.77 1.63
N ALA A 62 -5.31 -27.97 1.08
CA ALA A 62 -3.97 -28.50 0.89
C ALA A 62 -3.16 -27.63 -0.06
N TRP A 63 -3.83 -27.10 -1.08
CA TRP A 63 -3.17 -26.20 -2.02
C TRP A 63 -2.79 -24.89 -1.34
N ALA A 64 -3.70 -24.33 -0.54
CA ALA A 64 -3.39 -23.09 0.17
C ALA A 64 -2.27 -23.29 1.19
N ALA A 65 -2.21 -24.45 1.82
CA ALA A 65 -1.21 -24.71 2.85
C ALA A 65 0.20 -24.85 2.29
N LEU A 66 0.33 -25.19 1.01
CA LEU A 66 1.64 -25.19 0.36
C LEU A 66 2.25 -23.80 0.45
N GLY A 67 3.57 -23.75 0.61
CA GLY A 67 4.29 -22.50 0.67
C GLY A 67 4.22 -21.75 -0.63
N PRO A 68 4.52 -20.45 -0.60
CA PRO A 68 4.39 -19.62 -1.82
C PRO A 68 5.20 -20.11 -3.00
N SER A 69 6.45 -20.54 -2.77
CA SER A 69 7.31 -20.95 -3.88
C SER A 69 6.73 -22.18 -4.59
N ALA A 70 6.14 -23.11 -3.84
CA ALA A 70 5.57 -24.30 -4.45
C ALA A 70 4.48 -23.95 -5.46
N ARG A 71 3.51 -23.14 -5.02
CA ARG A 71 2.44 -22.72 -5.92
C ARG A 71 3.00 -21.89 -7.07
N ALA A 72 3.96 -21.02 -6.78
CA ALA A 72 4.56 -20.21 -7.83
C ALA A 72 5.29 -21.07 -8.85
N ALA A 73 5.84 -22.21 -8.41
CA ALA A 73 6.53 -23.10 -9.34
C ALA A 73 5.58 -23.60 -10.43
N VAL A 74 4.35 -23.93 -10.06
CA VAL A 74 3.37 -24.40 -11.03
C VAL A 74 3.10 -23.32 -12.08
N LEU A 75 2.96 -22.08 -11.64
CA LEU A 75 2.73 -20.98 -12.58
C LEU A 75 3.93 -20.76 -13.49
N TYR A 76 5.14 -20.86 -12.93
CA TYR A 76 6.34 -20.74 -13.75
C TYR A 76 6.42 -21.88 -14.76
N LYS A 77 6.16 -23.11 -14.30
CA LYS A 77 6.14 -24.25 -15.19
C LYS A 77 5.11 -24.07 -16.29
N ALA A 78 3.96 -23.48 -15.96
CA ALA A 78 2.94 -23.21 -16.97
C ALA A 78 3.51 -22.30 -18.06
N VAL A 79 4.36 -21.34 -17.70
CA VAL A 79 4.96 -20.46 -18.70
C VAL A 79 5.86 -21.25 -19.64
N GLU A 80 6.63 -22.19 -19.10
CA GLU A 80 7.46 -23.05 -19.94
C GLU A 80 6.62 -23.79 -20.98
N VAL A 81 5.50 -24.37 -20.55
CA VAL A 81 4.63 -25.11 -21.46
C VAL A 81 4.07 -24.18 -22.54
N PHE A 82 3.70 -22.96 -22.16
CA PHE A 82 3.22 -21.98 -23.12
C PHE A 82 4.22 -21.77 -24.26
N ASP A 83 5.51 -21.73 -23.92
CA ASP A 83 6.54 -21.62 -24.96
C ASP A 83 6.65 -22.92 -25.74
N ARG A 84 6.70 -24.05 -25.03
CA ARG A 84 6.94 -25.33 -25.69
C ARG A 84 5.84 -25.68 -26.67
N ARG A 85 4.59 -25.36 -26.34
CA ARG A 85 3.44 -25.69 -27.17
C ARG A 85 2.86 -24.46 -27.86
N HIS A 86 3.75 -23.56 -28.29
CA HIS A 86 3.33 -22.24 -28.78
C HIS A 86 2.47 -22.37 -30.04
N GLU A 87 2.98 -23.05 -31.07
CA GLU A 87 2.19 -23.23 -32.28
C GLU A 87 0.95 -24.07 -32.02
N GLU A 88 1.07 -25.10 -31.18
CA GLU A 88 -0.09 -25.91 -30.81
C GLU A 88 -1.18 -25.04 -30.20
N ILE A 89 -0.80 -24.15 -29.28
CA ILE A 89 -1.78 -23.27 -28.64
C ILE A 89 -2.41 -22.33 -29.67
N VAL A 90 -1.57 -21.66 -30.46
CA VAL A 90 -2.06 -20.69 -31.43
C VAL A 90 -2.96 -21.35 -32.46
N ASP A 91 -2.54 -22.53 -32.94
CA ASP A 91 -3.32 -23.23 -33.96
C ASP A 91 -4.71 -23.60 -33.43
N TRP A 92 -4.80 -23.99 -32.16
CA TRP A 92 -6.08 -24.29 -31.55
C TRP A 92 -6.97 -23.05 -31.49
N ILE A 93 -6.39 -21.91 -31.11
CA ILE A 93 -7.14 -20.65 -31.10
C ILE A 93 -7.73 -20.37 -32.47
N ILE A 94 -6.90 -20.51 -33.52
CA ILE A 94 -7.35 -20.24 -34.88
C ILE A 94 -8.49 -21.17 -35.26
N ARG A 95 -8.28 -22.48 -35.11
CA ARG A 95 -9.24 -23.44 -35.65
C ARG A 95 -10.54 -23.43 -34.85
N GLU A 96 -10.47 -23.30 -33.52
CA GLU A 96 -11.67 -23.42 -32.70
C GLU A 96 -12.47 -22.11 -32.70
N SER A 97 -11.81 -20.97 -32.52
CA SER A 97 -12.53 -19.71 -32.37
C SER A 97 -12.68 -18.95 -33.69
N GLY A 98 -11.97 -19.34 -34.74
CA GLY A 98 -11.99 -18.57 -35.95
C GLY A 98 -11.17 -17.30 -35.88
N SER A 99 -10.13 -17.29 -35.07
CA SER A 99 -9.27 -16.12 -34.94
C SER A 99 -8.23 -16.12 -36.06
N THR A 100 -7.96 -14.93 -36.59
CA THR A 100 -6.82 -14.77 -37.47
C THR A 100 -5.55 -15.21 -36.74
N ARG A 101 -4.54 -15.62 -37.51
CA ARG A 101 -3.29 -16.03 -36.91
C ARG A 101 -2.68 -14.93 -36.05
N LEU A 102 -2.76 -13.68 -36.52
CA LEU A 102 -2.13 -12.58 -35.79
C LEU A 102 -2.85 -12.26 -34.49
N LYS A 103 -4.18 -12.40 -34.46
CA LYS A 103 -4.88 -12.30 -33.19
C LYS A 103 -4.52 -13.46 -32.26
N ALA A 104 -4.44 -14.67 -32.80
CA ALA A 104 -4.09 -15.83 -31.99
C ALA A 104 -2.72 -15.65 -31.34
N GLU A 105 -1.78 -15.02 -32.04
CA GLU A 105 -0.48 -14.75 -31.43
C GLU A 105 -0.59 -13.70 -30.33
N ILE A 106 -1.41 -12.66 -30.55
CA ILE A 106 -1.61 -11.65 -29.52
C ILE A 106 -2.26 -12.26 -28.29
N GLU A 107 -3.28 -13.11 -28.49
CA GLU A 107 -3.95 -13.75 -27.36
C GLU A 107 -3.01 -14.69 -26.62
N TRP A 108 -2.16 -15.42 -27.35
CA TRP A 108 -1.17 -16.28 -26.71
C TRP A 108 -0.24 -15.49 -25.82
N GLY A 109 0.25 -14.35 -26.32
CA GLY A 109 1.15 -13.51 -25.54
C GLY A 109 0.47 -12.85 -24.35
N ALA A 110 -0.80 -12.49 -24.49
CA ALA A 110 -1.54 -11.93 -23.36
C ALA A 110 -1.74 -12.98 -22.27
N ALA A 111 -2.11 -14.21 -22.65
CA ALA A 111 -2.29 -15.26 -21.67
C ALA A 111 -0.96 -15.68 -21.06
N ARG A 112 0.11 -15.68 -21.85
CA ARG A 112 1.44 -15.99 -21.32
C ARG A 112 1.88 -14.96 -20.31
N ALA A 113 1.52 -13.68 -20.54
CA ALA A 113 2.02 -12.61 -19.68
C ALA A 113 1.32 -12.62 -18.33
N ILE A 114 0.01 -12.86 -18.30
CA ILE A 114 -0.69 -12.87 -17.02
C ILE A 114 -0.33 -14.11 -16.20
N THR A 115 0.01 -15.21 -16.88
CA THR A 115 0.54 -16.37 -16.15
C THR A 115 1.85 -16.02 -15.46
N LEU A 116 2.81 -15.49 -16.22
CA LEU A 116 4.07 -15.03 -15.64
C LEU A 116 3.84 -14.01 -14.53
N GLU A 117 2.98 -13.02 -14.79
CA GLU A 117 2.67 -12.03 -13.76
C GLU A 117 2.09 -12.67 -12.51
N SER A 118 1.21 -13.66 -12.68
CA SER A 118 0.58 -14.30 -11.54
C SER A 118 1.56 -15.08 -10.67
N ALA A 119 2.70 -15.49 -11.26
CA ALA A 119 3.65 -16.33 -10.51
C ALA A 119 4.22 -15.60 -9.31
N SER A 120 4.31 -14.27 -9.38
CA SER A 120 4.88 -13.48 -8.29
C SER A 120 3.90 -13.20 -7.16
N PHE A 121 2.64 -13.54 -7.33
CA PHE A 121 1.58 -13.19 -6.38
C PHE A 121 1.69 -13.92 -5.04
N PRO A 122 2.09 -15.21 -5.00
CA PRO A 122 2.24 -15.86 -3.68
C PRO A 122 3.24 -15.15 -2.78
N ALA A 123 4.31 -14.59 -3.32
CA ALA A 123 5.26 -13.85 -2.50
C ALA A 123 4.76 -12.45 -2.13
N ARG A 124 3.85 -11.89 -2.91
CA ARG A 124 3.45 -10.50 -2.71
C ARG A 124 2.29 -10.33 -1.72
N VAL A 125 1.36 -11.26 -1.67
CA VAL A 125 0.18 -11.10 -0.82
C VAL A 125 0.59 -11.15 0.65
N HIS A 126 -0.06 -10.31 1.47
CA HIS A 126 0.27 -10.25 2.89
C HIS A 126 -0.92 -9.76 3.69
N GLY A 127 -0.90 -10.06 4.99
CA GLY A 127 -1.86 -9.54 5.93
C GLY A 127 -1.36 -8.28 6.62
N ARG A 128 -2.11 -7.87 7.63
CA ARG A 128 -1.90 -6.59 8.30
C ARG A 128 -1.95 -6.79 9.81
N ILE A 129 -1.25 -5.92 10.53
CA ILE A 129 -1.24 -5.91 11.99
C ILE A 129 -1.60 -4.50 12.46
N VAL A 130 -2.73 -4.37 13.16
CA VAL A 130 -3.36 -3.09 13.42
C VAL A 130 -3.38 -2.81 14.92
N GLU A 131 -3.06 -1.57 15.28
CA GLU A 131 -3.08 -1.13 16.65
C GLU A 131 -4.51 -0.92 17.14
N SER A 132 -4.74 -1.22 18.41
CA SER A 132 -6.09 -1.17 18.98
C SER A 132 -6.10 -0.35 20.26
N ASP A 133 -7.23 0.32 20.49
CA ASP A 133 -7.41 1.14 21.69
C ASP A 133 -7.74 0.28 22.91
N VAL A 134 -8.46 -0.81 22.73
CA VAL A 134 -8.82 -1.71 23.83
C VAL A 134 -7.53 -2.21 24.48
N PRO A 135 -7.35 -2.01 25.78
CA PRO A 135 -6.14 -2.52 26.44
C PRO A 135 -6.06 -4.03 26.35
N GLY A 136 -4.89 -4.53 25.97
CA GLY A 136 -4.68 -5.95 25.82
C GLY A 136 -5.14 -6.54 24.50
N LYS A 137 -5.88 -5.79 23.68
CA LYS A 137 -6.43 -6.31 22.43
C LYS A 137 -5.46 -6.03 21.29
N GLU A 138 -5.04 -7.10 20.61
CA GLU A 138 -4.23 -7.00 19.41
C GLU A 138 -5.09 -7.36 18.20
N SER A 139 -5.08 -6.48 17.20
CA SER A 139 -5.95 -6.62 16.03
C SER A 139 -5.13 -7.15 14.86
N ARG A 140 -5.56 -8.27 14.29
CA ARG A 140 -4.86 -8.92 13.19
C ARG A 140 -5.80 -9.05 12.00
N VAL A 141 -5.23 -8.99 10.80
CA VAL A 141 -5.96 -9.28 9.57
C VAL A 141 -5.15 -10.28 8.76
N TYR A 142 -5.75 -11.44 8.49
CA TYR A 142 -5.15 -12.45 7.63
C TYR A 142 -5.73 -12.32 6.23
N ARG A 143 -4.87 -12.37 5.22
CA ARG A 143 -5.28 -12.38 3.83
C ARG A 143 -5.19 -13.81 3.31
N SER A 144 -6.33 -14.37 2.94
CA SER A 144 -6.36 -15.78 2.58
C SER A 144 -7.15 -15.94 1.30
N ALA A 145 -6.95 -17.08 0.65
CA ALA A 145 -7.67 -17.35 -0.59
C ALA A 145 -9.17 -17.42 -0.33
N ILE A 146 -9.96 -17.00 -1.31
CA ILE A 146 -11.42 -17.10 -1.19
C ILE A 146 -11.83 -18.54 -0.90
N GLY A 147 -11.33 -19.48 -1.70
CA GLY A 147 -11.70 -20.87 -1.60
C GLY A 147 -11.84 -21.50 -2.98
N VAL A 148 -13.05 -21.49 -3.53
CA VAL A 148 -13.31 -21.97 -4.88
C VAL A 148 -13.82 -20.80 -5.71
N VAL A 149 -13.20 -20.58 -6.86
CA VAL A 149 -13.62 -19.54 -7.79
C VAL A 149 -14.23 -20.21 -9.01
N GLY A 150 -15.49 -19.89 -9.29
CA GLY A 150 -16.12 -20.30 -10.54
C GLY A 150 -15.90 -19.24 -11.60
N VAL A 151 -15.44 -19.67 -12.77
CA VAL A 151 -15.03 -18.78 -13.85
C VAL A 151 -15.84 -19.11 -15.09
N ILE A 152 -16.53 -18.10 -15.66
CA ILE A 152 -17.31 -18.29 -16.93
C ILE A 152 -16.53 -17.59 -18.06
N SER A 153 -16.36 -18.26 -19.21
CA SER A 153 -15.48 -17.71 -20.28
C SER A 153 -16.20 -17.43 -21.61
N PRO A 154 -16.01 -16.25 -22.22
CA PRO A 154 -16.54 -15.95 -23.56
C PRO A 154 -15.79 -16.56 -24.76
N TRP A 155 -16.47 -16.73 -25.89
CA TRP A 155 -15.84 -17.24 -27.14
C TRP A 155 -14.76 -16.32 -27.73
N ASN A 156 -14.95 -14.99 -27.71
CA ASN A 156 -14.02 -14.05 -28.41
C ASN A 156 -12.54 -14.29 -28.07
N PHE A 157 -12.17 -14.18 -26.80
CA PHE A 157 -10.78 -14.36 -26.35
C PHE A 157 -10.79 -15.43 -25.28
N PRO A 158 -11.13 -16.68 -25.64
CA PRO A 158 -11.45 -17.67 -24.61
C PRO A 158 -10.27 -18.05 -23.75
N LEU A 159 -9.07 -18.10 -24.31
CA LEU A 159 -7.90 -18.53 -23.54
C LEU A 159 -7.45 -17.43 -22.58
N HIS A 160 -7.21 -16.23 -23.11
CA HIS A 160 -6.72 -15.14 -22.26
C HIS A 160 -7.72 -14.77 -21.19
N LEU A 161 -9.02 -14.80 -21.52
CA LEU A 161 -10.02 -14.35 -20.55
C LEU A 161 -10.23 -15.38 -19.44
N THR A 162 -10.12 -16.67 -19.75
CA THR A 162 -10.12 -17.67 -18.68
C THR A 162 -8.85 -17.56 -17.84
N GLN A 163 -7.69 -17.48 -18.49
CA GLN A 163 -6.42 -17.47 -17.78
C GLN A 163 -6.24 -16.21 -16.94
N ARG A 164 -6.93 -15.12 -17.30
CA ARG A 164 -6.82 -13.90 -16.50
C ARG A 164 -7.49 -14.04 -15.13
N SER A 165 -8.45 -14.96 -14.98
CA SER A 165 -9.01 -15.22 -13.66
C SER A 165 -8.31 -16.37 -12.95
N ILE A 166 -8.10 -17.49 -13.64
CA ILE A 166 -7.69 -18.70 -12.94
C ILE A 166 -6.20 -18.69 -12.61
N ALA A 167 -5.37 -18.07 -13.46
CA ALA A 167 -3.95 -17.98 -13.14
C ALA A 167 -3.69 -17.19 -11.86
N PRO A 168 -4.27 -16.00 -11.66
CA PRO A 168 -4.14 -15.37 -10.33
C PRO A 168 -4.80 -16.15 -9.23
N ALA A 169 -6.01 -16.67 -9.48
CA ALA A 169 -6.75 -17.38 -8.44
C ALA A 169 -5.99 -18.61 -7.95
N LEU A 170 -5.42 -19.38 -8.88
CA LEU A 170 -4.70 -20.58 -8.48
C LEU A 170 -3.41 -20.24 -7.75
N ALA A 171 -2.68 -19.23 -8.23
CA ALA A 171 -1.44 -18.84 -7.56
C ALA A 171 -1.68 -18.45 -6.11
N LEU A 172 -2.79 -17.75 -5.85
CA LEU A 172 -3.12 -17.27 -4.51
C LEU A 172 -3.80 -18.34 -3.66
N GLY A 173 -3.81 -19.60 -4.09
CA GLY A 173 -4.28 -20.68 -3.25
C GLY A 173 -5.75 -21.02 -3.39
N ASN A 174 -6.45 -20.47 -4.38
CA ASN A 174 -7.82 -20.89 -4.64
C ASN A 174 -7.83 -22.15 -5.50
N ALA A 175 -8.98 -22.79 -5.55
CA ALA A 175 -9.31 -23.77 -6.58
C ALA A 175 -10.31 -23.15 -7.54
N VAL A 176 -10.36 -23.67 -8.76
CA VAL A 176 -11.20 -23.08 -9.80
C VAL A 176 -12.03 -24.16 -10.47
N VAL A 177 -13.25 -23.77 -10.88
CA VAL A 177 -14.05 -24.53 -11.81
C VAL A 177 -14.43 -23.59 -12.94
N VAL A 178 -14.11 -23.97 -14.17
CA VAL A 178 -14.32 -23.11 -15.34
C VAL A 178 -15.51 -23.65 -16.12
N LYS A 179 -16.41 -22.75 -16.53
CA LYS A 179 -17.48 -23.10 -17.45
C LYS A 179 -17.25 -22.33 -18.75
N PRO A 180 -16.61 -22.93 -19.76
CA PRO A 180 -16.23 -22.19 -20.95
C PRO A 180 -17.38 -22.09 -21.94
N ALA A 181 -17.17 -21.23 -22.94
CA ALA A 181 -18.17 -21.04 -23.98
C ALA A 181 -18.31 -22.30 -24.82
N SER A 182 -19.56 -22.62 -25.20
CA SER A 182 -19.81 -23.85 -25.94
C SER A 182 -19.13 -23.84 -27.29
N ASP A 183 -18.88 -22.66 -27.86
CA ASP A 183 -18.17 -22.57 -29.13
C ASP A 183 -16.68 -22.79 -28.98
N THR A 184 -16.12 -22.58 -27.79
CA THR A 184 -14.67 -22.70 -27.57
C THR A 184 -14.40 -23.39 -26.24
N PRO A 185 -14.84 -24.63 -26.07
CA PRO A 185 -14.56 -25.33 -24.80
C PRO A 185 -13.11 -25.74 -24.64
N VAL A 186 -12.36 -25.89 -25.74
CA VAL A 186 -10.97 -26.32 -25.63
C VAL A 186 -10.07 -25.15 -25.26
N CYS A 187 -10.16 -24.05 -26.01
CA CYS A 187 -9.40 -22.83 -25.64
C CYS A 187 -10.14 -22.16 -24.49
N GLY A 188 -11.12 -22.86 -23.91
CA GLY A 188 -11.94 -22.35 -22.80
C GLY A 188 -11.40 -22.86 -21.49
N GLY A 189 -10.19 -23.41 -21.51
CA GLY A 189 -9.60 -24.03 -20.31
C GLY A 189 -9.59 -25.54 -20.32
N LEU A 190 -10.16 -26.19 -21.34
CA LEU A 190 -9.96 -27.66 -21.45
C LEU A 190 -8.45 -27.84 -21.70
N LEU A 191 -7.86 -26.98 -22.54
CA LEU A 191 -6.41 -27.03 -22.83
C LEU A 191 -5.66 -26.38 -21.67
N LEU A 192 -6.19 -25.27 -21.15
CA LEU A 192 -5.58 -24.70 -19.96
C LEU A 192 -5.47 -25.71 -18.83
N ALA A 193 -6.48 -26.57 -18.68
CA ALA A 193 -6.40 -27.63 -17.68
C ALA A 193 -5.28 -28.62 -18.03
N ARG A 194 -5.14 -28.94 -19.32
CA ARG A 194 -4.03 -29.80 -19.75
C ARG A 194 -2.69 -29.15 -19.47
N ILE A 195 -2.57 -27.83 -19.74
CA ILE A 195 -1.32 -27.13 -19.49
C ILE A 195 -1.00 -27.13 -18.00
N PHE A 196 -1.99 -26.81 -17.17
CA PHE A 196 -1.76 -26.76 -15.73
C PHE A 196 -1.46 -28.15 -15.17
N GLU A 197 -2.06 -29.20 -15.74
CA GLU A 197 -1.71 -30.56 -15.33
C GLU A 197 -0.23 -30.84 -15.62
N GLU A 198 0.23 -30.48 -16.82
CA GLU A 198 1.64 -30.61 -17.15
C GLU A 198 2.51 -29.81 -16.19
N ALA A 199 2.08 -28.59 -15.85
CA ALA A 199 2.81 -27.76 -14.91
C ALA A 199 2.86 -28.34 -13.50
N GLY A 200 2.22 -29.48 -13.25
CA GLY A 200 2.22 -30.07 -11.94
C GLY A 200 1.12 -29.62 -11.01
N LEU A 201 0.06 -29.01 -11.52
CA LEU A 201 -1.05 -28.59 -10.67
C LEU A 201 -1.73 -29.83 -10.08
N PRO A 202 -1.84 -29.94 -8.75
CA PRO A 202 -2.46 -31.13 -8.16
C PRO A 202 -3.88 -31.34 -8.65
N ALA A 203 -4.27 -32.62 -8.71
CA ALA A 203 -5.55 -32.98 -9.28
C ALA A 203 -6.69 -32.53 -8.37
N GLY A 204 -7.76 -32.04 -8.99
CA GLY A 204 -8.94 -31.59 -8.29
C GLY A 204 -9.06 -30.10 -8.11
N LEU A 205 -7.95 -29.36 -8.27
CA LEU A 205 -7.96 -27.91 -8.09
C LEU A 205 -8.49 -27.15 -9.30
N PHE A 206 -8.55 -27.80 -10.46
CA PHE A 206 -8.93 -27.13 -11.71
C PHE A 206 -9.83 -28.09 -12.46
N SER A 207 -11.11 -27.74 -12.56
CA SER A 207 -12.11 -28.59 -13.19
C SER A 207 -12.87 -27.78 -14.23
N VAL A 208 -13.16 -28.40 -15.37
CA VAL A 208 -13.90 -27.76 -16.46
C VAL A 208 -15.22 -28.48 -16.62
N VAL A 209 -16.30 -27.71 -16.67
CA VAL A 209 -17.65 -28.24 -16.89
C VAL A 209 -18.13 -27.72 -18.24
N VAL A 210 -18.39 -28.63 -19.17
CA VAL A 210 -18.79 -28.28 -20.53
C VAL A 210 -20.28 -28.56 -20.68
N GLY A 211 -21.05 -27.50 -20.92
CA GLY A 211 -22.47 -27.62 -21.10
C GLY A 211 -23.09 -26.29 -21.47
N PRO A 212 -24.33 -26.31 -21.95
CA PRO A 212 -25.00 -25.06 -22.36
C PRO A 212 -25.28 -24.16 -21.16
N GLY A 213 -24.75 -22.94 -21.21
CA GLY A 213 -24.99 -21.97 -20.16
C GLY A 213 -26.46 -21.68 -19.90
N SER A 214 -27.30 -21.85 -20.91
CA SER A 214 -28.74 -21.75 -20.74
C SER A 214 -29.34 -22.94 -20.00
N GLU A 215 -28.56 -23.98 -19.73
CA GLU A 215 -29.05 -25.18 -19.08
C GLU A 215 -28.36 -25.46 -17.75
N ILE A 216 -27.05 -25.27 -17.66
CA ILE A 216 -26.30 -25.48 -16.43
C ILE A 216 -25.78 -24.18 -15.83
N GLY A 217 -25.98 -23.04 -16.51
CA GLY A 217 -25.39 -21.80 -16.04
C GLY A 217 -25.91 -21.36 -14.68
N ASP A 218 -27.23 -21.38 -14.50
CA ASP A 218 -27.82 -20.99 -13.23
C ASP A 218 -27.27 -21.83 -12.08
N ALA A 219 -27.19 -23.15 -12.27
CA ALA A 219 -26.64 -24.01 -11.23
C ALA A 219 -25.19 -23.65 -10.93
N PHE A 220 -24.43 -23.26 -11.95
CA PHE A 220 -23.02 -22.89 -11.77
C PHE A 220 -22.88 -21.68 -10.87
N VAL A 221 -23.73 -20.67 -11.07
CA VAL A 221 -23.64 -19.45 -10.26
C VAL A 221 -24.35 -19.62 -8.92
N GLU A 222 -25.45 -20.37 -8.90
CA GLU A 222 -26.21 -20.59 -7.68
C GLU A 222 -25.44 -21.38 -6.63
N HIS A 223 -24.42 -22.10 -7.04
CA HIS A 223 -23.91 -23.19 -6.22
C HIS A 223 -23.39 -22.67 -4.88
N PRO A 224 -23.63 -23.38 -3.77
CA PRO A 224 -23.21 -22.89 -2.45
C PRO A 224 -21.70 -22.94 -2.23
N VAL A 225 -20.93 -23.62 -3.08
CA VAL A 225 -19.50 -23.80 -2.87
C VAL A 225 -18.70 -22.55 -3.24
N PRO A 226 -18.85 -21.98 -4.45
CA PRO A 226 -17.93 -20.90 -4.85
C PRO A 226 -18.16 -19.61 -4.08
N GLY A 227 -17.06 -19.03 -3.59
CA GLY A 227 -17.12 -17.73 -2.94
C GLY A 227 -17.00 -16.55 -3.89
N LEU A 228 -16.62 -16.78 -5.14
CA LEU A 228 -16.57 -15.74 -6.15
C LEU A 228 -16.89 -16.36 -7.50
N VAL A 229 -17.64 -15.63 -8.31
CA VAL A 229 -17.91 -16.02 -9.70
C VAL A 229 -17.51 -14.86 -10.59
N THR A 230 -16.55 -15.09 -11.47
CA THR A 230 -16.15 -14.08 -12.44
C THR A 230 -16.73 -14.41 -13.81
N PHE A 231 -17.06 -13.37 -14.56
CA PHE A 231 -17.75 -13.53 -15.83
C PHE A 231 -17.29 -12.46 -16.80
N THR A 232 -17.23 -12.84 -18.07
CA THR A 232 -16.99 -11.90 -19.16
C THR A 232 -17.86 -12.34 -20.33
N GLY A 233 -18.70 -11.44 -20.81
CA GLY A 233 -19.61 -11.77 -21.89
C GLY A 233 -20.69 -10.71 -22.11
N SER A 234 -21.89 -11.15 -22.46
CA SER A 234 -22.97 -10.23 -22.79
C SER A 234 -23.54 -9.59 -21.53
N THR A 235 -24.14 -8.42 -21.73
CA THR A 235 -24.88 -7.72 -20.68
C THR A 235 -26.18 -8.43 -20.33
N PRO A 236 -26.92 -9.01 -21.29
CA PRO A 236 -28.11 -9.79 -20.89
C PRO A 236 -27.81 -11.01 -20.04
N VAL A 237 -26.69 -11.70 -20.30
CA VAL A 237 -26.33 -12.84 -19.47
C VAL A 237 -25.66 -12.37 -18.17
N GLY A 238 -24.79 -11.36 -18.26
CA GLY A 238 -24.19 -10.82 -17.06
C GLY A 238 -25.23 -10.33 -16.06
N ARG A 239 -26.34 -9.79 -16.57
CA ARG A 239 -27.44 -9.39 -15.69
C ARG A 239 -28.05 -10.58 -14.99
N ASN A 240 -28.29 -11.67 -15.72
CA ASN A 240 -28.85 -12.87 -15.10
C ASN A 240 -27.87 -13.46 -14.10
N ILE A 241 -26.58 -13.40 -14.40
CA ILE A 241 -25.58 -13.94 -13.49
C ILE A 241 -25.51 -13.10 -12.21
N GLY A 242 -25.55 -11.77 -12.34
CA GLY A 242 -25.55 -10.92 -11.16
C GLY A 242 -26.80 -11.09 -10.31
N ARG A 243 -27.95 -11.19 -10.97
CA ARG A 243 -29.21 -11.35 -10.25
C ARG A 243 -29.25 -12.65 -9.47
N ILE A 244 -28.62 -13.70 -9.99
CA ILE A 244 -28.51 -14.96 -9.24
C ILE A 244 -27.55 -14.81 -8.08
N ALA A 245 -26.34 -14.31 -8.34
CA ALA A 245 -25.30 -14.34 -7.33
C ALA A 245 -25.54 -13.34 -6.21
N SER A 246 -26.14 -12.18 -6.53
CA SER A 246 -26.44 -11.18 -5.52
C SER A 246 -27.87 -11.25 -5.02
N GLY A 247 -28.71 -12.10 -5.60
CA GLY A 247 -30.09 -12.20 -5.16
C GLY A 247 -30.60 -13.61 -4.97
N GLY A 248 -29.75 -14.61 -5.17
CA GLY A 248 -30.15 -16.00 -5.11
C GLY A 248 -30.05 -16.60 -3.72
N ALA A 249 -30.11 -17.93 -3.68
CA ALA A 249 -30.15 -18.65 -2.41
C ALA A 249 -28.84 -18.54 -1.65
N HIS A 250 -27.71 -18.68 -2.34
CA HIS A 250 -26.39 -18.64 -1.73
C HIS A 250 -25.62 -17.47 -2.31
N LEU A 251 -25.31 -16.50 -1.46
CA LEU A 251 -24.73 -15.24 -1.93
C LEU A 251 -23.22 -15.32 -2.06
N LYS A 252 -22.68 -14.60 -3.03
CA LYS A 252 -21.26 -14.61 -3.33
C LYS A 252 -20.92 -13.37 -4.12
N HIS A 253 -19.65 -12.99 -4.09
CA HIS A 253 -19.17 -11.88 -4.89
C HIS A 253 -19.19 -12.23 -6.37
N VAL A 254 -19.27 -11.19 -7.21
CA VAL A 254 -19.16 -11.34 -8.65
C VAL A 254 -18.27 -10.26 -9.22
N ALA A 255 -17.40 -10.66 -10.15
CA ALA A 255 -16.67 -9.75 -11.02
C ALA A 255 -17.29 -9.87 -12.40
N LEU A 256 -17.88 -8.79 -12.89
CA LEU A 256 -18.61 -8.78 -14.17
C LEU A 256 -17.95 -7.79 -15.12
N GLU A 257 -17.46 -8.32 -16.25
CA GLU A 257 -16.92 -7.45 -17.32
C GLU A 257 -17.91 -7.54 -18.49
N LEU A 258 -18.95 -6.70 -18.47
CA LEU A 258 -19.99 -6.69 -19.55
C LEU A 258 -19.38 -6.04 -20.80
N GLY A 259 -19.99 -6.22 -21.98
CA GLY A 259 -19.32 -5.83 -23.24
C GLY A 259 -18.94 -4.38 -23.47
N GLY A 260 -19.78 -3.40 -23.13
CA GLY A 260 -19.31 -2.02 -23.33
C GLY A 260 -19.56 -1.49 -24.74
N ASN A 261 -19.29 -0.21 -24.98
CA ASN A 261 -19.56 0.44 -26.28
C ASN A 261 -18.45 1.47 -26.47
N SER A 262 -17.24 1.00 -26.77
CA SER A 262 -16.07 1.86 -26.80
C SER A 262 -16.24 2.96 -27.86
N PRO A 263 -16.29 4.23 -27.44
CA PRO A 263 -16.26 5.33 -28.41
C PRO A 263 -14.83 5.69 -28.78
N PHE A 264 -14.67 6.10 -30.04
CA PHE A 264 -13.38 6.55 -30.58
C PHE A 264 -13.54 8.00 -31.00
N VAL A 265 -12.95 8.90 -30.22
CA VAL A 265 -13.15 10.34 -30.37
C VAL A 265 -11.92 10.92 -31.06
N VAL A 266 -12.13 11.55 -32.22
CA VAL A 266 -11.09 12.22 -32.97
C VAL A 266 -11.43 13.70 -32.98
N LEU A 267 -10.73 14.48 -32.17
CA LEU A 267 -10.98 15.91 -32.12
C LEU A 267 -10.28 16.62 -33.28
N GLY A 268 -10.64 17.89 -33.48
CA GLY A 268 -10.23 18.58 -34.70
C GLY A 268 -8.73 18.65 -34.88
N ASP A 269 -7.99 18.84 -33.79
CA ASP A 269 -6.54 18.99 -33.86
C ASP A 269 -5.81 17.66 -33.80
N ALA A 270 -6.46 16.56 -34.16
CA ALA A 270 -5.80 15.26 -34.09
C ALA A 270 -4.89 15.05 -35.31
N ASP A 271 -3.85 14.24 -35.12
CA ASP A 271 -3.04 13.76 -36.23
C ASP A 271 -3.88 12.74 -36.99
N LEU A 272 -4.44 13.16 -38.13
CA LEU A 272 -5.48 12.38 -38.79
C LEU A 272 -4.95 11.05 -39.31
N GLU A 273 -3.68 10.96 -39.67
CA GLU A 273 -3.12 9.66 -40.04
C GLU A 273 -3.16 8.71 -38.85
N GLN A 274 -2.52 9.09 -37.74
CA GLN A 274 -2.52 8.26 -36.53
C GLN A 274 -3.93 7.81 -36.15
N ALA A 275 -4.87 8.75 -36.18
CA ALA A 275 -6.26 8.42 -35.82
C ALA A 275 -6.77 7.30 -36.73
N VAL A 276 -6.63 7.47 -38.05
CA VAL A 276 -7.20 6.46 -38.99
C VAL A 276 -6.51 5.10 -38.75
N SER A 277 -5.19 5.11 -38.59
CA SER A 277 -4.47 3.82 -38.43
C SER A 277 -4.94 3.15 -37.14
N ALA A 278 -5.08 3.92 -36.06
CA ALA A 278 -5.58 3.36 -34.78
C ALA A 278 -7.01 2.87 -34.96
N ALA A 279 -7.82 3.65 -35.68
CA ALA A 279 -9.24 3.28 -35.85
C ALA A 279 -9.33 1.96 -36.61
N VAL A 280 -8.50 1.80 -37.63
CA VAL A 280 -8.55 0.56 -38.47
C VAL A 280 -8.10 -0.61 -37.60
N PHE A 281 -6.94 -0.49 -36.93
CA PHE A 281 -6.47 -1.63 -36.15
C PHE A 281 -7.37 -1.85 -34.93
N GLY A 282 -7.79 -0.78 -34.28
CA GLY A 282 -8.64 -0.89 -33.10
C GLY A 282 -10.07 -1.31 -33.37
N LYS A 283 -10.48 -1.36 -34.64
CA LYS A 283 -11.77 -1.92 -35.02
C LYS A 283 -11.67 -3.35 -35.53
N PHE A 284 -10.66 -3.63 -36.35
CA PHE A 284 -10.64 -4.84 -37.16
C PHE A 284 -9.59 -5.84 -36.69
N LEU A 285 -9.00 -5.61 -35.51
CA LEU A 285 -8.36 -6.69 -34.78
C LEU A 285 -9.44 -7.66 -34.31
N HIS A 286 -9.31 -8.92 -34.72
CA HIS A 286 -10.30 -9.97 -34.43
C HIS A 286 -11.66 -9.66 -35.03
N GLN A 287 -11.69 -8.99 -36.19
CA GLN A 287 -12.93 -8.71 -36.92
C GLN A 287 -13.97 -8.02 -36.04
N GLY A 288 -13.50 -7.14 -35.16
CA GLY A 288 -14.38 -6.39 -34.28
C GLY A 288 -14.93 -7.15 -33.10
N GLN A 289 -14.56 -8.41 -32.92
CA GLN A 289 -15.12 -9.24 -31.86
C GLN A 289 -14.31 -9.10 -30.57
N ILE A 290 -14.18 -7.84 -30.13
CA ILE A 290 -13.52 -7.51 -28.88
C ILE A 290 -14.45 -6.61 -28.06
N CYS A 291 -14.48 -6.83 -26.75
CA CYS A 291 -15.21 -5.93 -25.87
C CYS A 291 -14.62 -4.53 -25.87
N MET A 292 -13.33 -4.38 -26.20
CA MET A 292 -12.66 -3.10 -26.26
C MET A 292 -12.55 -2.55 -27.68
N ALA A 293 -13.00 -3.30 -28.68
CA ALA A 293 -13.05 -2.78 -30.04
C ALA A 293 -13.91 -1.52 -30.07
N ILE A 294 -13.52 -0.56 -30.92
CA ILE A 294 -14.30 0.67 -30.96
C ILE A 294 -15.63 0.37 -31.64
N ASN A 295 -16.70 0.88 -31.05
CA ASN A 295 -18.04 0.64 -31.55
C ASN A 295 -18.47 1.72 -32.53
N ARG A 296 -18.07 2.95 -32.25
CA ARG A 296 -18.48 4.12 -33.00
C ARG A 296 -17.31 5.08 -33.01
N ILE A 297 -17.08 5.72 -34.15
CA ILE A 297 -16.01 6.70 -34.29
C ILE A 297 -16.63 8.08 -34.38
N ILE A 298 -16.23 8.97 -33.48
CA ILE A 298 -16.79 10.31 -33.36
C ILE A 298 -15.70 11.31 -33.69
N VAL A 299 -15.85 12.02 -34.81
CA VAL A 299 -14.87 12.98 -35.28
C VAL A 299 -15.50 14.36 -35.28
N GLU A 300 -14.78 15.35 -34.73
CA GLU A 300 -15.20 16.73 -34.84
C GLU A 300 -15.42 17.10 -36.30
N ASP A 301 -16.43 17.96 -36.54
CA ASP A 301 -16.89 18.19 -37.90
C ASP A 301 -15.80 18.77 -38.80
N SER A 302 -14.93 19.60 -38.25
CA SER A 302 -13.85 20.19 -39.06
C SER A 302 -12.81 19.15 -39.53
N LEU A 303 -13.12 17.87 -39.37
CA LEU A 303 -12.19 16.81 -39.73
C LEU A 303 -12.91 15.52 -40.12
N TYR A 304 -14.24 15.48 -40.04
CA TYR A 304 -14.99 14.26 -40.31
C TYR A 304 -14.72 13.73 -41.71
N ASP A 305 -14.87 14.59 -42.72
CA ASP A 305 -14.77 14.14 -44.10
C ASP A 305 -13.37 13.61 -44.42
N ALA A 306 -12.34 14.29 -43.92
CA ALA A 306 -10.98 13.77 -44.08
C ALA A 306 -10.88 12.38 -43.47
N PHE A 307 -11.29 12.22 -42.21
CA PHE A 307 -11.22 10.92 -41.55
C PHE A 307 -12.06 9.89 -42.30
N ALA A 308 -13.36 10.17 -42.47
CA ALA A 308 -14.27 9.22 -43.11
C ALA A 308 -13.84 8.85 -44.52
N ALA A 309 -12.88 9.57 -45.11
CA ALA A 309 -12.35 9.24 -46.42
C ALA A 309 -11.09 8.38 -46.32
N ARG A 310 -10.10 8.80 -45.53
CA ARG A 310 -8.93 7.94 -45.35
C ARG A 310 -9.30 6.65 -44.63
N PHE A 311 -10.34 6.69 -43.79
CA PHE A 311 -10.77 5.48 -43.09
C PHE A 311 -11.26 4.42 -44.08
N VAL A 312 -12.13 4.81 -45.00
CA VAL A 312 -12.68 3.85 -45.96
C VAL A 312 -11.60 3.37 -46.92
N GLU A 313 -10.66 4.26 -47.28
CA GLU A 313 -9.54 3.86 -48.12
C GLU A 313 -8.83 2.65 -47.56
N ARG A 314 -8.45 2.70 -46.29
CA ARG A 314 -7.69 1.64 -45.67
C ARG A 314 -8.53 0.42 -45.35
N VAL A 315 -9.80 0.62 -45.00
CA VAL A 315 -10.71 -0.50 -44.75
C VAL A 315 -10.83 -1.37 -46.00
N LYS A 316 -10.85 -0.72 -47.17
CA LYS A 316 -10.91 -1.45 -48.44
C LYS A 316 -9.70 -2.37 -48.62
N GLY A 317 -8.57 -2.03 -48.01
CA GLY A 317 -7.35 -2.80 -48.16
C GLY A 317 -7.11 -3.88 -47.13
N LEU A 318 -8.12 -4.23 -46.32
CA LEU A 318 -7.97 -5.30 -45.35
C LEU A 318 -8.29 -6.63 -46.01
N ARG A 319 -7.39 -7.60 -45.83
CA ARG A 319 -7.54 -8.91 -46.47
C ARG A 319 -8.51 -9.75 -45.66
N VAL A 320 -9.67 -10.05 -46.26
CA VAL A 320 -10.61 -11.01 -45.71
C VAL A 320 -10.27 -12.39 -46.28
N GLY A 321 -10.21 -13.39 -45.42
CA GLY A 321 -9.89 -14.72 -45.89
C GLY A 321 -9.57 -15.76 -44.83
N ASP A 322 -8.61 -16.62 -45.12
CA ASP A 322 -8.34 -17.79 -44.29
C ASP A 322 -7.50 -17.39 -43.08
N PRO A 323 -7.96 -17.67 -41.86
CA PRO A 323 -7.26 -17.16 -40.66
C PRO A 323 -5.89 -17.78 -40.43
N GLN A 324 -5.59 -18.93 -41.03
CA GLN A 324 -4.28 -19.53 -40.83
C GLN A 324 -3.16 -18.66 -41.39
N ARG A 325 -3.48 -17.73 -42.29
CA ARG A 325 -2.47 -16.91 -42.93
C ARG A 325 -2.13 -15.72 -42.06
N ALA A 326 -0.82 -15.45 -41.93
CA ALA A 326 -0.36 -14.35 -41.10
C ALA A 326 -0.76 -12.99 -41.64
N ASP A 327 -1.09 -12.90 -42.94
CA ASP A 327 -1.46 -11.65 -43.56
C ASP A 327 -2.97 -11.41 -43.57
N THR A 328 -3.74 -12.28 -42.92
CA THR A 328 -5.19 -12.10 -42.86
C THR A 328 -5.52 -11.08 -41.77
N ALA A 329 -6.28 -10.05 -42.15
CA ALA A 329 -6.78 -9.08 -41.18
C ALA A 329 -8.14 -9.51 -40.62
N VAL A 330 -9.08 -9.83 -41.49
CA VAL A 330 -10.44 -10.20 -41.11
C VAL A 330 -10.64 -11.68 -41.39
N GLY A 331 -11.01 -12.43 -40.35
CA GLY A 331 -11.36 -13.82 -40.49
C GLY A 331 -12.86 -14.02 -40.37
N PRO A 332 -13.27 -15.26 -40.13
CA PRO A 332 -14.69 -15.59 -40.12
C PRO A 332 -15.35 -15.19 -38.81
N ILE A 333 -16.67 -15.13 -38.85
CA ILE A 333 -17.47 -14.85 -37.67
C ILE A 333 -17.74 -16.16 -36.96
N VAL A 334 -17.83 -16.10 -35.63
CA VAL A 334 -17.61 -17.28 -34.79
C VAL A 334 -18.65 -18.37 -35.05
N ASN A 335 -19.91 -18.00 -35.32
CA ASN A 335 -20.94 -18.99 -35.57
C ASN A 335 -22.07 -18.36 -36.37
N ALA A 336 -23.08 -19.17 -36.67
CA ALA A 336 -24.14 -18.75 -37.59
C ALA A 336 -24.99 -17.63 -37.02
N ARG A 337 -25.48 -17.81 -35.79
CA ARG A 337 -26.38 -16.81 -35.21
C ARG A 337 -25.70 -15.46 -35.05
N GLN A 338 -24.39 -15.46 -34.73
CA GLN A 338 -23.67 -14.20 -34.63
C GLN A 338 -23.55 -13.54 -36.00
N LEU A 339 -23.37 -14.35 -37.05
CA LEU A 339 -23.33 -13.79 -38.40
C LEU A 339 -24.70 -13.25 -38.82
N GLU A 340 -25.77 -13.92 -38.39
CA GLU A 340 -27.12 -13.41 -38.67
C GLU A 340 -27.36 -12.09 -37.96
N GLY A 341 -26.93 -11.99 -36.69
CA GLY A 341 -27.15 -10.77 -35.93
C GLY A 341 -26.45 -9.56 -36.52
N LEU A 342 -25.27 -9.75 -37.11
CA LEU A 342 -24.57 -8.64 -37.75
C LEU A 342 -25.18 -8.26 -39.08
N LEU A 343 -25.70 -9.24 -39.83
CA LEU A 343 -26.42 -8.92 -41.06
C LEU A 343 -27.74 -8.22 -40.75
N GLU A 344 -28.35 -8.52 -39.61
CA GLU A 344 -29.53 -7.76 -39.18
C GLU A 344 -29.15 -6.34 -38.81
N LYS A 345 -27.98 -6.15 -38.21
CA LYS A 345 -27.54 -4.81 -37.84
C LYS A 345 -27.24 -3.97 -39.08
N ILE A 346 -26.64 -4.58 -40.11
CA ILE A 346 -26.39 -3.85 -41.35
C ILE A 346 -27.70 -3.41 -41.98
N ARG A 347 -28.70 -4.30 -41.97
CA ARG A 347 -29.99 -3.96 -42.56
C ARG A 347 -30.69 -2.87 -41.74
N LEU A 348 -30.54 -2.89 -40.43
CA LEU A 348 -31.16 -1.84 -39.62
C LEU A 348 -30.46 -0.50 -39.81
N ALA A 349 -29.16 -0.51 -40.12
CA ALA A 349 -28.45 0.74 -40.32
C ALA A 349 -28.93 1.44 -41.59
N ARG A 350 -29.27 0.68 -42.62
CA ARG A 350 -29.92 1.26 -43.79
C ARG A 350 -31.31 1.76 -43.44
N GLN A 351 -32.11 0.91 -42.80
CA GLN A 351 -33.46 1.26 -42.40
C GLN A 351 -33.51 2.54 -41.58
N GLU A 352 -32.40 2.89 -40.92
CA GLU A 352 -32.38 4.06 -40.04
C GLU A 352 -31.68 5.26 -40.67
N GLY A 353 -31.22 5.16 -41.92
CA GLY A 353 -30.76 6.31 -42.66
C GLY A 353 -29.28 6.58 -42.62
N ALA A 354 -28.49 5.72 -41.98
CA ALA A 354 -27.04 5.92 -41.96
C ALA A 354 -26.48 5.76 -43.36
N LYS A 355 -25.72 6.75 -43.80
CA LYS A 355 -25.12 6.72 -45.13
C LYS A 355 -24.06 5.63 -45.20
N PRO A 356 -24.23 4.62 -46.05
CA PRO A 356 -23.16 3.61 -46.20
C PRO A 356 -21.98 4.19 -46.97
N LEU A 357 -20.78 3.97 -46.44
CA LEU A 357 -19.55 4.34 -47.14
C LEU A 357 -18.83 3.16 -47.75
N TYR A 358 -19.06 1.95 -47.26
CA TYR A 358 -18.41 0.77 -47.81
C TYR A 358 -19.18 -0.47 -47.40
N GLU A 359 -19.63 -1.23 -48.38
CA GLU A 359 -20.21 -2.55 -48.16
C GLU A 359 -19.28 -3.59 -48.76
N GLY A 360 -18.46 -4.20 -47.92
CA GLY A 360 -17.87 -5.47 -48.27
C GLY A 360 -18.95 -6.53 -48.40
N GLY A 361 -18.56 -7.66 -48.95
CA GLY A 361 -19.51 -8.75 -49.12
C GLY A 361 -19.75 -9.49 -47.82
N VAL A 362 -20.43 -10.63 -47.96
CA VAL A 362 -20.41 -11.68 -46.95
C VAL A 362 -20.26 -13.00 -47.70
N ASP A 363 -19.15 -13.68 -47.48
CA ASP A 363 -18.84 -14.93 -48.18
C ASP A 363 -18.81 -16.05 -47.13
N GLY A 364 -19.91 -16.77 -47.01
CA GLY A 364 -19.97 -17.84 -46.02
C GLY A 364 -19.93 -17.27 -44.62
N GLN A 365 -19.02 -17.79 -43.80
CA GLN A 365 -18.78 -17.25 -42.47
C GLN A 365 -17.87 -16.03 -42.49
N LEU A 366 -17.41 -15.61 -43.67
CA LEU A 366 -16.56 -14.42 -43.80
C LEU A 366 -17.44 -13.22 -44.09
N LEU A 367 -17.48 -12.28 -43.15
CA LEU A 367 -18.20 -11.02 -43.31
C LEU A 367 -17.18 -9.89 -43.41
N ALA A 368 -17.17 -9.21 -44.56
CA ALA A 368 -16.22 -8.14 -44.81
C ALA A 368 -16.62 -6.90 -44.02
N PRO A 369 -15.73 -5.91 -43.92
CA PRO A 369 -16.07 -4.68 -43.20
C PRO A 369 -17.27 -3.97 -43.82
N HIS A 370 -18.05 -3.32 -42.96
CA HIS A 370 -19.21 -2.54 -43.37
C HIS A 370 -19.17 -1.21 -42.62
N VAL A 371 -18.68 -0.17 -43.28
CA VAL A 371 -18.54 1.15 -42.66
C VAL A 371 -19.79 1.97 -42.92
N PHE A 372 -20.18 2.77 -41.93
CA PHE A 372 -21.34 3.65 -42.03
C PHE A 372 -21.00 5.03 -41.50
N GLY A 373 -21.56 6.05 -42.14
CA GLY A 373 -21.35 7.43 -41.74
C GLY A 373 -22.67 8.15 -41.55
N GLU A 374 -22.56 9.42 -41.19
CA GLU A 374 -23.70 10.25 -40.83
C GLU A 374 -24.62 9.50 -39.88
N VAL A 375 -24.03 9.07 -38.78
CA VAL A 375 -24.70 8.25 -37.77
C VAL A 375 -25.07 9.14 -36.60
N THR A 376 -26.24 8.89 -36.01
CA THR A 376 -26.71 9.63 -34.85
C THR A 376 -26.68 8.74 -33.61
N ALA A 377 -26.71 9.40 -32.45
CA ALA A 377 -26.60 8.67 -31.18
C ALA A 377 -27.76 7.71 -30.97
N THR A 378 -28.91 7.97 -31.59
CA THR A 378 -30.09 7.13 -31.41
C THR A 378 -30.12 5.95 -32.37
N MET A 379 -29.28 5.93 -33.40
CA MET A 379 -29.21 4.79 -34.29
C MET A 379 -28.71 3.56 -33.54
N GLU A 380 -29.20 2.38 -33.95
CA GLU A 380 -28.85 1.15 -33.26
C GLU A 380 -27.37 0.81 -33.41
N ILE A 381 -26.79 1.09 -34.59
CA ILE A 381 -25.38 0.81 -34.83
C ILE A 381 -24.47 1.62 -33.91
N ALA A 382 -25.00 2.66 -33.27
CA ALA A 382 -24.23 3.46 -32.33
C ALA A 382 -24.49 3.11 -30.88
N ARG A 383 -25.67 2.60 -30.56
CA ARG A 383 -26.10 2.40 -29.19
C ARG A 383 -25.75 1.02 -28.65
N ASP A 384 -25.77 0.00 -29.49
CA ASP A 384 -25.62 -1.37 -29.06
C ASP A 384 -24.23 -1.90 -29.43
N GLU A 385 -23.82 -2.95 -28.73
CA GLU A 385 -22.47 -3.49 -28.91
C GLU A 385 -22.42 -4.40 -30.13
N ILE A 386 -21.49 -4.11 -31.03
CA ILE A 386 -21.30 -4.88 -32.24
C ILE A 386 -20.03 -5.72 -32.07
N PHE A 387 -20.21 -7.03 -31.94
CA PHE A 387 -19.07 -7.95 -31.99
C PHE A 387 -18.84 -8.44 -33.42
N GLY A 388 -18.52 -7.47 -34.28
CA GLY A 388 -18.29 -7.75 -35.68
C GLY A 388 -17.67 -6.58 -36.42
N PRO A 389 -17.31 -6.80 -37.69
CA PRO A 389 -16.66 -5.74 -38.47
C PRO A 389 -17.64 -4.66 -38.93
N LEU A 390 -18.53 -4.24 -38.03
CA LEU A 390 -19.39 -3.10 -38.26
C LEU A 390 -18.85 -1.91 -37.50
N VAL A 391 -18.85 -0.74 -38.14
CA VAL A 391 -18.49 0.49 -37.48
C VAL A 391 -19.37 1.61 -38.02
N GLY A 392 -19.71 2.55 -37.15
CA GLY A 392 -20.45 3.74 -37.53
C GLY A 392 -19.62 4.97 -37.21
N LEU A 393 -19.72 5.97 -38.08
CA LEU A 393 -18.98 7.22 -37.93
C LEU A 393 -19.95 8.33 -37.59
N LEU A 394 -19.67 9.05 -36.51
CA LEU A 394 -20.57 10.06 -35.97
C LEU A 394 -19.93 11.44 -36.07
N ARG A 395 -20.66 12.38 -36.65
CA ARG A 395 -20.20 13.74 -36.84
C ARG A 395 -20.52 14.57 -35.60
N ALA A 396 -19.52 15.33 -35.13
CA ALA A 396 -19.67 16.14 -33.92
C ALA A 396 -19.31 17.59 -34.23
N ARG A 397 -20.05 18.52 -33.65
CA ARG A 397 -19.74 19.96 -33.86
C ARG A 397 -18.68 20.39 -32.84
N ASP A 398 -19.11 20.87 -31.68
CA ASP A 398 -18.18 21.29 -30.60
C ASP A 398 -17.54 20.07 -29.94
N GLU A 399 -16.41 20.25 -29.27
CA GLU A 399 -15.80 19.13 -28.52
C GLU A 399 -16.83 18.75 -27.46
N ALA A 400 -17.50 19.74 -26.86
CA ALA A 400 -18.59 19.42 -25.93
C ALA A 400 -19.51 18.37 -26.56
N HIS A 401 -19.81 18.52 -27.85
CA HIS A 401 -20.68 17.53 -28.48
C HIS A 401 -19.99 16.19 -28.64
N ALA A 402 -18.67 16.18 -28.87
CA ALA A 402 -17.93 14.94 -28.87
C ALA A 402 -18.03 14.23 -27.53
N LEU A 403 -18.02 15.00 -26.44
CA LEU A 403 -18.05 14.40 -25.11
C LEU A 403 -19.44 13.89 -24.75
N GLU A 404 -20.48 14.64 -25.13
CA GLU A 404 -21.84 14.16 -24.87
C GLU A 404 -22.17 12.95 -25.72
N LEU A 405 -21.68 12.92 -26.96
CA LEU A 405 -21.87 11.75 -27.82
C LEU A 405 -21.14 10.54 -27.25
N ALA A 406 -19.92 10.75 -26.75
CA ALA A 406 -19.12 9.64 -26.24
C ALA A 406 -19.72 9.02 -24.99
N ASN A 407 -20.34 9.83 -24.13
CA ASN A 407 -20.96 9.36 -22.90
C ASN A 407 -22.39 8.90 -23.10
N ALA A 408 -22.92 8.96 -24.32
CA ALA A 408 -24.29 8.60 -24.61
C ALA A 408 -24.53 7.09 -24.66
N SER A 409 -23.56 6.29 -24.27
CA SER A 409 -23.72 4.85 -24.16
C SER A 409 -23.96 4.44 -22.72
N GLU A 410 -24.70 3.36 -22.53
CA GLU A 410 -25.04 2.92 -21.19
C GLU A 410 -23.94 2.11 -20.53
N TYR A 411 -22.97 1.61 -21.28
CA TYR A 411 -21.87 0.84 -20.70
C TYR A 411 -20.53 1.39 -21.18
N GLY A 412 -19.82 2.08 -20.30
CA GLY A 412 -18.47 2.53 -20.59
C GLY A 412 -17.42 1.60 -20.03
N LEU A 413 -16.84 0.76 -20.91
CA LEU A 413 -15.73 -0.12 -20.51
C LEU A 413 -14.40 0.55 -20.85
N SER A 414 -14.10 0.67 -22.14
CA SER A 414 -12.90 1.32 -22.63
C SER A 414 -13.29 2.46 -23.57
N SER A 415 -12.31 3.27 -23.93
CA SER A 415 -12.54 4.42 -24.80
C SER A 415 -11.19 4.93 -25.30
N ALA A 416 -11.26 5.84 -26.28
CA ALA A 416 -10.07 6.48 -26.82
C ALA A 416 -10.43 7.88 -27.31
N VAL A 417 -9.50 8.81 -27.14
CA VAL A 417 -9.66 10.18 -27.59
C VAL A 417 -8.34 10.65 -28.20
N PHE A 418 -8.40 11.24 -29.39
CA PHE A 418 -7.22 11.63 -30.15
C PHE A 418 -7.15 13.15 -30.26
N SER A 419 -6.01 13.72 -29.85
CA SER A 419 -5.73 15.13 -30.04
C SER A 419 -4.24 15.37 -29.87
N ARG A 420 -3.68 16.25 -30.70
CA ARG A 420 -2.26 16.59 -30.58
C ARG A 420 -1.94 17.29 -29.26
N ASP A 421 -2.92 17.97 -28.65
CA ASP A 421 -2.72 18.63 -27.36
C ASP A 421 -3.01 17.61 -26.27
N LEU A 422 -1.94 17.09 -25.64
CA LEU A 422 -2.10 16.01 -24.68
C LEU A 422 -2.91 16.42 -23.46
N GLU A 423 -2.75 17.67 -23.02
CA GLU A 423 -3.53 18.14 -21.87
C GLU A 423 -5.01 18.24 -22.23
N ARG A 424 -5.33 18.69 -23.44
CA ARG A 424 -6.72 18.70 -23.89
C ARG A 424 -7.29 17.29 -23.91
N ALA A 425 -6.47 16.31 -24.33
CA ALA A 425 -6.96 14.94 -24.46
C ALA A 425 -7.16 14.28 -23.09
N VAL A 426 -6.30 14.61 -22.12
CA VAL A 426 -6.44 14.00 -20.80
C VAL A 426 -7.65 14.57 -20.07
N ARG A 427 -7.87 15.89 -20.17
CA ARG A 427 -9.05 16.48 -19.56
C ARG A 427 -10.33 15.90 -20.15
N PHE A 428 -10.35 15.70 -21.47
CA PHE A 428 -11.46 15.00 -22.09
C PHE A 428 -11.61 13.59 -21.54
N ALA A 429 -10.49 12.88 -21.39
CA ALA A 429 -10.53 11.50 -20.91
C ALA A 429 -11.02 11.42 -19.47
N ARG A 430 -10.62 12.38 -18.63
CA ARG A 430 -11.14 12.42 -17.26
C ARG A 430 -12.65 12.63 -17.23
N GLN A 431 -13.22 13.21 -18.29
CA GLN A 431 -14.65 13.44 -18.38
C GLN A 431 -15.43 12.24 -18.90
N LEU A 432 -14.75 11.22 -19.41
CA LEU A 432 -15.41 10.05 -19.97
C LEU A 432 -15.81 9.07 -18.89
N ARG A 433 -17.09 8.66 -18.91
CA ARG A 433 -17.62 7.72 -17.93
C ARG A 433 -17.31 6.28 -18.34
N ALA A 434 -16.01 5.97 -18.35
CA ALA A 434 -15.53 4.64 -18.68
C ALA A 434 -14.37 4.30 -17.76
N GLY A 435 -14.16 2.99 -17.56
CA GLY A 435 -13.08 2.57 -16.69
C GLY A 435 -11.71 2.79 -17.27
N MET A 436 -11.60 2.79 -18.60
CA MET A 436 -10.32 2.90 -19.27
C MET A 436 -10.42 3.85 -20.44
N THR A 437 -9.44 4.73 -20.58
CA THR A 437 -9.32 5.59 -21.75
C THR A 437 -7.87 5.62 -22.19
N HIS A 438 -7.64 5.58 -23.50
CA HIS A 438 -6.31 5.60 -24.07
C HIS A 438 -6.18 6.80 -24.99
N VAL A 439 -5.20 7.65 -24.71
CA VAL A 439 -5.01 8.90 -25.44
C VAL A 439 -3.99 8.67 -26.53
N ASN A 440 -4.36 9.03 -27.77
CA ASN A 440 -3.48 8.86 -28.93
C ASN A 440 -3.09 7.41 -29.12
N ASP A 441 -4.05 6.50 -28.95
CA ASP A 441 -3.83 5.07 -29.06
C ASP A 441 -5.19 4.38 -29.18
N ILE A 442 -5.15 3.09 -29.49
CA ILE A 442 -6.35 2.27 -29.62
C ILE A 442 -6.93 2.03 -28.22
N PRO A 443 -8.21 1.68 -28.11
CA PRO A 443 -8.78 1.31 -26.81
C PRO A 443 -8.58 -0.16 -26.43
N VAL A 444 -8.01 -0.96 -27.32
CA VAL A 444 -7.80 -2.38 -27.06
C VAL A 444 -6.44 -2.50 -26.38
N ASN A 445 -6.46 -2.46 -25.05
CA ASN A 445 -5.23 -2.52 -24.26
C ASN A 445 -5.49 -3.32 -22.98
N ASP A 446 -4.47 -4.06 -22.55
CA ASP A 446 -4.60 -4.92 -21.36
C ASP A 446 -3.18 -5.24 -20.88
N GLU A 447 -2.62 -4.35 -20.07
CA GLU A 447 -1.33 -4.60 -19.45
C GLU A 447 -1.54 -5.27 -18.09
N ALA A 448 -0.57 -6.10 -17.70
CA ALA A 448 -0.75 -6.99 -16.56
C ALA A 448 -0.67 -6.28 -15.21
N ASN A 449 -0.02 -5.12 -15.14
CA ASN A 449 0.05 -4.33 -13.92
C ASN A 449 -0.99 -3.21 -13.91
N ALA A 450 -2.00 -3.30 -14.76
CA ALA A 450 -2.94 -2.21 -14.95
C ALA A 450 -4.37 -2.66 -14.63
N PRO A 451 -5.15 -1.82 -13.96
CA PRO A 451 -6.51 -2.22 -13.56
C PRO A 451 -7.43 -2.36 -14.77
N PHE A 452 -8.09 -3.52 -14.87
CA PHE A 452 -9.01 -3.81 -15.96
C PHE A 452 -10.41 -4.00 -15.40
N GLY A 453 -11.34 -3.14 -15.81
CA GLY A 453 -12.70 -3.23 -15.37
C GLY A 453 -13.52 -2.13 -15.99
N GLY A 454 -14.84 -2.24 -15.82
CA GLY A 454 -15.77 -1.32 -16.42
C GLY A 454 -16.53 -0.48 -15.40
N GLU A 455 -17.21 0.53 -15.92
CA GLU A 455 -18.15 1.35 -15.17
C GLU A 455 -19.49 1.35 -15.89
N LYS A 456 -20.52 1.76 -15.16
CA LYS A 456 -21.92 1.78 -15.64
C LYS A 456 -22.36 0.33 -15.87
N ASN A 457 -22.89 0.01 -17.05
CA ASN A 457 -23.52 -1.27 -17.37
C ASN A 457 -22.56 -2.24 -18.04
N SER A 458 -21.25 -2.13 -17.78
CA SER A 458 -20.28 -3.03 -18.36
C SER A 458 -19.27 -3.54 -17.35
N GLY A 459 -19.41 -3.18 -16.07
CA GLY A 459 -18.33 -3.50 -15.17
C GLY A 459 -18.63 -3.58 -13.68
N LEU A 460 -18.28 -4.70 -13.08
CA LEU A 460 -18.16 -4.87 -11.63
C LEU A 460 -16.77 -5.38 -11.34
N GLY A 461 -15.91 -4.51 -10.80
CA GLY A 461 -14.62 -4.94 -10.30
C GLY A 461 -13.46 -4.63 -11.23
N ARG A 462 -12.26 -4.97 -10.75
CA ARG A 462 -11.02 -4.76 -11.46
C ARG A 462 -10.17 -6.02 -11.40
N PHE A 463 -9.44 -6.28 -12.48
CA PHE A 463 -8.55 -7.43 -12.61
C PHE A 463 -7.09 -6.96 -12.66
N ASN A 464 -6.18 -7.93 -12.71
CA ASN A 464 -4.75 -7.73 -12.95
C ASN A 464 -4.00 -7.16 -11.75
N GLY A 465 -2.69 -7.44 -11.70
CA GLY A 465 -1.78 -6.83 -10.73
C GLY A 465 -2.28 -6.90 -9.30
N ASP A 466 -2.01 -5.83 -8.54
CA ASP A 466 -2.50 -5.74 -7.17
C ASP A 466 -4.01 -5.77 -7.11
N TRP A 467 -4.71 -5.40 -8.18
CA TRP A 467 -6.15 -5.53 -8.21
C TRP A 467 -6.58 -6.99 -8.27
N ALA A 468 -5.73 -7.87 -8.82
CA ALA A 468 -6.03 -9.29 -8.83
C ALA A 468 -5.78 -9.92 -7.47
N ILE A 469 -4.72 -9.49 -6.78
CA ILE A 469 -4.44 -10.00 -5.43
C ILE A 469 -5.60 -9.72 -4.49
N GLU A 470 -6.19 -8.52 -4.61
CA GLU A 470 -7.34 -8.17 -3.79
C GLU A 470 -8.60 -8.92 -4.23
N GLU A 471 -8.75 -9.16 -5.53
CA GLU A 471 -9.97 -9.75 -6.05
C GLU A 471 -10.10 -11.22 -5.65
N PHE A 472 -9.01 -11.95 -5.65
CA PHE A 472 -9.03 -13.40 -5.45
C PHE A 472 -8.58 -13.81 -4.06
N THR A 473 -8.56 -12.88 -3.10
CA THR A 473 -8.32 -13.20 -1.70
C THR A 473 -9.43 -12.58 -0.86
N THR A 474 -9.39 -12.88 0.43
CA THR A 474 -10.34 -12.34 1.39
C THR A 474 -9.61 -11.97 2.67
N ASP A 475 -10.19 -11.04 3.42
CA ASP A 475 -9.55 -10.47 4.60
C ASP A 475 -10.31 -10.90 5.83
N HIS A 476 -9.60 -11.53 6.78
CA HIS A 476 -10.20 -12.05 8.00
C HIS A 476 -9.63 -11.29 9.20
N TRP A 477 -10.44 -10.38 9.74
CA TRP A 477 -10.09 -9.63 10.94
C TRP A 477 -10.13 -10.55 12.16
N ILE A 478 -8.99 -10.74 12.81
CA ILE A 478 -8.88 -11.59 14.00
C ILE A 478 -8.29 -10.75 15.12
N SER A 479 -9.11 -10.39 16.09
CA SER A 479 -8.66 -9.66 17.27
C SER A 479 -8.40 -10.65 18.39
N VAL A 480 -7.26 -10.52 19.06
CA VAL A 480 -6.85 -11.42 20.13
C VAL A 480 -6.79 -10.64 21.43
N GLN A 481 -7.62 -11.04 22.40
CA GLN A 481 -7.69 -10.36 23.69
C GLN A 481 -6.72 -11.06 24.65
N HIS A 482 -5.68 -10.33 25.07
CA HIS A 482 -4.66 -10.86 25.95
C HIS A 482 -4.90 -10.54 27.42
N ALA A 483 -6.10 -10.07 27.78
CA ALA A 483 -6.39 -9.68 29.16
C ALA A 483 -7.89 -9.53 29.36
N PRO A 484 -8.41 -9.74 30.57
CA PRO A 484 -9.86 -9.72 30.78
C PRO A 484 -10.46 -8.34 30.50
N ARG A 485 -11.34 -8.27 29.52
CA ARG A 485 -12.02 -7.03 29.18
C ARG A 485 -13.19 -6.79 30.14
N GLN A 486 -13.31 -5.55 30.60
CA GLN A 486 -14.35 -5.17 31.55
C GLN A 486 -15.59 -4.70 30.79
N TYR A 487 -16.74 -5.33 31.08
CA TYR A 487 -17.99 -5.07 30.38
C TYR A 487 -18.96 -4.31 31.28
N PRO A 488 -19.74 -3.38 30.71
CA PRO A 488 -20.68 -2.60 31.55
C PRO A 488 -21.81 -3.41 32.16
N PHE A 489 -22.10 -4.61 31.65
CA PHE A 489 -23.00 -5.53 32.37
C PHE A 489 -22.77 -6.99 31.97
N PRO B 13 36.15 -7.18 -16.10
CA PRO B 13 35.02 -6.41 -16.62
C PRO B 13 35.06 -4.96 -16.15
N LEU B 14 35.63 -4.11 -17.00
CA LEU B 14 35.76 -2.69 -16.72
C LEU B 14 35.17 -1.91 -17.88
N ALA B 15 34.18 -1.05 -17.59
CA ALA B 15 33.63 -0.10 -18.57
C ALA B 15 33.13 -0.80 -19.84
N GLY B 16 32.45 -1.94 -19.64
CA GLY B 16 31.86 -2.70 -20.72
C GLY B 16 32.79 -3.65 -21.44
N GLU B 17 34.02 -3.75 -21.00
CA GLU B 17 35.08 -4.52 -21.65
C GLU B 17 35.88 -5.32 -20.65
N TRP B 18 36.21 -6.57 -21.01
CA TRP B 18 36.97 -7.47 -20.15
C TRP B 18 38.47 -7.31 -20.34
N ARG B 19 39.16 -6.89 -19.28
CA ARG B 19 40.54 -6.49 -19.41
C ARG B 19 41.32 -6.73 -18.13
N HIS B 20 42.64 -6.64 -18.26
CA HIS B 20 43.55 -6.66 -17.13
C HIS B 20 43.48 -5.32 -16.38
N GLY B 21 43.69 -5.39 -15.07
CA GLY B 21 43.79 -4.18 -14.29
C GLY B 21 45.05 -3.39 -14.60
N ARG B 22 44.95 -2.06 -14.53
CA ARG B 22 46.10 -1.22 -14.93
C ARG B 22 47.00 -0.91 -13.72
N ALA B 23 46.61 -1.35 -12.54
CA ALA B 23 47.48 -1.16 -11.36
C ALA B 23 48.77 -1.94 -11.59
N GLY B 24 48.65 -3.14 -12.15
CA GLY B 24 49.83 -4.00 -12.39
C GLY B 24 50.16 -4.75 -11.12
N ARG B 25 49.38 -4.51 -10.06
CA ARG B 25 49.56 -5.29 -8.83
C ARG B 25 49.03 -6.70 -9.15
N ARG B 26 49.63 -7.74 -8.59
CA ARG B 26 49.17 -9.09 -8.97
C ARG B 26 48.39 -9.67 -7.79
N LEU B 27 47.16 -10.11 -8.04
CA LEU B 27 46.36 -10.75 -6.96
C LEU B 27 46.21 -12.22 -7.35
N LYS B 28 46.56 -13.13 -6.45
CA LYS B 28 46.33 -14.55 -6.79
C LYS B 28 45.26 -15.09 -5.85
N VAL B 29 44.23 -15.70 -6.42
CA VAL B 29 43.13 -16.26 -5.59
C VAL B 29 43.34 -17.78 -5.50
N SER B 30 43.34 -18.32 -4.29
CA SER B 30 43.62 -19.73 -4.15
C SER B 30 42.71 -20.26 -3.05
N ASN B 31 42.38 -21.55 -3.12
CA ASN B 31 41.47 -22.20 -2.17
C ASN B 31 42.00 -22.19 -0.73
N PRO B 32 41.18 -21.79 0.25
CA PRO B 32 41.69 -21.74 1.64
C PRO B 32 42.12 -23.10 2.18
N PHE B 33 41.47 -24.19 1.74
CA PHE B 33 41.77 -25.48 2.36
C PHE B 33 43.19 -25.93 2.05
N ASP B 34 43.55 -25.99 0.77
CA ASP B 34 44.84 -26.57 0.40
C ASP B 34 45.89 -25.53 0.04
N GLY B 35 45.50 -24.29 -0.24
CA GLY B 35 46.43 -23.26 -0.65
C GLY B 35 46.81 -23.29 -2.11
N SER B 36 46.27 -24.22 -2.90
CA SER B 36 46.59 -24.33 -4.31
C SER B 36 45.96 -23.18 -5.10
N LEU B 37 46.66 -22.76 -6.15
CA LEU B 37 46.27 -21.57 -6.89
C LEU B 37 45.10 -21.88 -7.80
N LEU B 38 43.96 -21.25 -7.54
CA LEU B 38 42.80 -21.39 -8.41
C LEU B 38 42.98 -20.57 -9.67
N LEU B 39 43.38 -19.31 -9.51
CA LEU B 39 43.60 -18.43 -10.64
C LEU B 39 44.32 -17.20 -10.14
N GLU B 40 44.71 -16.37 -11.09
CA GLU B 40 45.44 -15.16 -10.76
C GLU B 40 44.78 -13.97 -11.43
N ILE B 41 44.73 -12.84 -10.71
CA ILE B 41 44.03 -11.65 -11.17
C ILE B 41 44.98 -10.47 -11.22
N GLU B 42 45.00 -9.75 -12.34
CA GLU B 42 45.57 -8.42 -12.39
C GLU B 42 44.67 -7.47 -11.63
N GLN B 43 45.21 -6.84 -10.58
CA GLN B 43 44.41 -5.99 -9.72
C GLN B 43 43.95 -4.74 -10.47
N ALA B 44 42.79 -4.22 -10.08
CA ALA B 44 42.23 -3.05 -10.72
C ALA B 44 42.88 -1.78 -10.22
N ASP B 45 43.02 -0.81 -11.12
CA ASP B 45 43.58 0.49 -10.80
C ASP B 45 42.52 1.49 -10.37
N ARG B 46 42.99 2.63 -9.86
CA ARG B 46 42.09 3.75 -9.61
C ARG B 46 41.62 4.35 -10.93
N ASP B 47 42.46 4.27 -11.96
CA ASP B 47 42.04 4.66 -13.30
C ASP B 47 40.97 3.72 -13.83
N ASP B 48 41.11 2.41 -13.56
CA ASP B 48 40.08 1.46 -13.95
C ASP B 48 38.77 1.72 -13.21
N LEU B 49 38.85 1.91 -11.88
CA LEU B 49 37.65 2.15 -11.10
C LEU B 49 36.96 3.43 -11.54
N ASP B 50 37.75 4.48 -11.79
CA ASP B 50 37.20 5.74 -12.29
C ASP B 50 36.55 5.51 -13.66
N ALA B 51 37.15 4.64 -14.49
CA ALA B 51 36.60 4.34 -15.80
C ALA B 51 35.30 3.54 -15.72
N ALA B 52 35.23 2.58 -14.79
CA ALA B 52 34.03 1.75 -14.68
C ALA B 52 32.82 2.59 -14.27
N TYR B 53 33.00 3.49 -13.30
CA TYR B 53 31.90 4.34 -12.87
C TYR B 53 31.41 5.23 -14.01
N ALA B 54 32.34 5.81 -14.77
CA ALA B 54 31.96 6.73 -15.84
C ALA B 54 31.15 6.02 -16.91
N LYS B 55 31.56 4.82 -17.32
CA LYS B 55 30.79 4.06 -18.29
C LYS B 55 29.44 3.64 -17.73
N ALA B 56 29.40 3.25 -16.44
CA ALA B 56 28.15 2.80 -15.85
C ALA B 56 27.10 3.91 -15.88
N ALA B 57 27.50 5.14 -15.58
CA ALA B 57 26.59 6.27 -15.72
C ALA B 57 26.15 6.46 -17.16
N GLU B 58 27.01 6.15 -18.12
CA GLU B 58 26.68 6.39 -19.52
C GLU B 58 25.60 5.43 -20.00
N VAL B 59 25.73 4.14 -19.69
CA VAL B 59 24.79 3.15 -20.21
C VAL B 59 23.51 3.05 -19.39
N GLN B 60 23.51 3.54 -18.14
CA GLN B 60 22.35 3.36 -17.28
C GLN B 60 21.05 3.93 -17.84
N PRO B 61 20.99 5.14 -18.41
CA PRO B 61 19.70 5.66 -18.87
C PRO B 61 19.05 4.81 -19.94
N ALA B 62 19.83 4.27 -20.88
CA ALA B 62 19.26 3.36 -21.88
C ALA B 62 18.70 2.11 -21.23
N TRP B 63 19.37 1.61 -20.19
CA TRP B 63 18.85 0.48 -19.43
C TRP B 63 17.53 0.83 -18.76
N ALA B 64 17.49 1.96 -18.06
CA ALA B 64 16.25 2.39 -17.42
C ALA B 64 15.18 2.73 -18.46
N ALA B 65 15.58 3.25 -19.62
CA ALA B 65 14.61 3.59 -20.65
C ALA B 65 13.84 2.37 -21.14
N LEU B 66 14.44 1.18 -21.05
CA LEU B 66 13.77 -0.03 -21.51
C LEU B 66 12.51 -0.30 -20.72
N GLY B 67 11.59 -1.04 -21.33
CA GLY B 67 10.36 -1.42 -20.70
C GLY B 67 10.60 -2.41 -19.56
N PRO B 68 9.61 -2.57 -18.68
CA PRO B 68 9.79 -3.49 -17.55
C PRO B 68 10.04 -4.93 -17.96
N SER B 69 9.37 -5.40 -19.01
CA SER B 69 9.52 -6.79 -19.42
C SER B 69 10.92 -7.07 -19.94
N ALA B 70 11.53 -6.11 -20.63
CA ALA B 70 12.89 -6.29 -21.12
C ALA B 70 13.87 -6.46 -19.96
N ARG B 71 13.78 -5.59 -18.96
CA ARG B 71 14.64 -5.71 -17.80
C ARG B 71 14.35 -6.99 -17.02
N ALA B 72 13.08 -7.35 -16.90
CA ALA B 72 12.74 -8.60 -16.23
C ALA B 72 13.26 -9.80 -17.00
N ALA B 73 13.30 -9.71 -18.33
CA ALA B 73 13.78 -10.82 -19.15
C ALA B 73 15.22 -11.18 -18.83
N VAL B 74 16.08 -10.18 -18.61
CA VAL B 74 17.47 -10.46 -18.29
C VAL B 74 17.58 -11.19 -16.95
N LEU B 75 16.79 -10.77 -15.96
CA LEU B 75 16.80 -11.45 -14.67
C LEU B 75 16.29 -12.88 -14.78
N TYR B 76 15.26 -13.09 -15.60
CA TYR B 76 14.73 -14.44 -15.79
C TYR B 76 15.76 -15.35 -16.46
N LYS B 77 16.45 -14.84 -17.49
CA LYS B 77 17.49 -15.61 -18.15
C LYS B 77 18.63 -15.94 -17.18
N ALA B 78 18.97 -14.98 -16.31
CA ALA B 78 20.03 -15.23 -15.33
C ALA B 78 19.67 -16.36 -14.38
N VAL B 79 18.38 -16.48 -14.03
CA VAL B 79 17.93 -17.59 -13.20
C VAL B 79 18.13 -18.91 -13.93
N GLU B 80 17.93 -18.89 -15.25
CA GLU B 80 18.12 -20.14 -16.04
C GLU B 80 19.61 -20.52 -16.00
N VAL B 81 20.50 -19.53 -16.06
CA VAL B 81 21.97 -19.81 -16.05
C VAL B 81 22.31 -20.47 -14.71
N PHE B 82 21.71 -19.98 -13.62
CA PHE B 82 22.03 -20.53 -12.28
C PHE B 82 21.64 -22.00 -12.25
N ASP B 83 20.49 -22.33 -12.83
CA ASP B 83 20.00 -23.73 -12.87
C ASP B 83 20.98 -24.59 -13.68
N ARG B 84 21.48 -24.06 -14.80
CA ARG B 84 22.37 -24.85 -15.69
C ARG B 84 23.76 -24.97 -15.07
N ARG B 85 24.31 -23.87 -14.58
CA ARG B 85 25.64 -23.86 -14.00
C ARG B 85 25.63 -24.13 -12.50
N HIS B 86 24.59 -24.82 -12.03
CA HIS B 86 24.37 -25.00 -10.59
C HIS B 86 25.60 -25.62 -9.93
N GLU B 87 26.06 -26.75 -10.46
CA GLU B 87 27.21 -27.43 -9.90
C GLU B 87 28.48 -26.58 -10.05
N GLU B 88 28.64 -25.89 -11.19
CA GLU B 88 29.83 -25.07 -11.37
C GLU B 88 29.86 -23.91 -10.39
N ILE B 89 28.71 -23.28 -10.15
CA ILE B 89 28.64 -22.18 -9.19
C ILE B 89 28.91 -22.70 -7.77
N VAL B 90 28.26 -23.81 -7.42
CA VAL B 90 28.43 -24.36 -6.07
C VAL B 90 29.87 -24.79 -5.86
N ASP B 91 30.46 -25.47 -6.86
CA ASP B 91 31.86 -25.87 -6.75
C ASP B 91 32.78 -24.66 -6.66
N TRP B 92 32.48 -23.60 -7.43
CA TRP B 92 33.30 -22.40 -7.40
C TRP B 92 33.30 -21.74 -6.03
N ILE B 93 32.13 -21.70 -5.39
CA ILE B 93 32.03 -21.12 -4.05
C ILE B 93 32.86 -21.92 -3.04
N ILE B 94 32.83 -23.26 -3.16
CA ILE B 94 33.54 -24.15 -2.24
C ILE B 94 35.02 -23.82 -2.24
N ARG B 95 35.58 -23.73 -3.45
CA ARG B 95 37.02 -23.58 -3.63
C ARG B 95 37.48 -22.26 -3.10
N GLU B 96 36.83 -21.19 -3.57
CA GLU B 96 37.32 -19.84 -3.31
C GLU B 96 37.18 -19.48 -1.84
N SER B 97 36.04 -19.78 -1.24
CA SER B 97 35.73 -19.32 0.09
C SER B 97 35.94 -20.39 1.15
N GLY B 98 36.32 -21.59 0.75
CA GLY B 98 36.37 -22.66 1.74
C GLY B 98 35.00 -23.03 2.26
N SER B 99 33.96 -22.78 1.49
CA SER B 99 32.59 -23.05 1.93
C SER B 99 32.31 -24.55 1.89
N THR B 100 31.70 -25.05 2.98
CA THR B 100 31.15 -26.39 3.01
C THR B 100 30.12 -26.53 1.90
N ARG B 101 29.96 -27.75 1.42
CA ARG B 101 29.11 -27.93 0.26
C ARG B 101 27.69 -27.51 0.53
N LEU B 102 27.19 -27.91 1.70
CA LEU B 102 25.81 -27.69 2.01
C LEU B 102 25.53 -26.20 2.11
N LYS B 103 26.45 -25.42 2.69
CA LYS B 103 26.24 -23.97 2.68
C LYS B 103 26.41 -23.40 1.26
N ALA B 104 27.39 -23.88 0.49
CA ALA B 104 27.56 -23.31 -0.85
C ALA B 104 26.31 -23.52 -1.70
N GLU B 105 25.66 -24.68 -1.53
CA GLU B 105 24.38 -24.91 -2.21
C GLU B 105 23.29 -23.98 -1.70
N ILE B 106 23.27 -23.73 -0.39
CA ILE B 106 22.29 -22.80 0.17
C ILE B 106 22.51 -21.41 -0.40
N GLU B 107 23.77 -20.97 -0.46
CA GLU B 107 24.08 -19.67 -1.04
C GLU B 107 23.67 -19.61 -2.51
N TRP B 108 23.88 -20.69 -3.26
CA TRP B 108 23.43 -20.73 -4.64
C TRP B 108 21.92 -20.60 -4.74
N GLY B 109 21.19 -21.33 -3.88
CA GLY B 109 19.75 -21.24 -3.90
C GLY B 109 19.24 -19.87 -3.49
N ALA B 110 19.82 -19.29 -2.45
CA ALA B 110 19.40 -17.96 -1.99
C ALA B 110 19.65 -16.92 -3.08
N ALA B 111 20.81 -16.99 -3.75
CA ALA B 111 21.09 -16.06 -4.83
C ALA B 111 20.10 -16.25 -5.98
N ARG B 112 19.73 -17.52 -6.26
CA ARG B 112 18.72 -17.76 -7.28
C ARG B 112 17.37 -17.17 -6.88
N ALA B 113 16.99 -17.35 -5.61
CA ALA B 113 15.70 -16.86 -5.15
C ALA B 113 15.64 -15.33 -5.23
N ILE B 114 16.70 -14.65 -4.81
CA ILE B 114 16.77 -13.20 -4.94
C ILE B 114 16.68 -12.79 -6.41
N THR B 115 17.36 -13.54 -7.29
CA THR B 115 17.30 -13.24 -8.72
C THR B 115 15.89 -13.40 -9.26
N LEU B 116 15.17 -14.44 -8.82
CA LEU B 116 13.79 -14.62 -9.23
C LEU B 116 12.88 -13.52 -8.70
N GLU B 117 13.03 -13.17 -7.42
CA GLU B 117 12.17 -12.14 -6.83
C GLU B 117 12.38 -10.80 -7.53
N SER B 118 13.63 -10.48 -7.89
CA SER B 118 13.92 -9.22 -8.56
C SER B 118 13.25 -9.13 -9.92
N ALA B 119 13.08 -10.27 -10.61
CA ALA B 119 12.45 -10.26 -11.93
C ALA B 119 11.03 -9.70 -11.88
N SER B 120 10.32 -9.91 -10.77
CA SER B 120 8.99 -9.34 -10.60
C SER B 120 9.02 -7.86 -10.32
N PHE B 121 10.14 -7.33 -9.83
CA PHE B 121 10.18 -5.94 -9.39
C PHE B 121 9.81 -4.91 -10.46
N PRO B 122 10.23 -5.03 -11.73
CA PRO B 122 9.87 -3.98 -12.71
C PRO B 122 8.37 -3.77 -12.86
N ALA B 123 7.57 -4.84 -12.81
CA ALA B 123 6.12 -4.68 -12.90
C ALA B 123 5.55 -4.01 -11.66
N ARG B 124 6.19 -4.17 -10.50
CA ARG B 124 5.60 -3.72 -9.24
C ARG B 124 5.83 -2.23 -8.97
N VAL B 125 6.95 -1.65 -9.40
CA VAL B 125 7.26 -0.27 -9.05
C VAL B 125 6.23 0.66 -9.66
N HIS B 126 5.76 1.64 -8.89
CA HIS B 126 4.74 2.55 -9.39
C HIS B 126 4.88 3.93 -8.74
N GLY B 127 4.45 4.95 -9.50
CA GLY B 127 4.34 6.30 -8.99
C GLY B 127 3.02 6.57 -8.31
N ARG B 128 2.85 7.83 -7.88
CA ARG B 128 1.67 8.28 -7.16
C ARG B 128 1.13 9.57 -7.74
N ILE B 129 -0.20 9.68 -7.78
CA ILE B 129 -0.89 10.93 -8.10
C ILE B 129 -1.60 11.41 -6.84
N VAL B 130 -1.36 12.65 -6.44
CA VAL B 130 -1.79 13.15 -5.15
C VAL B 130 -2.72 14.35 -5.35
N GLU B 131 -3.75 14.42 -4.51
CA GLU B 131 -4.73 15.53 -4.60
C GLU B 131 -4.13 16.80 -4.00
N SER B 132 -4.37 17.95 -4.64
CA SER B 132 -3.80 19.23 -4.16
C SER B 132 -4.90 20.22 -3.77
N ASP B 133 -4.77 20.85 -2.60
CA ASP B 133 -5.74 21.88 -2.17
C ASP B 133 -5.72 23.03 -3.18
N VAL B 134 -4.53 23.40 -3.65
CA VAL B 134 -4.41 24.56 -4.57
C VAL B 134 -5.22 24.24 -5.83
N PRO B 135 -6.03 25.19 -6.34
CA PRO B 135 -6.87 24.94 -7.51
C PRO B 135 -6.07 24.69 -8.77
N GLY B 136 -6.54 23.78 -9.62
CA GLY B 136 -5.88 23.52 -10.91
C GLY B 136 -4.54 22.86 -10.73
N LYS B 137 -4.18 22.48 -9.50
CA LYS B 137 -2.84 21.90 -9.33
C LYS B 137 -2.96 20.40 -9.11
N GLU B 138 -2.20 19.64 -9.92
CA GLU B 138 -2.12 18.19 -9.79
C GLU B 138 -0.71 17.79 -9.41
N SER B 139 -0.58 16.92 -8.41
CA SER B 139 0.71 16.47 -7.93
C SER B 139 0.98 15.06 -8.42
N ARG B 140 2.06 14.88 -9.17
CA ARG B 140 2.47 13.59 -9.72
C ARG B 140 3.82 13.25 -9.12
N VAL B 141 3.94 12.04 -8.57
CA VAL B 141 5.20 11.54 -8.03
C VAL B 141 5.64 10.37 -8.89
N TYR B 142 6.81 10.51 -9.52
CA TYR B 142 7.37 9.49 -10.41
C TYR B 142 8.48 8.74 -9.68
N ARG B 143 8.40 7.40 -9.71
CA ARG B 143 9.46 6.55 -9.18
C ARG B 143 10.47 6.27 -10.29
N SER B 144 11.74 6.52 -9.99
CA SER B 144 12.79 6.40 -11.00
C SER B 144 13.97 5.62 -10.43
N ALA B 145 14.79 5.09 -11.34
CA ALA B 145 16.04 4.47 -10.93
C ALA B 145 16.96 5.48 -10.27
N ILE B 146 17.75 5.01 -9.31
CA ILE B 146 18.71 5.87 -8.62
C ILE B 146 19.77 6.37 -9.59
N GLY B 147 20.26 5.48 -10.45
CA GLY B 147 21.38 5.79 -11.32
C GLY B 147 22.45 4.72 -11.27
N VAL B 148 23.59 5.03 -10.66
CA VAL B 148 24.67 4.06 -10.49
C VAL B 148 24.75 3.70 -9.01
N VAL B 149 24.81 2.40 -8.72
CA VAL B 149 24.87 1.89 -7.36
C VAL B 149 26.20 1.17 -7.18
N GLY B 150 26.91 1.50 -6.12
CA GLY B 150 28.16 0.83 -5.76
C GLY B 150 27.90 -0.15 -4.64
N VAL B 151 28.37 -1.38 -4.82
CA VAL B 151 28.12 -2.48 -3.89
C VAL B 151 29.45 -3.04 -3.41
N ILE B 152 29.61 -3.14 -2.10
CA ILE B 152 30.79 -3.77 -1.47
C ILE B 152 30.34 -5.05 -0.79
N SER B 153 30.98 -6.16 -1.13
CA SER B 153 30.62 -7.50 -0.68
C SER B 153 31.69 -8.10 0.22
N PRO B 154 31.30 -8.86 1.25
CA PRO B 154 32.29 -9.56 2.09
C PRO B 154 32.70 -10.89 1.49
N TRP B 155 33.35 -11.74 2.31
CA TRP B 155 33.78 -13.06 1.87
C TRP B 155 32.88 -14.22 2.33
N ASN B 156 32.11 -14.08 3.40
CA ASN B 156 31.42 -15.26 3.94
C ASN B 156 30.35 -15.77 2.97
N PHE B 157 29.53 -14.87 2.45
CA PHE B 157 28.53 -15.19 1.43
C PHE B 157 28.74 -14.22 0.26
N PRO B 158 29.87 -14.36 -0.45
CA PRO B 158 30.20 -13.32 -1.45
C PRO B 158 29.22 -13.25 -2.59
N LEU B 159 28.76 -14.39 -3.10
CA LEU B 159 27.89 -14.39 -4.27
C LEU B 159 26.47 -13.95 -3.90
N HIS B 160 25.93 -14.48 -2.81
CA HIS B 160 24.56 -14.13 -2.43
C HIS B 160 24.44 -12.67 -2.00
N LEU B 161 25.33 -12.22 -1.12
CA LEU B 161 25.20 -10.87 -0.58
C LEU B 161 25.42 -9.82 -1.65
N THR B 162 26.25 -10.13 -2.65
CA THR B 162 26.32 -9.28 -3.83
C THR B 162 25.00 -9.28 -4.58
N GLN B 163 24.44 -10.47 -4.82
CA GLN B 163 23.24 -10.60 -5.64
C GLN B 163 22.03 -9.95 -5.00
N ARG B 164 21.92 -10.00 -3.66
CA ARG B 164 20.74 -9.43 -3.01
C ARG B 164 20.65 -7.93 -3.20
N SER B 165 21.80 -7.26 -3.34
CA SER B 165 21.80 -5.86 -3.76
C SER B 165 21.80 -5.73 -5.28
N ILE B 166 22.60 -6.55 -5.96
CA ILE B 166 22.86 -6.34 -7.39
C ILE B 166 21.61 -6.58 -8.21
N ALA B 167 20.94 -7.71 -7.97
CA ALA B 167 19.78 -8.08 -8.78
C ALA B 167 18.62 -7.09 -8.66
N PRO B 168 18.22 -6.62 -7.47
CA PRO B 168 17.17 -5.59 -7.43
C PRO B 168 17.57 -4.30 -8.12
N ALA B 169 18.80 -3.84 -7.89
CA ALA B 169 19.24 -2.60 -8.51
C ALA B 169 19.21 -2.70 -10.04
N LEU B 170 19.68 -3.82 -10.58
CA LEU B 170 19.69 -3.98 -12.04
C LEU B 170 18.28 -4.05 -12.61
N ALA B 171 17.38 -4.81 -11.97
CA ALA B 171 16.01 -4.90 -12.46
C ALA B 171 15.31 -3.55 -12.43
N LEU B 172 15.58 -2.74 -11.39
CA LEU B 172 14.91 -1.47 -11.22
C LEU B 172 15.52 -0.34 -12.03
N GLY B 173 16.43 -0.66 -12.96
CA GLY B 173 16.96 0.30 -13.90
C GLY B 173 18.28 0.95 -13.55
N ASN B 174 18.90 0.58 -12.43
CA ASN B 174 20.21 1.12 -12.09
C ASN B 174 21.32 0.34 -12.80
N ALA B 175 22.50 0.95 -12.83
CA ALA B 175 23.75 0.30 -13.19
C ALA B 175 24.58 0.10 -11.92
N VAL B 176 25.33 -1.00 -11.88
CA VAL B 176 26.02 -1.43 -10.66
C VAL B 176 27.51 -1.61 -10.92
N VAL B 177 28.32 -1.16 -9.95
CA VAL B 177 29.76 -1.44 -9.92
C VAL B 177 30.10 -2.08 -8.57
N VAL B 178 30.80 -3.22 -8.61
CA VAL B 178 31.01 -4.06 -7.43
C VAL B 178 32.49 -4.16 -7.12
N LYS B 179 32.85 -3.96 -5.85
CA LYS B 179 34.17 -4.27 -5.32
C LYS B 179 34.06 -5.49 -4.41
N PRO B 180 34.47 -6.67 -4.85
CA PRO B 180 34.33 -7.87 -4.02
C PRO B 180 35.47 -8.00 -3.00
N ALA B 181 35.25 -8.90 -2.04
CA ALA B 181 36.28 -9.23 -1.06
C ALA B 181 37.48 -9.87 -1.74
N SER B 182 38.68 -9.45 -1.29
CA SER B 182 39.90 -9.88 -1.96
C SER B 182 40.16 -11.38 -1.84
N ASP B 183 39.72 -12.02 -0.76
CA ASP B 183 39.92 -13.47 -0.66
C ASP B 183 39.06 -14.23 -1.66
N THR B 184 37.86 -13.73 -1.95
CA THR B 184 36.91 -14.40 -2.84
C THR B 184 36.33 -13.38 -3.81
N PRO B 185 37.15 -12.83 -4.72
CA PRO B 185 36.60 -11.86 -5.68
C PRO B 185 35.71 -12.49 -6.73
N VAL B 186 35.98 -13.74 -7.11
CA VAL B 186 35.24 -14.39 -8.22
C VAL B 186 33.78 -14.68 -7.83
N CYS B 187 33.52 -15.29 -6.67
CA CYS B 187 32.09 -15.65 -6.38
C CYS B 187 31.28 -14.35 -6.32
N GLY B 188 31.79 -13.32 -5.66
CA GLY B 188 31.15 -11.99 -5.70
C GLY B 188 31.59 -11.36 -7.01
N GLY B 189 30.99 -10.27 -7.44
CA GLY B 189 31.61 -9.67 -8.63
C GLY B 189 31.63 -10.50 -9.90
N LEU B 190 32.81 -10.83 -10.44
CA LEU B 190 32.94 -11.38 -11.83
C LEU B 190 32.20 -12.69 -12.14
N LEU B 191 32.16 -13.69 -11.28
CA LEU B 191 31.36 -14.87 -11.67
C LEU B 191 29.97 -14.32 -12.04
N LEU B 192 29.41 -13.45 -11.19
CA LEU B 192 28.06 -12.87 -11.41
C LEU B 192 28.08 -12.01 -12.69
N ALA B 193 29.14 -11.26 -12.90
CA ALA B 193 29.26 -10.44 -14.13
C ALA B 193 29.10 -11.37 -15.33
N ARG B 194 29.83 -12.48 -15.33
CA ARG B 194 29.76 -13.40 -16.45
C ARG B 194 28.34 -13.97 -16.62
N ILE B 195 27.67 -14.27 -15.50
CA ILE B 195 26.30 -14.81 -15.56
C ILE B 195 25.37 -13.79 -16.20
N PHE B 196 25.46 -12.53 -15.78
CA PHE B 196 24.59 -11.51 -16.34
C PHE B 196 24.90 -11.24 -17.81
N GLU B 197 26.16 -11.40 -18.22
CA GLU B 197 26.49 -11.32 -19.64
C GLU B 197 25.77 -12.41 -20.43
N GLU B 198 25.83 -13.64 -19.94
CA GLU B 198 25.13 -14.73 -20.62
C GLU B 198 23.63 -14.49 -20.67
N ALA B 199 23.07 -13.92 -19.59
CA ALA B 199 21.65 -13.60 -19.57
C ALA B 199 21.30 -12.49 -20.55
N GLY B 200 22.29 -11.78 -21.08
CA GLY B 200 22.05 -10.72 -22.03
C GLY B 200 22.04 -9.32 -21.47
N LEU B 201 22.56 -9.11 -20.28
CA LEU B 201 22.61 -7.77 -19.72
C LEU B 201 23.56 -6.91 -20.55
N PRO B 202 23.16 -5.70 -20.93
CA PRO B 202 24.01 -4.88 -21.80
C PRO B 202 25.36 -4.56 -21.18
N ALA B 203 26.36 -4.46 -22.04
CA ALA B 203 27.73 -4.25 -21.58
C ALA B 203 27.87 -2.90 -20.88
N GLY B 204 28.65 -2.89 -19.81
CA GLY B 204 28.89 -1.69 -19.03
C GLY B 204 27.93 -1.43 -17.90
N LEU B 205 26.81 -2.16 -17.84
CA LEU B 205 25.88 -1.96 -16.73
C LEU B 205 26.40 -2.57 -15.44
N PHE B 206 27.19 -3.63 -15.54
CA PHE B 206 27.75 -4.33 -14.38
C PHE B 206 29.26 -4.40 -14.56
N SER B 207 29.98 -3.76 -13.66
CA SER B 207 31.45 -3.81 -13.62
C SER B 207 31.92 -4.31 -12.28
N VAL B 208 33.01 -5.08 -12.29
CA VAL B 208 33.65 -5.58 -11.09
C VAL B 208 35.04 -4.96 -10.99
N VAL B 209 35.37 -4.39 -9.84
CA VAL B 209 36.67 -3.77 -9.58
C VAL B 209 37.35 -4.58 -8.48
N VAL B 210 38.46 -5.23 -8.83
CA VAL B 210 39.19 -6.10 -7.92
C VAL B 210 40.47 -5.40 -7.48
N GLY B 211 40.57 -5.15 -6.17
CA GLY B 211 41.71 -4.53 -5.57
C GLY B 211 41.67 -4.80 -4.08
N PRO B 212 42.74 -4.55 -3.29
CA PRO B 212 42.66 -4.71 -1.85
C PRO B 212 41.60 -3.75 -1.36
N GLY B 213 40.76 -4.20 -0.42
CA GLY B 213 39.65 -3.34 0.00
C GLY B 213 40.14 -2.07 0.65
N SER B 214 41.18 -2.17 1.48
CA SER B 214 41.74 -0.94 2.07
C SER B 214 42.31 -0.01 0.98
N GLU B 215 43.04 -0.57 0.01
CA GLU B 215 43.70 0.30 -0.99
C GLU B 215 42.71 1.10 -1.86
N ILE B 216 41.65 0.46 -2.34
CA ILE B 216 40.74 1.17 -3.30
C ILE B 216 39.36 1.47 -2.67
N GLY B 217 39.05 0.92 -1.50
CA GLY B 217 37.70 1.07 -0.93
C GLY B 217 37.30 2.51 -0.71
N ASP B 218 38.21 3.33 -0.16
CA ASP B 218 37.82 4.72 0.19
C ASP B 218 37.42 5.46 -1.08
N ALA B 219 38.16 5.24 -2.17
CA ALA B 219 37.88 5.95 -3.44
C ALA B 219 36.49 5.57 -3.95
N PHE B 220 36.12 4.30 -3.84
CA PHE B 220 34.80 3.86 -4.38
C PHE B 220 33.69 4.59 -3.66
N VAL B 221 33.78 4.70 -2.32
CA VAL B 221 32.79 5.50 -1.54
C VAL B 221 32.92 6.97 -1.95
N GLU B 222 34.15 7.45 -2.13
CA GLU B 222 34.43 8.86 -2.46
C GLU B 222 33.85 9.24 -3.82
N HIS B 223 33.85 8.32 -4.79
CA HIS B 223 33.50 8.71 -6.19
C HIS B 223 32.13 9.36 -6.30
N PRO B 224 32.05 10.47 -7.08
CA PRO B 224 30.81 11.19 -7.26
C PRO B 224 29.63 10.50 -7.92
N VAL B 225 29.92 9.74 -8.97
CA VAL B 225 28.83 9.14 -9.80
C VAL B 225 27.80 8.34 -8.98
N PRO B 226 28.17 7.42 -8.05
CA PRO B 226 27.15 6.53 -7.46
C PRO B 226 26.23 7.29 -6.51
N GLY B 227 24.92 7.15 -6.74
CA GLY B 227 23.95 7.71 -5.83
C GLY B 227 23.84 6.96 -4.52
N LEU B 228 24.13 5.67 -4.55
CA LEU B 228 23.98 4.82 -3.36
C LEU B 228 25.15 3.86 -3.28
N VAL B 229 25.57 3.58 -2.04
CA VAL B 229 26.56 2.56 -1.76
C VAL B 229 25.96 1.59 -0.75
N THR B 230 26.02 0.30 -1.05
CA THR B 230 25.54 -0.73 -0.14
C THR B 230 26.73 -1.53 0.35
N PHE B 231 26.79 -1.75 1.66
CA PHE B 231 27.91 -2.47 2.25
C PHE B 231 27.36 -3.46 3.27
N THR B 232 27.85 -4.69 3.20
CA THR B 232 27.63 -5.68 4.25
C THR B 232 28.97 -6.26 4.68
N GLY B 233 29.23 -6.29 5.97
CA GLY B 233 30.51 -6.73 6.47
C GLY B 233 30.67 -6.37 7.94
N SER B 234 31.92 -6.34 8.38
CA SER B 234 32.21 -6.07 9.79
C SER B 234 31.91 -4.62 10.15
N THR B 235 31.63 -4.39 11.42
CA THR B 235 31.30 -3.04 11.89
C THR B 235 32.43 -2.03 11.70
N PRO B 236 33.70 -2.34 11.97
CA PRO B 236 34.74 -1.30 11.78
C PRO B 236 34.88 -0.81 10.34
N VAL B 237 34.84 -1.69 9.35
CA VAL B 237 34.97 -1.23 7.97
C VAL B 237 33.74 -0.45 7.54
N GLY B 238 32.54 -0.94 7.88
CA GLY B 238 31.33 -0.21 7.51
C GLY B 238 31.25 1.16 8.13
N ARG B 239 31.70 1.29 9.38
CA ARG B 239 31.69 2.58 10.07
C ARG B 239 32.57 3.61 9.38
N ASN B 240 33.74 3.19 8.87
CA ASN B 240 34.58 4.10 8.11
C ASN B 240 33.94 4.48 6.79
N ILE B 241 33.32 3.51 6.11
CA ILE B 241 32.64 3.80 4.84
C ILE B 241 31.54 4.82 5.04
N GLY B 242 30.81 4.69 6.15
CA GLY B 242 29.76 5.65 6.46
C GLY B 242 30.25 7.05 6.72
N ARG B 243 31.42 7.20 7.36
CA ARG B 243 31.83 8.57 7.68
C ARG B 243 32.22 9.30 6.38
N ILE B 244 32.73 8.55 5.40
CA ILE B 244 33.09 9.12 4.12
C ILE B 244 31.86 9.54 3.34
N ALA B 245 30.86 8.65 3.28
CA ALA B 245 29.69 8.94 2.46
C ALA B 245 28.85 10.05 3.04
N SER B 246 28.65 10.06 4.36
CA SER B 246 27.89 11.12 5.00
C SER B 246 28.70 12.40 5.14
N GLY B 247 30.02 12.30 5.29
CA GLY B 247 30.84 13.51 5.50
C GLY B 247 31.66 13.86 4.28
N GLY B 248 31.48 13.15 3.17
CA GLY B 248 32.25 13.35 1.93
C GLY B 248 31.90 14.58 1.14
N ALA B 249 32.82 15.02 0.27
CA ALA B 249 32.54 16.17 -0.62
C ALA B 249 31.35 15.75 -1.49
N HIS B 250 31.33 14.50 -1.93
CA HIS B 250 30.14 13.98 -2.66
C HIS B 250 29.35 13.15 -1.64
N LEU B 251 28.06 13.42 -1.50
CA LEU B 251 27.27 12.74 -0.44
C LEU B 251 26.32 11.72 -1.07
N LYS B 252 26.34 10.49 -0.56
CA LYS B 252 25.50 9.41 -1.15
C LYS B 252 24.78 8.66 -0.04
N HIS B 253 23.64 8.07 -0.35
CA HIS B 253 22.96 7.22 0.67
C HIS B 253 23.81 5.97 0.90
N VAL B 254 23.70 5.39 2.10
CA VAL B 254 24.43 4.16 2.42
C VAL B 254 23.48 3.15 3.03
N ALA B 255 23.51 1.94 2.50
CA ALA B 255 22.85 0.80 3.11
C ALA B 255 23.93 -0.06 3.75
N LEU B 256 23.87 -0.18 5.08
CA LEU B 256 24.89 -0.89 5.83
C LEU B 256 24.26 -2.05 6.57
N GLU B 257 24.83 -3.24 6.41
CA GLU B 257 24.57 -4.38 7.26
C GLU B 257 25.90 -4.72 7.92
N LEU B 258 26.00 -4.47 9.21
CA LEU B 258 27.26 -4.59 9.92
C LEU B 258 27.21 -5.85 10.77
N GLY B 259 28.34 -6.54 10.83
CA GLY B 259 28.36 -7.84 11.48
C GLY B 259 27.83 -7.76 12.88
N GLY B 260 26.99 -8.73 13.24
CA GLY B 260 26.36 -8.70 14.53
C GLY B 260 26.54 -9.94 15.33
N ASN B 261 26.98 -9.75 16.57
CA ASN B 261 26.88 -10.74 17.63
C ASN B 261 25.40 -10.88 17.88
N SER B 262 24.85 -12.04 17.53
CA SER B 262 23.42 -12.26 17.56
C SER B 262 23.09 -13.13 18.76
N PRO B 263 22.17 -12.71 19.62
CA PRO B 263 21.87 -13.50 20.82
C PRO B 263 20.95 -14.67 20.52
N PHE B 264 21.30 -15.81 21.11
CA PHE B 264 20.48 -17.01 21.12
C PHE B 264 19.97 -17.20 22.53
N VAL B 265 18.66 -17.09 22.71
CA VAL B 265 18.06 -17.09 24.04
C VAL B 265 17.26 -18.37 24.18
N VAL B 266 17.56 -19.13 25.25
CA VAL B 266 16.86 -20.41 25.50
C VAL B 266 16.12 -20.32 26.84
N LEU B 267 14.81 -20.10 26.81
CA LEU B 267 13.98 -20.06 28.05
C LEU B 267 13.81 -21.49 28.59
N GLY B 268 13.52 -21.63 29.89
CA GLY B 268 13.42 -22.96 30.53
C GLY B 268 12.33 -23.82 29.93
N ASP B 269 11.17 -23.24 29.58
CA ASP B 269 10.02 -24.05 29.10
C ASP B 269 10.40 -24.79 27.81
N ALA B 270 11.17 -24.17 26.91
CA ALA B 270 11.46 -24.80 25.61
C ALA B 270 12.21 -26.13 25.78
N ASP B 271 11.86 -27.12 24.94
CA ASP B 271 12.57 -28.42 25.00
C ASP B 271 14.04 -28.20 24.62
N LEU B 272 14.95 -28.83 25.37
CA LEU B 272 16.40 -28.61 25.14
C LEU B 272 16.83 -29.11 23.76
N GLU B 273 16.35 -30.27 23.33
CA GLU B 273 16.88 -30.86 22.07
C GLU B 273 16.61 -29.94 20.88
N GLN B 274 15.39 -29.42 20.75
CA GLN B 274 15.09 -28.59 19.55
C GLN B 274 16.09 -27.43 19.54
N ALA B 275 16.22 -26.73 20.66
CA ALA B 275 17.11 -25.54 20.69
C ALA B 275 18.55 -25.96 20.44
N VAL B 276 18.99 -27.07 21.04
CA VAL B 276 20.43 -27.44 20.87
C VAL B 276 20.67 -27.74 19.39
N SER B 277 19.75 -28.47 18.75
CA SER B 277 19.95 -28.83 17.34
C SER B 277 19.97 -27.56 16.50
N ALA B 278 19.05 -26.63 16.80
CA ALA B 278 18.98 -25.37 16.03
C ALA B 278 20.26 -24.58 16.24
N ALA B 279 20.74 -24.54 17.49
CA ALA B 279 21.95 -23.75 17.77
C ALA B 279 23.16 -24.30 17.03
N VAL B 280 23.32 -25.63 17.03
CA VAL B 280 24.45 -26.25 16.28
C VAL B 280 24.27 -25.97 14.79
N PHE B 281 23.01 -26.07 14.33
CA PHE B 281 22.73 -25.84 12.88
C PHE B 281 23.12 -24.40 12.56
N GLY B 282 22.60 -23.47 13.35
CA GLY B 282 22.88 -22.04 13.08
C GLY B 282 24.32 -21.67 13.33
N LYS B 283 24.88 -22.14 14.46
CA LYS B 283 26.26 -21.74 14.83
C LYS B 283 27.28 -22.27 13.83
N PHE B 284 27.12 -23.52 13.38
CA PHE B 284 28.18 -24.14 12.53
C PHE B 284 27.89 -24.05 11.03
N LEU B 285 26.79 -23.42 10.62
CA LEU B 285 26.60 -23.27 9.16
C LEU B 285 27.74 -22.39 8.63
N HIS B 286 28.31 -22.75 7.49
CA HIS B 286 29.47 -22.00 6.91
C HIS B 286 30.59 -21.97 7.95
N GLN B 287 30.78 -23.06 8.70
CA GLN B 287 31.90 -23.15 9.68
C GLN B 287 31.79 -21.93 10.61
N GLY B 288 30.57 -21.53 10.97
CA GLY B 288 30.35 -20.43 11.91
C GLY B 288 30.41 -19.05 11.26
N GLN B 289 30.66 -18.97 9.94
CA GLN B 289 30.82 -17.64 9.30
C GLN B 289 29.45 -17.10 8.86
N ILE B 290 28.59 -16.69 9.80
CA ILE B 290 27.29 -16.05 9.45
C ILE B 290 27.01 -15.02 10.53
N CYS B 291 26.57 -13.82 10.18
CA CYS B 291 26.27 -12.88 11.24
C CYS B 291 24.84 -13.13 11.77
N MET B 292 23.95 -13.76 10.98
CA MET B 292 22.72 -14.27 11.62
C MET B 292 23.06 -15.38 12.57
N ALA B 293 24.14 -16.13 12.28
CA ALA B 293 24.53 -17.23 13.15
C ALA B 293 24.82 -16.69 14.54
N ILE B 294 24.57 -17.53 15.53
CA ILE B 294 24.75 -17.12 16.90
C ILE B 294 26.19 -16.70 17.06
N ASN B 295 26.38 -15.60 17.77
CA ASN B 295 27.68 -15.33 18.34
C ASN B 295 27.70 -15.51 19.82
N ARG B 296 26.55 -15.45 20.44
CA ARG B 296 26.53 -15.50 21.89
C ARG B 296 25.20 -16.03 22.37
N ILE B 297 25.25 -17.09 23.18
CA ILE B 297 24.11 -17.89 23.63
C ILE B 297 23.81 -17.61 25.10
N ILE B 298 22.56 -17.23 25.36
CA ILE B 298 22.06 -17.03 26.71
C ILE B 298 21.08 -18.15 27.01
N VAL B 299 21.32 -18.87 28.09
CA VAL B 299 20.41 -19.92 28.54
C VAL B 299 20.01 -19.57 29.97
N GLU B 300 18.74 -19.79 30.29
CA GLU B 300 18.31 -19.60 31.70
C GLU B 300 19.19 -20.54 32.55
N ASP B 301 19.42 -20.18 33.82
CA ASP B 301 20.38 -20.98 34.65
C ASP B 301 19.87 -22.41 34.80
N SER B 302 18.57 -22.62 34.97
CA SER B 302 18.07 -23.98 35.24
C SER B 302 18.39 -24.91 34.05
N LEU B 303 18.21 -24.43 32.83
CA LEU B 303 18.48 -25.25 31.62
C LEU B 303 19.91 -25.03 31.12
N TYR B 304 20.68 -24.14 31.76
CA TYR B 304 22.01 -23.80 31.18
C TYR B 304 22.89 -25.03 31.15
N ASP B 305 22.88 -25.83 32.21
CA ASP B 305 23.84 -26.97 32.26
C ASP B 305 23.55 -27.96 31.12
N ALA B 306 22.28 -28.27 30.88
CA ALA B 306 21.94 -29.27 29.85
C ALA B 306 22.36 -28.76 28.47
N PHE B 307 22.09 -27.48 28.21
CA PHE B 307 22.42 -26.92 26.87
C PHE B 307 23.92 -27.00 26.70
N ALA B 308 24.64 -26.65 27.77
CA ALA B 308 26.12 -26.64 27.71
C ALA B 308 26.58 -28.08 27.42
N ALA B 309 25.89 -29.05 28.01
CA ALA B 309 26.32 -30.43 27.80
C ALA B 309 25.99 -30.91 26.39
N ARG B 310 24.73 -30.74 25.98
CA ARG B 310 24.30 -31.21 24.66
C ARG B 310 25.05 -30.51 23.54
N PHE B 311 25.31 -29.20 23.70
CA PHE B 311 25.97 -28.45 22.64
C PHE B 311 27.35 -29.01 22.34
N VAL B 312 28.14 -29.27 23.38
CA VAL B 312 29.53 -29.70 23.19
C VAL B 312 29.61 -31.07 22.53
N GLU B 313 28.80 -32.04 22.98
CA GLU B 313 28.87 -33.38 22.40
C GLU B 313 28.55 -33.37 20.91
N ARG B 314 27.54 -32.59 20.51
CA ARG B 314 27.25 -32.46 19.09
C ARG B 314 28.41 -31.76 18.39
N VAL B 315 29.07 -30.83 19.08
CA VAL B 315 30.15 -30.04 18.48
C VAL B 315 31.33 -30.93 18.10
N LYS B 316 31.66 -31.89 18.97
CA LYS B 316 32.68 -32.87 18.68
C LYS B 316 32.26 -33.72 17.47
N GLY B 317 30.94 -33.88 17.26
CA GLY B 317 30.43 -34.64 16.15
C GLY B 317 30.76 -34.07 14.78
N LEU B 318 30.82 -32.75 14.67
CA LEU B 318 30.97 -32.10 13.37
C LEU B 318 32.27 -32.52 12.67
N ARG B 319 32.22 -32.55 11.34
CA ARG B 319 33.32 -33.04 10.51
C ARG B 319 34.15 -31.84 10.07
N VAL B 320 35.43 -31.82 10.44
CA VAL B 320 36.40 -30.88 9.88
C VAL B 320 37.03 -31.52 8.65
N GLY B 321 37.01 -30.82 7.52
CA GLY B 321 37.47 -31.51 6.33
C GLY B 321 37.58 -30.62 5.11
N ASP B 322 37.89 -31.30 4.00
CA ASP B 322 37.92 -30.68 2.69
C ASP B 322 36.51 -30.16 2.36
N PRO B 323 36.36 -28.89 2.00
CA PRO B 323 35.00 -28.37 1.79
C PRO B 323 34.27 -29.06 0.63
N GLN B 324 35.01 -29.61 -0.34
CA GLN B 324 34.43 -30.22 -1.53
C GLN B 324 33.85 -31.61 -1.28
N ARG B 325 33.07 -31.78 -0.21
CA ARG B 325 32.43 -33.06 0.09
C ARG B 325 31.18 -32.81 0.92
N ALA B 326 30.17 -33.66 0.71
CA ALA B 326 28.86 -33.45 1.32
C ALA B 326 28.88 -33.53 2.84
N ASP B 327 29.60 -34.49 3.39
CA ASP B 327 29.51 -34.71 4.84
C ASP B 327 30.13 -33.61 5.65
N THR B 328 30.93 -32.74 5.03
CA THR B 328 31.95 -32.09 5.84
C THR B 328 31.22 -30.83 6.35
N ALA B 329 31.27 -30.59 7.63
CA ALA B 329 30.45 -29.50 8.15
C ALA B 329 31.21 -28.23 8.47
N VAL B 330 32.48 -28.39 8.87
CA VAL B 330 33.35 -27.23 9.20
C VAL B 330 34.38 -27.09 8.09
N GLY B 331 34.80 -25.86 7.78
CA GLY B 331 35.70 -25.61 6.65
C GLY B 331 36.80 -24.62 6.99
N PRO B 332 37.88 -24.58 6.20
CA PRO B 332 38.98 -23.66 6.47
C PRO B 332 38.59 -22.20 6.38
N ILE B 333 39.16 -21.38 7.25
CA ILE B 333 38.87 -19.91 7.18
C ILE B 333 39.43 -19.36 5.85
N VAL B 334 38.69 -18.44 5.24
CA VAL B 334 39.11 -17.87 3.92
C VAL B 334 40.43 -17.10 4.07
N ASN B 335 40.61 -16.36 5.17
CA ASN B 335 41.82 -15.48 5.28
C ASN B 335 42.72 -15.92 6.44
N ALA B 336 44.02 -16.06 6.16
CA ALA B 336 45.00 -16.43 7.21
C ALA B 336 45.05 -15.32 8.27
N ARG B 337 44.97 -14.07 7.83
CA ARG B 337 45.03 -12.92 8.77
C ARG B 337 43.83 -13.04 9.72
N GLN B 338 42.68 -13.43 9.18
CA GLN B 338 41.48 -13.63 10.04
C GLN B 338 41.79 -14.75 11.04
N LEU B 339 42.47 -15.81 10.59
CA LEU B 339 42.75 -16.96 11.48
C LEU B 339 43.62 -16.48 12.66
N GLU B 340 44.61 -15.63 12.37
CA GLU B 340 45.46 -15.08 13.47
C GLU B 340 44.55 -14.25 14.39
N GLY B 341 43.64 -13.48 13.81
CA GLY B 341 42.69 -12.70 14.62
C GLY B 341 41.84 -13.64 15.45
N LEU B 342 41.30 -14.69 14.81
CA LEU B 342 40.50 -15.65 15.56
C LEU B 342 41.33 -16.35 16.61
N LEU B 343 42.57 -16.70 16.27
CA LEU B 343 43.45 -17.36 17.24
C LEU B 343 43.71 -16.47 18.45
N GLU B 344 43.95 -15.17 18.22
CA GLU B 344 44.17 -14.26 19.35
C GLU B 344 42.93 -14.17 20.23
N LYS B 345 41.74 -14.25 19.63
CA LYS B 345 40.49 -14.21 20.39
C LYS B 345 40.36 -15.40 21.32
N ILE B 346 40.76 -16.59 20.85
CA ILE B 346 40.82 -17.76 21.72
C ILE B 346 41.80 -17.50 22.86
N ARG B 347 42.98 -16.95 22.56
CA ARG B 347 43.81 -16.56 23.70
C ARG B 347 43.17 -15.52 24.57
N LEU B 348 42.54 -14.54 23.95
CA LEU B 348 41.97 -13.48 24.76
C LEU B 348 40.92 -14.05 25.66
N ALA B 349 40.12 -15.00 25.14
CA ALA B 349 39.09 -15.65 25.94
C ALA B 349 39.66 -16.44 27.09
N GLU B 352 40.72 -13.73 29.43
CA GLU B 352 39.53 -13.16 30.10
C GLU B 352 39.05 -14.01 31.27
N GLY B 353 39.38 -15.32 31.28
CA GLY B 353 38.90 -16.21 32.31
C GLY B 353 37.71 -17.04 31.92
N ALA B 354 37.39 -17.12 30.63
CA ALA B 354 36.30 -17.95 30.16
C ALA B 354 36.60 -19.43 30.33
N LYS B 355 35.61 -20.17 30.81
CA LYS B 355 35.75 -21.61 31.00
C LYS B 355 35.64 -22.34 29.66
N PRO B 356 36.56 -23.24 29.34
CA PRO B 356 36.43 -24.01 28.09
C PRO B 356 35.56 -25.25 28.25
N LEU B 357 34.36 -25.23 27.67
CA LEU B 357 33.50 -26.40 27.70
C LEU B 357 33.92 -27.42 26.66
N TYR B 358 34.50 -26.94 25.56
CA TYR B 358 35.03 -27.84 24.50
C TYR B 358 36.18 -27.13 23.77
N GLU B 359 37.29 -27.83 23.55
CA GLU B 359 38.42 -27.24 22.78
C GLU B 359 38.66 -28.08 21.52
N GLY B 360 38.78 -27.42 20.36
CA GLY B 360 39.04 -28.16 19.10
C GLY B 360 40.38 -27.80 18.52
N GLY B 361 41.19 -28.81 18.17
CA GLY B 361 42.51 -28.57 17.56
C GLY B 361 42.37 -27.95 16.18
N VAL B 362 43.25 -27.02 15.83
CA VAL B 362 43.12 -26.32 14.52
C VAL B 362 44.29 -26.75 13.62
N ASP B 363 43.99 -27.18 12.39
CA ASP B 363 45.09 -27.54 11.45
C ASP B 363 45.11 -26.54 10.29
N GLY B 364 46.24 -25.85 10.11
CA GLY B 364 46.38 -24.92 8.97
C GLY B 364 45.26 -23.90 8.96
N GLN B 365 44.64 -23.69 7.79
CA GLN B 365 43.46 -22.79 7.69
C GLN B 365 42.30 -23.37 8.50
N LEU B 366 42.12 -24.68 8.45
CA LEU B 366 40.92 -25.28 9.13
C LEU B 366 41.02 -25.03 10.64
N LEU B 367 39.89 -24.69 11.27
CA LEU B 367 39.86 -24.47 12.74
C LEU B 367 38.68 -25.24 13.31
N ALA B 368 38.95 -26.23 14.16
CA ALA B 368 37.89 -27.02 14.76
C ALA B 368 37.08 -26.16 15.73
N PRO B 369 35.86 -26.57 16.07
CA PRO B 369 35.02 -25.71 16.92
C PRO B 369 35.63 -25.46 18.30
N HIS B 370 35.44 -24.24 18.81
CA HIS B 370 35.86 -23.86 20.14
C HIS B 370 34.67 -23.35 20.94
N VAL B 371 34.47 -23.92 22.13
CA VAL B 371 33.33 -23.59 22.98
C VAL B 371 33.87 -23.05 24.30
N PHE B 372 33.35 -21.90 24.72
CA PHE B 372 33.72 -21.27 25.98
C PHE B 372 32.46 -21.12 26.82
N GLY B 373 32.58 -21.30 28.13
CA GLY B 373 31.42 -21.33 29.01
C GLY B 373 31.55 -20.33 30.14
N GLU B 374 30.41 -20.10 30.81
CA GLU B 374 30.32 -19.13 31.91
C GLU B 374 30.72 -17.73 31.45
N VAL B 375 30.34 -17.38 30.22
CA VAL B 375 30.79 -16.08 29.64
C VAL B 375 30.05 -14.89 30.31
N THR B 376 30.57 -13.67 30.13
CA THR B 376 29.98 -12.46 30.74
C THR B 376 29.83 -11.42 29.65
N ALA B 377 28.92 -10.46 29.85
CA ALA B 377 28.68 -9.39 28.85
C ALA B 377 29.97 -8.60 28.71
N THR B 378 30.66 -8.38 29.83
CA THR B 378 31.94 -7.62 29.83
C THR B 378 32.92 -8.36 28.96
N MET B 379 32.91 -9.69 28.97
CA MET B 379 33.95 -10.46 28.24
C MET B 379 33.90 -10.09 26.75
N GLU B 380 35.07 -10.00 26.11
CA GLU B 380 35.14 -9.50 24.71
C GLU B 380 34.38 -10.41 23.75
N ILE B 381 34.42 -11.73 23.92
CA ILE B 381 33.77 -12.59 22.90
C ILE B 381 32.28 -12.26 22.85
N ALA B 382 31.63 -12.08 24.01
CA ALA B 382 30.21 -11.62 23.98
C ALA B 382 30.13 -10.22 23.39
N ARG B 383 31.05 -9.35 23.79
CA ARG B 383 31.02 -7.92 23.34
C ARG B 383 31.23 -7.77 21.82
N ASP B 384 32.14 -8.54 21.22
CA ASP B 384 32.48 -8.30 19.79
C ASP B 384 32.15 -9.51 18.91
N GLU B 385 31.48 -9.28 17.77
CA GLU B 385 31.12 -10.39 16.85
C GLU B 385 32.40 -11.02 16.27
N ILE B 386 32.44 -12.35 16.18
CA ILE B 386 33.60 -13.02 15.52
C ILE B 386 33.06 -13.90 14.37
N PHE B 387 33.62 -13.76 13.16
CA PHE B 387 33.21 -14.66 12.05
C PHE B 387 34.05 -15.93 12.14
N GLY B 388 33.75 -16.79 13.11
CA GLY B 388 34.55 -18.01 13.31
C GLY B 388 33.73 -19.08 14.02
N PRO B 389 34.14 -20.37 14.00
CA PRO B 389 33.41 -21.36 14.76
C PRO B 389 33.91 -21.31 16.19
N LEU B 390 33.67 -20.20 16.88
CA LEU B 390 34.00 -20.10 18.32
C LEU B 390 32.69 -19.67 19.01
N VAL B 391 32.28 -20.33 20.08
CA VAL B 391 30.94 -19.99 20.65
C VAL B 391 31.04 -19.74 22.17
N GLY B 392 30.35 -18.72 22.67
CA GLY B 392 30.33 -18.46 24.11
C GLY B 392 28.94 -18.64 24.69
N LEU B 393 28.87 -19.24 25.88
CA LEU B 393 27.62 -19.55 26.57
C LEU B 393 27.51 -18.76 27.87
N LEU B 394 26.38 -18.09 28.06
CA LEU B 394 26.11 -17.24 29.21
C LEU B 394 24.94 -17.77 30.01
N ARG B 395 25.01 -17.64 31.34
CA ARG B 395 23.94 -18.08 32.23
C ARG B 395 23.09 -16.89 32.64
N ALA B 396 21.77 -17.06 32.59
CA ALA B 396 20.82 -16.03 32.99
C ALA B 396 20.01 -16.54 34.16
N ARG B 397 19.94 -15.74 35.23
CA ARG B 397 19.19 -16.17 36.41
C ARG B 397 17.70 -16.22 36.13
N ASP B 398 17.15 -15.21 35.46
CA ASP B 398 15.72 -15.18 35.15
C ASP B 398 15.54 -14.71 33.72
N GLU B 399 14.29 -14.76 33.25
CA GLU B 399 13.98 -14.30 31.90
C GLU B 399 14.36 -12.84 31.70
N ALA B 400 14.10 -12.01 32.71
CA ALA B 400 14.43 -10.60 32.61
C ALA B 400 15.93 -10.40 32.48
N HIS B 401 16.72 -11.20 33.20
CA HIS B 401 18.18 -11.12 33.05
C HIS B 401 18.62 -11.58 31.67
N ALA B 402 17.97 -12.61 31.12
CA ALA B 402 18.29 -13.04 29.77
C ALA B 402 18.00 -11.94 28.77
N LEU B 403 16.92 -11.20 28.97
CA LEU B 403 16.60 -10.08 28.10
C LEU B 403 17.68 -8.99 28.21
N GLU B 404 18.11 -8.68 29.43
CA GLU B 404 19.23 -7.76 29.60
C GLU B 404 20.50 -8.34 28.99
N LEU B 405 20.73 -9.64 29.17
CA LEU B 405 21.91 -10.29 28.60
C LEU B 405 21.91 -10.23 27.08
N ALA B 406 20.75 -10.48 26.46
CA ALA B 406 20.67 -10.35 24.99
C ALA B 406 20.91 -8.88 24.63
N ASN B 407 20.25 -7.96 25.31
CA ASN B 407 20.37 -6.53 24.90
C ASN B 407 21.75 -5.97 25.26
N ALA B 408 22.59 -6.76 25.91
CA ALA B 408 23.99 -6.30 26.08
C ALA B 408 24.70 -6.51 24.75
N SER B 409 25.60 -5.60 24.34
CA SER B 409 26.42 -5.68 23.08
C SER B 409 25.70 -5.03 21.88
N GLU B 410 24.45 -4.63 22.01
CA GLU B 410 23.79 -3.79 20.96
C GLU B 410 23.83 -4.34 19.52
N TYR B 411 23.55 -5.62 19.25
CA TYR B 411 23.59 -6.01 17.81
C TYR B 411 22.18 -6.28 17.25
N GLY B 412 21.75 -5.46 16.29
CA GLY B 412 20.45 -5.55 15.58
C GLY B 412 20.16 -6.72 14.68
N LEU B 413 21.15 -7.24 13.94
CA LEU B 413 20.85 -8.13 12.79
C LEU B 413 20.08 -9.42 13.11
N SER B 414 20.39 -10.15 14.17
CA SER B 414 19.61 -11.42 14.33
C SER B 414 19.31 -11.75 15.79
N SER B 415 18.26 -12.53 16.02
CA SER B 415 17.94 -12.99 17.39
C SER B 415 17.05 -14.23 17.32
N ALA B 416 17.19 -15.14 18.27
CA ALA B 416 16.37 -16.34 18.35
C ALA B 416 15.98 -16.54 19.80
N VAL B 417 14.72 -16.90 20.03
CA VAL B 417 14.21 -17.16 21.36
C VAL B 417 13.45 -18.48 21.34
N PHE B 418 13.79 -19.36 22.27
CA PHE B 418 13.16 -20.67 22.37
C PHE B 418 12.39 -20.75 23.67
N SER B 419 11.09 -20.99 23.56
CA SER B 419 10.24 -21.15 24.72
C SER B 419 8.99 -21.88 24.25
N ARG B 420 8.44 -22.72 25.14
CA ARG B 420 7.28 -23.56 24.78
C ARG B 420 6.00 -22.70 24.76
N ASP B 421 6.04 -21.50 25.32
CA ASP B 421 4.82 -20.64 25.20
C ASP B 421 5.08 -19.65 24.08
N LEU B 422 4.31 -19.75 23.00
CA LEU B 422 4.50 -18.83 21.85
C LEU B 422 4.17 -17.39 22.28
N GLU B 423 3.06 -17.21 23.00
CA GLU B 423 2.65 -15.83 23.37
C GLU B 423 3.80 -15.16 24.13
N ARG B 424 4.31 -15.83 25.17
CA ARG B 424 5.39 -15.24 25.99
C ARG B 424 6.62 -15.05 25.11
N ALA B 425 6.92 -16.02 24.24
CA ALA B 425 8.16 -15.92 23.42
C ALA B 425 8.05 -14.70 22.51
N VAL B 426 6.87 -14.48 21.93
CA VAL B 426 6.67 -13.29 21.06
C VAL B 426 6.85 -12.03 21.91
N ARG B 427 6.31 -12.03 23.12
CA ARG B 427 6.37 -10.81 23.97
C ARG B 427 7.85 -10.52 24.28
N PHE B 428 8.62 -11.56 24.57
CA PHE B 428 10.07 -11.37 24.85
C PHE B 428 10.72 -10.92 23.56
N ALA B 429 10.27 -11.48 22.43
CA ALA B 429 10.90 -11.15 21.16
C ALA B 429 10.70 -9.69 20.81
N ARG B 430 9.51 -9.14 21.09
CA ARG B 430 9.26 -7.72 20.82
C ARG B 430 10.22 -6.86 21.63
N GLN B 431 10.50 -7.25 22.87
CA GLN B 431 11.41 -6.50 23.72
C GLN B 431 12.85 -6.52 23.20
N LEU B 432 13.19 -7.49 22.36
CA LEU B 432 14.54 -7.59 21.82
C LEU B 432 14.85 -6.43 20.88
N ARG B 433 16.05 -5.87 21.03
CA ARG B 433 16.49 -4.74 20.20
C ARG B 433 17.20 -5.27 18.94
N ALA B 434 16.42 -5.89 18.08
CA ALA B 434 16.94 -6.48 16.86
C ALA B 434 15.97 -6.22 15.72
N GLY B 435 16.51 -6.22 14.50
CA GLY B 435 15.66 -6.12 13.33
C GLY B 435 14.81 -7.36 13.12
N MET B 436 15.40 -8.54 13.35
CA MET B 436 14.72 -9.81 13.14
C MET B 436 14.90 -10.69 14.37
N THR B 437 13.82 -11.35 14.78
CA THR B 437 13.86 -12.34 15.86
C THR B 437 13.06 -13.56 15.43
N HIS B 438 13.63 -14.75 15.68
CA HIS B 438 13.01 -16.01 15.28
C HIS B 438 12.66 -16.83 16.51
N VAL B 439 11.39 -17.22 16.60
CA VAL B 439 10.85 -17.91 17.77
C VAL B 439 10.71 -19.40 17.47
N ASN B 440 11.36 -20.23 18.29
CA ASN B 440 11.32 -21.68 18.15
C ASN B 440 11.90 -22.12 16.80
N ASP B 441 12.92 -21.40 16.36
CA ASP B 441 13.54 -21.72 15.05
C ASP B 441 15.00 -21.24 15.03
N ILE B 442 15.73 -21.62 13.98
CA ILE B 442 17.17 -21.23 13.88
C ILE B 442 17.27 -19.71 13.75
N PRO B 443 18.30 -19.07 14.35
CA PRO B 443 18.48 -17.63 14.24
C PRO B 443 18.73 -17.26 12.79
N VAL B 444 19.52 -18.07 12.08
CA VAL B 444 19.79 -17.78 10.66
C VAL B 444 18.47 -17.89 9.89
N ASN B 445 18.16 -16.91 9.04
CA ASN B 445 16.95 -16.99 8.15
C ASN B 445 17.17 -16.01 6.99
N ASP B 446 16.44 -16.20 5.89
CA ASP B 446 16.52 -15.22 4.76
C ASP B 446 15.34 -15.48 3.82
N GLU B 447 14.27 -14.70 3.96
CA GLU B 447 13.09 -14.90 3.12
C GLU B 447 12.90 -13.69 2.21
N ALA B 448 12.63 -13.96 0.92
CA ALA B 448 12.57 -12.89 -0.07
C ALA B 448 11.43 -11.90 0.22
N ASN B 449 10.30 -12.39 0.73
CA ASN B 449 9.23 -11.46 1.10
C ASN B 449 9.52 -10.76 2.41
N ALA B 450 10.31 -11.39 3.31
CA ALA B 450 10.53 -10.85 4.64
C ALA B 450 11.54 -9.69 4.61
N PRO B 451 11.34 -8.67 5.45
CA PRO B 451 12.32 -7.57 5.54
C PRO B 451 13.58 -7.99 6.28
N PHE B 452 14.74 -7.88 5.62
CA PHE B 452 16.03 -8.27 6.24
C PHE B 452 16.76 -7.03 6.78
N GLY B 453 17.04 -6.95 8.09
CA GLY B 453 17.84 -5.81 8.60
C GLY B 453 18.08 -5.85 10.09
N GLY B 454 18.84 -4.88 10.62
CA GLY B 454 19.09 -4.79 12.07
C GLY B 454 18.60 -3.47 12.67
N GLU B 455 17.83 -3.52 13.75
CA GLU B 455 17.39 -2.30 14.47
C GLU B 455 18.60 -1.57 15.06
N LYS B 456 19.57 -2.31 15.58
CA LYS B 456 20.73 -1.73 16.33
C LYS B 456 21.84 -1.27 15.38
N ASN B 457 23.03 -0.98 15.92
CA ASN B 457 24.16 -0.41 15.14
C ASN B 457 24.49 -1.39 14.01
N SER B 458 24.33 -2.69 14.24
CA SER B 458 24.69 -3.70 13.21
C SER B 458 23.85 -3.45 11.94
N GLY B 459 22.57 -3.09 12.04
CA GLY B 459 21.79 -2.94 10.80
C GLY B 459 21.44 -1.50 10.47
N LEU B 460 21.72 -1.06 9.23
CA LEU B 460 21.32 0.31 8.78
C LEU B 460 20.63 0.20 7.41
N GLY B 461 19.39 -0.29 7.38
CA GLY B 461 18.64 -0.41 6.10
C GLY B 461 17.79 -1.67 6.09
N ARG B 462 16.93 -1.83 5.07
CA ARG B 462 16.12 -3.04 4.98
C ARG B 462 16.21 -3.60 3.57
N PHE B 463 16.08 -4.93 3.46
CA PHE B 463 16.28 -5.63 2.20
C PHE B 463 15.09 -6.55 1.90
N ASN B 464 14.93 -6.86 0.62
CA ASN B 464 14.00 -7.87 0.09
C ASN B 464 12.58 -7.36 -0.08
N GLY B 465 11.85 -7.93 -1.03
CA GLY B 465 10.45 -7.59 -1.23
C GLY B 465 10.24 -6.14 -1.58
N ASP B 466 9.21 -5.52 -0.97
CA ASP B 466 8.93 -4.12 -1.20
C ASP B 466 10.05 -3.22 -0.70
N TRP B 467 10.74 -3.64 0.35
CA TRP B 467 11.83 -2.84 0.90
C TRP B 467 12.95 -2.64 -0.13
N ALA B 468 13.24 -3.69 -0.90
CA ALA B 468 14.29 -3.59 -1.94
C ALA B 468 13.91 -2.48 -2.92
N ILE B 469 12.62 -2.41 -3.29
CA ILE B 469 12.21 -1.43 -4.34
C ILE B 469 12.48 0.01 -3.85
N GLU B 470 12.18 0.29 -2.58
CA GLU B 470 12.39 1.66 -2.04
C GLU B 470 13.88 2.00 -2.06
N GLU B 471 14.74 1.04 -1.69
CA GLU B 471 16.20 1.29 -1.60
C GLU B 471 16.78 1.63 -2.96
N PHE B 472 16.36 0.94 -4.02
CA PHE B 472 16.98 1.12 -5.35
C PHE B 472 16.25 2.16 -6.23
N THR B 473 15.21 2.81 -5.69
CA THR B 473 14.52 3.86 -6.47
C THR B 473 14.47 5.18 -5.73
N THR B 474 14.41 6.30 -6.47
CA THR B 474 14.24 7.61 -5.87
C THR B 474 12.92 8.22 -6.33
N ASP B 475 12.23 8.89 -5.41
CA ASP B 475 10.95 9.54 -5.69
C ASP B 475 11.14 10.99 -6.11
N HIS B 476 10.45 11.38 -7.17
CA HIS B 476 10.48 12.75 -7.68
C HIS B 476 9.07 13.33 -7.69
N TRP B 477 8.85 14.38 -6.91
CA TRP B 477 7.53 15.01 -6.79
C TRP B 477 7.43 16.13 -7.81
N ILE B 478 6.48 16.02 -8.73
CA ILE B 478 6.22 17.02 -9.75
C ILE B 478 4.81 17.54 -9.56
N SER B 479 4.68 18.84 -9.30
CA SER B 479 3.38 19.48 -9.19
C SER B 479 3.15 20.28 -10.46
N VAL B 480 2.00 20.06 -11.08
CA VAL B 480 1.64 20.67 -12.35
C VAL B 480 0.48 21.63 -12.12
N GLN B 481 0.63 22.85 -12.57
CA GLN B 481 -0.37 23.90 -12.40
C GLN B 481 -1.17 24.00 -13.69
N HIS B 482 -2.41 23.52 -13.66
CA HIS B 482 -3.27 23.58 -14.84
C HIS B 482 -4.03 24.89 -14.96
N ALA B 483 -4.18 25.63 -13.85
CA ALA B 483 -4.71 26.98 -13.89
C ALA B 483 -3.76 27.89 -13.12
N PRO B 484 -3.53 29.12 -13.61
CA PRO B 484 -2.51 29.98 -12.99
C PRO B 484 -2.80 30.26 -11.52
N ARG B 485 -1.74 30.27 -10.71
CA ARG B 485 -1.83 30.38 -9.26
C ARG B 485 -1.42 31.77 -8.79
N GLN B 486 -2.20 32.34 -7.89
CA GLN B 486 -1.92 33.66 -7.35
C GLN B 486 -0.91 33.57 -6.22
N TYR B 487 -0.06 34.58 -6.12
CA TYR B 487 1.03 34.58 -5.14
C TYR B 487 0.97 35.79 -4.21
N ASP C 3 -7.07 33.87 30.27
CA ASP C 3 -5.95 33.01 29.93
C ASP C 3 -4.87 33.85 29.24
N SER C 4 -3.67 33.85 29.82
CA SER C 4 -2.61 34.77 29.41
C SER C 4 -1.62 34.10 28.47
N ARG C 5 -0.73 34.92 27.94
CA ARG C 5 0.39 34.44 27.14
C ARG C 5 1.32 33.58 28.01
N TYR C 6 2.02 32.66 27.36
CA TYR C 6 3.05 31.89 28.05
C TYR C 6 4.08 32.84 28.65
N THR C 7 4.58 32.48 29.84
CA THR C 7 5.58 33.30 30.51
C THR C 7 6.64 32.38 31.10
N ASP C 8 7.80 32.98 31.43
CA ASP C 8 8.99 32.26 31.87
C ASP C 8 9.48 31.30 30.79
N LEU C 9 9.47 31.76 29.54
CA LEU C 9 9.91 30.94 28.42
C LEU C 9 11.42 30.66 28.45
N GLY C 10 12.17 31.32 29.33
CA GLY C 10 13.58 31.02 29.47
C GLY C 10 13.87 29.70 30.14
N LEU C 11 12.91 29.16 30.88
CA LEU C 11 13.11 27.87 31.52
C LEU C 11 13.06 26.76 30.47
N GLN C 12 14.05 25.87 30.50
CA GLN C 12 13.98 24.86 29.47
C GLN C 12 13.52 23.52 30.03
N PRO C 13 12.76 22.74 29.25
CA PRO C 13 12.22 21.47 29.75
C PRO C 13 13.23 20.34 29.66
N LEU C 14 13.82 19.95 30.78
CA LEU C 14 14.81 18.88 30.81
C LEU C 14 14.35 17.78 31.77
N ALA C 15 14.27 16.56 31.25
CA ALA C 15 14.04 15.36 32.05
C ALA C 15 12.80 15.47 32.93
N GLY C 16 11.73 16.06 32.39
CA GLY C 16 10.46 16.14 33.07
C GLY C 16 10.24 17.37 33.94
N GLU C 17 11.20 18.28 34.05
CA GLU C 17 10.99 19.49 34.83
C GLU C 17 11.49 20.70 34.05
N TRP C 18 10.81 21.82 34.23
CA TRP C 18 11.24 23.09 33.66
C TRP C 18 12.20 23.80 34.61
N ARG C 19 13.44 23.97 34.18
CA ARG C 19 14.49 24.50 35.04
C ARG C 19 15.53 25.22 34.20
N HIS C 20 16.41 25.95 34.88
CA HIS C 20 17.54 26.59 34.22
C HIS C 20 18.58 25.55 33.83
N GLY C 21 19.29 25.82 32.74
CA GLY C 21 20.42 24.98 32.37
C GLY C 21 21.55 25.15 33.38
N ARG C 22 22.32 24.07 33.55
CA ARG C 22 23.39 24.03 34.55
C ARG C 22 24.76 24.46 34.02
N ALA C 23 24.86 24.85 32.73
CA ALA C 23 26.16 25.10 32.10
C ALA C 23 26.94 26.27 32.71
N GLY C 24 26.23 27.24 33.30
CA GLY C 24 26.82 28.44 33.87
C GLY C 24 26.93 29.66 32.98
N ARG C 25 26.76 29.53 31.67
CA ARG C 25 26.65 30.69 30.79
C ARG C 25 25.21 31.05 30.42
N ARG C 26 24.90 32.36 30.43
CA ARG C 26 23.60 32.90 30.02
C ARG C 26 23.62 33.25 28.54
N LEU C 27 22.54 32.90 27.83
CA LEU C 27 22.39 33.19 26.41
C LEU C 27 21.37 34.30 26.24
N LYS C 28 21.69 35.33 25.45
CA LYS C 28 20.72 36.39 25.24
C LYS C 28 20.03 36.20 23.90
N VAL C 29 18.71 36.31 23.90
CA VAL C 29 17.86 36.19 22.72
C VAL C 29 17.30 37.57 22.40
N SER C 30 17.55 38.03 21.18
CA SER C 30 17.29 39.41 20.79
C SER C 30 16.53 39.48 19.48
N ASN C 31 15.72 40.51 19.36
CA ASN C 31 15.02 40.79 18.11
C ASN C 31 16.01 41.25 17.05
N PRO C 32 16.03 40.62 15.87
CA PRO C 32 16.97 41.05 14.83
C PRO C 32 16.71 42.47 14.31
N PHE C 33 15.46 42.91 14.30
CA PHE C 33 15.13 44.19 13.70
C PHE C 33 15.68 45.35 14.53
N ASP C 34 15.34 45.39 15.82
CA ASP C 34 15.71 46.52 16.66
C ASP C 34 16.85 46.22 17.62
N GLY C 35 17.19 44.95 17.82
CA GLY C 35 18.23 44.58 18.77
C GLY C 35 17.75 44.44 20.21
N SER C 36 16.47 44.59 20.47
CA SER C 36 15.96 44.50 21.83
C SER C 36 16.01 43.07 22.34
N LEU C 37 16.24 42.95 23.65
CA LEU C 37 16.43 41.65 24.28
C LEU C 37 15.07 41.04 24.61
N LEU C 38 14.74 39.92 23.97
CA LEU C 38 13.48 39.25 24.25
C LEU C 38 13.51 38.47 25.56
N LEU C 39 14.55 37.69 25.79
CA LEU C 39 14.67 36.91 27.03
C LEU C 39 16.11 36.40 27.16
N GLU C 40 16.41 35.84 28.35
CA GLU C 40 17.72 35.32 28.72
C GLU C 40 17.58 33.89 29.25
N ILE C 41 18.50 33.02 28.82
CA ILE C 41 18.44 31.58 29.11
C ILE C 41 19.78 31.10 29.66
N GLU C 42 19.78 30.38 30.75
CA GLU C 42 20.96 29.59 31.00
C GLU C 42 21.06 28.41 30.11
N GLN C 43 22.22 28.34 29.48
CA GLN C 43 22.51 27.27 28.56
C GLN C 43 22.63 25.98 29.34
N ALA C 44 22.25 24.88 28.71
CA ALA C 44 22.34 23.58 29.32
C ALA C 44 23.74 23.03 29.07
N ASP C 45 24.26 22.29 30.05
CA ASP C 45 25.54 21.60 29.90
C ASP C 45 25.30 20.19 29.38
N ARG C 46 26.41 19.47 29.16
CA ARG C 46 26.31 18.09 28.69
C ARG C 46 25.65 17.17 29.71
N ASP C 47 25.78 17.48 31.01
CA ASP C 47 25.04 16.71 32.01
C ASP C 47 23.54 16.88 31.84
N ASP C 48 23.10 18.09 31.49
CA ASP C 48 21.69 18.29 31.20
C ASP C 48 21.24 17.45 30.01
N LEU C 49 22.08 17.38 28.97
CA LEU C 49 21.72 16.60 27.79
C LEU C 49 21.56 15.12 28.14
N ASP C 50 22.49 14.56 28.92
CA ASP C 50 22.38 13.15 29.33
C ASP C 50 21.10 12.92 30.14
N ALA C 51 20.74 13.87 31.00
CA ALA C 51 19.53 13.73 31.79
C ALA C 51 18.30 13.78 30.89
N ALA C 52 18.31 14.66 29.87
CA ALA C 52 17.19 14.76 28.95
C ALA C 52 16.99 13.48 28.16
N TYR C 53 18.09 12.92 27.63
CA TYR C 53 17.99 11.68 26.86
C TYR C 53 17.54 10.52 27.74
N ALA C 54 18.11 10.40 28.94
CA ALA C 54 17.81 9.26 29.80
C ALA C 54 16.35 9.25 30.24
N LYS C 55 15.82 10.42 30.60
CA LYS C 55 14.40 10.49 30.95
C LYS C 55 13.53 10.17 29.75
N ALA C 56 13.94 10.61 28.56
CA ALA C 56 13.16 10.34 27.35
C ALA C 56 13.06 8.85 27.07
N ALA C 57 14.18 8.13 27.19
CA ALA C 57 14.15 6.68 27.01
C ALA C 57 13.32 6.01 28.08
N GLU C 58 13.29 6.56 29.29
CA GLU C 58 12.59 5.93 30.41
C GLU C 58 11.08 6.02 30.26
N VAL C 59 10.56 7.22 29.95
CA VAL C 59 9.12 7.40 29.91
C VAL C 59 8.51 6.98 28.57
N GLN C 60 9.31 6.85 27.52
CA GLN C 60 8.78 6.54 26.18
C GLN C 60 7.98 5.25 26.12
N PRO C 61 8.40 4.11 26.69
CA PRO C 61 7.61 2.88 26.50
C PRO C 61 6.17 2.98 26.99
N ALA C 62 5.93 3.69 28.10
CA ALA C 62 4.57 3.92 28.54
C ALA C 62 3.78 4.73 27.52
N TRP C 63 4.43 5.72 26.89
CA TRP C 63 3.80 6.51 25.84
C TRP C 63 3.42 5.62 24.65
N ALA C 64 4.38 4.80 24.18
CA ALA C 64 4.09 3.90 23.08
C ALA C 64 3.03 2.87 23.45
N ALA C 65 3.01 2.43 24.72
CA ALA C 65 2.05 1.45 25.16
C ALA C 65 0.61 1.96 25.05
N LEU C 66 0.42 3.27 25.12
CA LEU C 66 -0.93 3.83 25.08
C LEU C 66 -1.62 3.49 23.77
N GLY C 67 -2.95 3.50 23.79
CA GLY C 67 -3.71 3.26 22.59
C GLY C 67 -3.50 4.38 21.60
N PRO C 68 -3.77 4.12 20.32
CA PRO C 68 -3.54 5.15 19.30
C PRO C 68 -4.37 6.40 19.51
N SER C 69 -5.61 6.25 19.96
CA SER C 69 -6.46 7.42 20.19
C SER C 69 -5.89 8.30 21.31
N ALA C 70 -5.30 7.69 22.32
CA ALA C 70 -4.72 8.46 23.42
C ALA C 70 -3.61 9.37 22.91
N ARG C 71 -2.70 8.83 22.11
CA ARG C 71 -1.65 9.65 21.53
C ARG C 71 -2.20 10.66 20.53
N ALA C 72 -3.20 10.25 19.74
CA ALA C 72 -3.80 11.17 18.78
C ALA C 72 -4.51 12.32 19.47
N ALA C 73 -5.10 12.10 20.64
CA ALA C 73 -5.80 13.17 21.35
C ALA C 73 -4.87 14.33 21.67
N VAL C 74 -3.62 14.03 22.03
CA VAL C 74 -2.66 15.08 22.36
C VAL C 74 -2.34 15.93 21.13
N LEU C 75 -2.17 15.29 19.97
CA LEU C 75 -1.92 16.04 18.74
C LEU C 75 -3.13 16.91 18.37
N TYR C 76 -4.34 16.37 18.57
CA TYR C 76 -5.54 17.17 18.29
C TYR C 76 -5.61 18.38 19.23
N LYS C 77 -5.29 18.19 20.51
CA LYS C 77 -5.27 19.30 21.46
C LYS C 77 -4.21 20.33 21.06
N ALA C 78 -3.07 19.87 20.56
CA ALA C 78 -2.02 20.79 20.13
C ALA C 78 -2.51 21.69 19.01
N VAL C 79 -3.36 21.16 18.13
CA VAL C 79 -3.98 21.97 17.09
C VAL C 79 -4.88 23.03 17.72
N GLU C 80 -5.59 22.67 18.78
CA GLU C 80 -6.46 23.62 19.47
C GLU C 80 -5.64 24.77 20.07
N VAL C 81 -4.49 24.44 20.66
CA VAL C 81 -3.63 25.49 21.22
C VAL C 81 -3.11 26.39 20.11
N PHE C 82 -2.78 25.82 18.95
CA PHE C 82 -2.29 26.63 17.83
C PHE C 82 -3.29 27.70 17.45
N ASP C 83 -4.59 27.35 17.43
CA ASP C 83 -5.61 28.35 17.14
C ASP C 83 -5.77 29.34 18.28
N ARG C 84 -5.74 28.86 19.53
CA ARG C 84 -5.96 29.74 20.67
C ARG C 84 -4.82 30.76 20.81
N ARG C 85 -3.58 30.33 20.58
CA ARG C 85 -2.40 31.17 20.73
C ARG C 85 -1.87 31.66 19.40
N HIS C 86 -2.73 31.79 18.38
CA HIS C 86 -2.28 32.05 17.01
C HIS C 86 -1.43 33.31 16.93
N GLU C 87 -1.95 34.44 17.43
CA GLU C 87 -1.18 35.68 17.38
C GLU C 87 0.07 35.59 18.23
N GLU C 88 -0.02 34.93 19.39
CA GLU C 88 1.14 34.79 20.26
C GLU C 88 2.25 33.98 19.58
N ILE C 89 1.88 32.92 18.87
CA ILE C 89 2.87 32.12 18.15
C ILE C 89 3.51 32.93 17.05
N VAL C 90 2.68 33.62 16.25
CA VAL C 90 3.21 34.41 15.13
C VAL C 90 4.06 35.56 15.63
N ASP C 91 3.63 36.22 16.71
CA ASP C 91 4.43 37.31 17.26
C ASP C 91 5.80 36.82 17.69
N TRP C 92 5.86 35.64 18.28
CA TRP C 92 7.15 35.08 18.69
C TRP C 92 8.03 34.80 17.50
N ILE C 93 7.46 34.28 16.40
CA ILE C 93 8.23 34.01 15.20
C ILE C 93 8.80 35.31 14.63
N ILE C 94 7.98 36.37 14.58
CA ILE C 94 8.44 37.64 14.04
C ILE C 94 9.56 38.22 14.90
N ARG C 95 9.36 38.25 16.22
CA ARG C 95 10.32 38.92 17.10
C ARG C 95 11.64 38.15 17.16
N GLU C 96 11.57 36.83 17.34
CA GLU C 96 12.80 36.05 17.54
C GLU C 96 13.62 35.92 16.26
N SER C 97 12.98 35.63 15.13
CA SER C 97 13.69 35.28 13.91
C SER C 97 13.82 36.44 12.93
N GLY C 98 13.25 37.60 13.23
CA GLY C 98 13.21 38.66 12.24
C GLY C 98 12.34 38.34 11.06
N SER C 99 11.39 37.43 11.23
CA SER C 99 10.52 36.98 10.16
C SER C 99 9.42 38.00 9.86
N THR C 100 9.18 38.25 8.58
CA THR C 100 8.05 39.06 8.17
C THR C 100 6.73 38.44 8.65
N ARG C 101 5.75 39.29 8.88
CA ARG C 101 4.46 38.82 9.39
C ARG C 101 3.79 37.85 8.43
N LEU C 102 3.88 38.09 7.12
CA LEU C 102 3.25 37.18 6.17
C LEU C 102 3.90 35.81 6.18
N LYS C 103 5.24 35.75 6.29
CA LYS C 103 5.88 34.44 6.38
C LYS C 103 5.53 33.76 7.69
N ALA C 104 5.49 34.51 8.79
CA ALA C 104 5.17 33.93 10.08
C ALA C 104 3.78 33.33 10.08
N GLU C 105 2.83 33.97 9.40
CA GLU C 105 1.50 33.38 9.26
C GLU C 105 1.58 32.10 8.42
N ILE C 106 2.41 32.10 7.39
CA ILE C 106 2.61 30.89 6.58
C ILE C 106 3.22 29.78 7.44
N GLU C 107 4.27 30.12 8.20
CA GLU C 107 4.91 29.12 9.05
C GLU C 107 3.94 28.56 10.09
N TRP C 108 3.11 29.42 10.67
CA TRP C 108 2.12 28.95 11.63
C TRP C 108 1.15 27.97 10.99
N GLY C 109 0.70 28.27 9.77
CA GLY C 109 -0.22 27.37 9.08
C GLY C 109 0.41 26.03 8.75
N ALA C 110 1.66 26.05 8.26
CA ALA C 110 2.35 24.80 7.94
C ALA C 110 2.55 23.95 9.18
N ALA C 111 2.96 24.58 10.29
CA ALA C 111 3.13 23.83 11.54
C ALA C 111 1.80 23.29 12.05
N ARG C 112 0.73 24.08 11.90
CA ARG C 112 -0.59 23.61 12.31
C ARG C 112 -1.03 22.41 11.47
N ALA C 113 -0.82 22.47 10.16
CA ALA C 113 -1.27 21.40 9.28
C ALA C 113 -0.53 20.11 9.58
N ILE C 114 0.79 20.18 9.78
CA ILE C 114 1.57 19.00 10.12
C ILE C 114 1.07 18.38 11.42
N THR C 115 0.76 19.22 12.42
CA THR C 115 0.22 18.69 13.67
C THR C 115 -1.11 17.98 13.44
N LEU C 116 -1.98 18.56 12.61
CA LEU C 116 -3.25 17.91 12.30
C LEU C 116 -3.02 16.60 11.55
N GLU C 117 -2.14 16.62 10.55
CA GLU C 117 -1.85 15.40 9.78
C GLU C 117 -1.26 14.31 10.67
N SER C 118 -0.39 14.69 11.61
CA SER C 118 0.22 13.70 12.50
C SER C 118 -0.80 13.00 13.37
N ALA C 119 -1.90 13.69 13.72
CA ALA C 119 -2.91 13.08 14.58
C ALA C 119 -3.50 11.82 13.98
N SER C 120 -3.61 11.75 12.64
CA SER C 120 -4.14 10.56 11.97
C SER C 120 -3.15 9.40 11.96
N PHE C 121 -1.86 9.67 12.12
CA PHE C 121 -0.85 8.62 11.94
C PHE C 121 -1.03 7.41 12.87
N PRO C 122 -1.37 7.55 14.15
CA PRO C 122 -1.48 6.34 14.99
C PRO C 122 -2.48 5.32 14.48
N ALA C 123 -3.63 5.76 13.95
CA ALA C 123 -4.58 4.81 13.38
C ALA C 123 -4.05 4.19 12.09
N ARG C 124 -3.22 4.91 11.35
CA ARG C 124 -2.79 4.45 10.04
C ARG C 124 -1.64 3.45 10.09
N VAL C 125 -0.74 3.58 11.08
CA VAL C 125 0.44 2.73 11.12
C VAL C 125 0.03 1.29 11.35
N HIS C 126 0.65 0.37 10.60
CA HIS C 126 0.30 -1.04 10.75
C HIS C 126 1.50 -1.92 10.41
N GLY C 127 1.51 -3.10 11.03
CA GLY C 127 2.45 -4.14 10.68
C GLY C 127 1.95 -4.99 9.53
N ARG C 128 2.75 -6.01 9.19
CA ARG C 128 2.45 -6.89 8.08
C ARG C 128 2.63 -8.35 8.48
N ILE C 129 1.75 -9.22 7.98
CA ILE C 129 1.87 -10.67 8.11
C ILE C 129 2.19 -11.28 6.75
N VAL C 130 3.26 -12.07 6.69
CA VAL C 130 3.82 -12.57 5.44
C VAL C 130 3.87 -14.09 5.46
N GLU C 131 3.56 -14.70 4.31
CA GLU C 131 3.62 -16.15 4.15
C GLU C 131 5.06 -16.65 4.06
N SER C 132 5.29 -17.84 4.60
CA SER C 132 6.62 -18.46 4.64
C SER C 132 6.60 -19.82 3.93
N ASP C 133 7.68 -20.10 3.20
CA ASP C 133 7.84 -21.42 2.59
C ASP C 133 8.05 -22.51 3.63
N VAL C 134 8.74 -22.18 4.72
CA VAL C 134 9.08 -23.15 5.77
C VAL C 134 7.80 -23.66 6.41
N PRO C 135 7.61 -24.97 6.54
CA PRO C 135 6.36 -25.49 7.11
C PRO C 135 6.18 -25.08 8.56
N GLY C 136 4.95 -24.71 8.90
CA GLY C 136 4.64 -24.29 10.26
C GLY C 136 5.16 -22.93 10.68
N LYS C 137 5.63 -22.11 9.74
CA LYS C 137 6.23 -20.83 10.07
C LYS C 137 5.32 -19.68 9.66
N GLU C 138 5.07 -18.76 10.58
CA GLU C 138 4.32 -17.55 10.33
C GLU C 138 5.27 -16.37 10.47
N SER C 139 5.29 -15.50 9.46
CA SER C 139 6.22 -14.36 9.44
C SER C 139 5.45 -13.10 9.77
N ARG C 140 5.86 -12.43 10.85
CA ARG C 140 5.21 -11.23 11.33
C ARG C 140 6.20 -10.08 11.32
N VAL C 141 5.78 -8.94 10.76
CA VAL C 141 6.56 -7.71 10.81
C VAL C 141 5.80 -6.71 11.66
N TYR C 142 6.41 -6.30 12.77
CA TYR C 142 5.79 -5.35 13.68
C TYR C 142 6.39 -3.98 13.44
N ARG C 143 5.54 -2.99 13.19
CA ARG C 143 5.97 -1.61 13.07
C ARG C 143 5.92 -0.97 14.45
N SER C 144 7.03 -0.44 14.91
CA SER C 144 7.15 0.08 16.27
C SER C 144 7.80 1.45 16.22
N ALA C 145 7.59 2.23 17.27
CA ALA C 145 8.29 3.49 17.41
C ALA C 145 9.79 3.22 17.49
N ILE C 146 10.58 4.17 16.97
CA ILE C 146 12.03 4.02 17.05
C ILE C 146 12.48 4.02 18.50
N GLY C 147 11.88 4.90 19.32
CA GLY C 147 12.33 5.11 20.68
C GLY C 147 12.47 6.59 20.95
N VAL C 148 13.71 7.07 21.05
CA VAL C 148 13.99 8.49 21.25
C VAL C 148 14.59 9.03 19.97
N VAL C 149 14.07 10.17 19.51
CA VAL C 149 14.53 10.83 18.30
C VAL C 149 15.13 12.18 18.69
N GLY C 150 16.32 12.47 18.21
CA GLY C 150 16.97 13.75 18.42
C GLY C 150 16.80 14.63 17.22
N VAL C 151 16.36 15.87 17.45
CA VAL C 151 16.01 16.80 16.40
C VAL C 151 16.85 18.06 16.57
N ILE C 152 17.51 18.48 15.49
CA ILE C 152 18.29 19.71 15.45
C ILE C 152 17.55 20.69 14.55
N SER C 153 17.36 21.91 15.05
CA SER C 153 16.51 22.84 14.34
C SER C 153 17.32 23.97 13.72
N PRO C 154 16.96 24.41 12.52
CA PRO C 154 17.61 25.56 11.90
C PRO C 154 17.01 26.86 12.43
N TRP C 155 17.60 27.98 12.01
CA TRP C 155 17.11 29.27 12.42
C TRP C 155 16.07 29.83 11.45
N ASN C 156 16.06 29.36 10.21
CA ASN C 156 15.25 29.98 9.16
C ASN C 156 13.75 29.77 9.37
N PHE C 157 13.33 28.53 9.57
CA PHE C 157 11.93 28.19 9.83
C PHE C 157 11.91 27.31 11.07
N PRO C 158 12.26 27.87 12.23
CA PRO C 158 12.48 26.99 13.40
C PRO C 158 11.23 26.26 13.86
N LEU C 159 10.08 26.93 13.91
CA LEU C 159 8.90 26.29 14.48
C LEU C 159 8.32 25.25 13.53
N HIS C 160 8.20 25.57 12.25
CA HIS C 160 7.65 24.60 11.30
C HIS C 160 8.59 23.42 11.12
N LEU C 161 9.88 23.68 10.90
CA LEU C 161 10.80 22.60 10.60
C LEU C 161 11.04 21.70 11.81
N THR C 162 10.98 22.24 13.03
CA THR C 162 11.00 21.38 14.21
C THR C 162 9.74 20.55 14.30
N GLN C 163 8.57 21.18 14.15
CA GLN C 163 7.32 20.46 14.31
C GLN C 163 7.16 19.37 13.26
N ARG C 164 7.74 19.58 12.08
CA ARG C 164 7.63 18.61 11.01
C ARG C 164 8.28 17.28 11.38
N SER C 165 9.32 17.30 12.21
CA SER C 165 9.85 16.08 12.81
C SER C 165 9.16 15.71 14.11
N ILE C 166 8.90 16.70 14.95
CA ILE C 166 8.46 16.45 16.33
C ILE C 166 7.07 15.84 16.36
N ALA C 167 6.13 16.44 15.64
CA ALA C 167 4.75 15.97 15.71
C ALA C 167 4.57 14.54 15.19
N PRO C 168 5.16 14.13 14.05
CA PRO C 168 5.05 12.72 13.65
C PRO C 168 5.69 11.76 14.63
N ALA C 169 6.89 12.07 15.12
CA ALA C 169 7.58 11.16 16.03
C ALA C 169 6.80 10.96 17.33
N LEU C 170 6.29 12.05 17.90
CA LEU C 170 5.52 11.95 19.14
C LEU C 170 4.21 11.19 18.91
N ALA C 171 3.52 11.48 17.81
CA ALA C 171 2.27 10.77 17.52
C ALA C 171 2.51 9.27 17.36
N LEU C 172 3.65 8.90 16.76
CA LEU C 172 3.96 7.50 16.49
C LEU C 172 4.58 6.80 17.69
N GLY C 173 4.56 7.40 18.88
CA GLY C 173 5.00 6.75 20.09
C GLY C 173 6.43 7.00 20.50
N ASN C 174 7.17 7.83 19.76
CA ASN C 174 8.53 8.15 20.14
C ASN C 174 8.57 9.24 21.21
N ALA C 175 9.75 9.36 21.83
CA ALA C 175 10.12 10.50 22.65
C ALA C 175 11.14 11.33 21.89
N VAL C 176 11.10 12.65 22.08
CA VAL C 176 11.93 13.55 21.29
C VAL C 176 12.77 14.43 22.20
N VAL C 177 14.02 14.65 21.80
CA VAL C 177 14.91 15.63 22.41
C VAL C 177 15.35 16.58 21.31
N VAL C 178 15.21 17.89 21.55
CA VAL C 178 15.36 18.90 20.51
C VAL C 178 16.52 19.82 20.90
N LYS C 179 17.43 20.04 19.94
CA LYS C 179 18.44 21.08 20.05
C LYS C 179 18.09 22.21 19.09
N PRO C 180 17.54 23.32 19.57
CA PRO C 180 17.18 24.41 18.66
C PRO C 180 18.38 25.28 18.33
N ALA C 181 18.22 26.07 17.26
CA ALA C 181 19.23 27.04 16.90
C ALA C 181 19.37 28.10 17.98
N SER C 182 20.62 28.47 18.28
CA SER C 182 20.87 29.39 19.38
C SER C 182 20.22 30.75 19.15
N ASP C 183 20.10 31.16 17.89
CA ASP C 183 19.42 32.42 17.58
C ASP C 183 17.91 32.34 17.80
N THR C 184 17.31 31.16 17.66
CA THR C 184 15.86 31.00 17.76
C THR C 184 15.49 29.84 18.68
N PRO C 185 15.78 29.89 20.01
CA PRO C 185 15.41 28.79 20.87
C PRO C 185 13.92 28.63 21.13
N VAL C 186 13.21 29.74 21.29
CA VAL C 186 11.75 29.67 21.62
C VAL C 186 10.95 29.08 20.45
N CYS C 187 11.01 29.67 19.26
CA CYS C 187 10.35 29.06 18.09
C CYS C 187 11.16 27.83 17.69
N GLY C 188 12.12 27.43 18.52
CA GLY C 188 13.00 26.26 18.27
C GLY C 188 12.41 25.07 18.99
N GLY C 189 11.18 25.19 19.46
CA GLY C 189 10.53 24.12 20.25
C GLY C 189 10.49 24.40 21.73
N LEU C 190 11.11 25.47 22.21
CA LEU C 190 10.87 25.82 23.63
C LEU C 190 9.38 26.17 23.70
N LEU C 191 8.88 26.93 22.72
CA LEU C 191 7.42 27.24 22.63
C LEU C 191 6.63 25.95 22.36
N LEU C 192 7.15 25.08 21.50
CA LEU C 192 6.42 23.85 21.13
C LEU C 192 6.32 22.95 22.36
N ALA C 193 7.36 22.94 23.20
CA ALA C 193 7.27 22.16 24.42
C ALA C 193 6.14 22.66 25.32
N ARG C 194 5.96 23.98 25.39
CA ARG C 194 4.85 24.54 26.16
C ARG C 194 3.52 24.18 25.52
N ILE C 195 3.45 24.20 24.19
CA ILE C 195 2.20 23.86 23.50
C ILE C 195 1.82 22.41 23.78
N PHE C 196 2.79 21.50 23.66
CA PHE C 196 2.51 20.08 23.91
C PHE C 196 2.19 19.81 25.37
N GLU C 197 2.79 20.57 26.30
CA GLU C 197 2.42 20.45 27.71
C GLU C 197 0.94 20.78 27.90
N GLU C 198 0.48 21.89 27.33
CA GLU C 198 -0.93 22.25 27.41
C GLU C 198 -1.79 21.17 26.77
N ALA C 199 -1.31 20.57 25.68
CA ALA C 199 -2.04 19.50 25.00
C ALA C 199 -2.12 18.23 25.83
N GLY C 200 -1.33 18.11 26.90
CA GLY C 200 -1.35 16.93 27.74
C GLY C 200 -0.26 15.91 27.48
N LEU C 201 0.80 16.29 26.77
CA LEU C 201 1.88 15.34 26.53
C LEU C 201 2.56 15.00 27.85
N PRO C 202 2.76 13.72 28.15
CA PRO C 202 3.37 13.35 29.44
C PRO C 202 4.77 13.90 29.60
N ALA C 203 5.11 14.22 30.85
CA ALA C 203 6.38 14.86 31.17
C ALA C 203 7.55 13.94 30.83
N GLY C 204 8.63 14.54 30.32
CA GLY C 204 9.82 13.82 29.94
C GLY C 204 9.86 13.33 28.51
N LEU C 205 8.72 13.34 27.81
CA LEU C 205 8.67 12.89 26.42
C LEU C 205 9.33 13.89 25.48
N PHE C 206 9.27 15.18 25.81
CA PHE C 206 9.78 16.26 24.99
C PHE C 206 10.71 17.12 25.85
N SER C 207 12.00 17.11 25.50
CA SER C 207 12.98 17.95 26.17
C SER C 207 13.67 18.84 25.15
N VAL C 208 13.96 20.08 25.55
CA VAL C 208 14.69 21.04 24.75
C VAL C 208 16.01 21.34 25.45
N VAL C 209 17.11 21.22 24.72
CA VAL C 209 18.45 21.44 25.26
C VAL C 209 19.01 22.67 24.55
N VAL C 210 19.22 23.75 25.30
CA VAL C 210 19.72 25.00 24.75
C VAL C 210 21.18 25.11 25.15
N GLY C 211 22.06 25.06 24.16
CA GLY C 211 23.48 25.14 24.37
C GLY C 211 24.18 25.45 23.07
N PRO C 212 25.46 25.81 23.13
CA PRO C 212 26.21 26.08 21.90
C PRO C 212 26.35 24.83 21.05
N GLY C 213 26.12 24.99 19.74
CA GLY C 213 26.27 23.87 18.83
C GLY C 213 27.66 23.29 18.84
N SER C 214 28.68 24.15 18.98
CA SER C 214 30.05 23.68 19.07
C SER C 214 30.37 23.05 20.43
N GLU C 215 29.59 23.34 21.46
CA GLU C 215 29.91 22.82 22.79
C GLU C 215 29.31 21.45 23.04
N ILE C 216 28.02 21.28 22.74
CA ILE C 216 27.31 20.04 23.03
C ILE C 216 26.67 19.44 21.79
N GLY C 217 26.84 20.07 20.62
CA GLY C 217 26.20 19.55 19.41
C GLY C 217 26.71 18.19 19.02
N ASP C 218 28.03 18.01 19.03
CA ASP C 218 28.59 16.71 18.67
C ASP C 218 28.15 15.64 19.66
N ALA C 219 28.11 15.98 20.95
CA ALA C 219 27.61 15.05 21.95
C ALA C 219 26.14 14.70 21.71
N PHE C 220 25.37 15.65 21.16
CA PHE C 220 23.97 15.41 20.88
C PHE C 220 23.80 14.28 19.87
N VAL C 221 24.62 14.30 18.81
CA VAL C 221 24.57 13.22 17.83
C VAL C 221 25.29 11.98 18.34
N GLU C 222 26.35 12.15 19.14
CA GLU C 222 27.15 11.02 19.60
C GLU C 222 26.38 10.13 20.57
N HIS C 223 25.40 10.67 21.27
CA HIS C 223 24.82 9.98 22.43
C HIS C 223 24.26 8.61 22.03
N PRO C 224 24.41 7.59 22.88
CA PRO C 224 23.90 6.26 22.52
C PRO C 224 22.38 6.17 22.50
N VAL C 225 21.68 6.98 23.31
CA VAL C 225 20.25 6.77 23.43
C VAL C 225 19.46 7.03 22.15
N PRO C 226 19.66 8.12 21.42
CA PRO C 226 18.77 8.40 20.28
C PRO C 226 18.91 7.36 19.18
N GLY C 227 17.77 6.78 18.78
CA GLY C 227 17.77 5.89 17.64
C GLY C 227 17.91 6.60 16.31
N LEU C 228 17.39 7.81 16.21
CA LEU C 228 17.41 8.57 14.97
C LEU C 228 17.70 10.04 15.28
N VAL C 229 18.44 10.69 14.39
CA VAL C 229 18.70 12.12 14.47
C VAL C 229 18.28 12.76 13.15
N THR C 230 17.47 13.81 13.25
CA THR C 230 16.98 14.54 12.07
C THR C 230 17.55 15.95 12.08
N PHE C 231 18.06 16.38 10.92
CA PHE C 231 18.65 17.70 10.80
C PHE C 231 18.22 18.38 9.51
N THR C 232 17.86 19.66 9.62
CA THR C 232 17.68 20.56 8.49
C THR C 232 18.54 21.79 8.70
N GLY C 233 19.30 22.18 7.68
CA GLY C 233 20.21 23.30 7.83
C GLY C 233 21.22 23.35 6.69
N SER C 234 22.33 24.03 6.96
CA SER C 234 23.35 24.22 5.96
C SER C 234 24.08 22.91 5.65
N THR C 235 24.61 22.82 4.43
CA THR C 235 25.33 21.62 4.02
C THR C 235 26.61 21.36 4.83
N PRO C 236 27.45 22.35 5.16
CA PRO C 236 28.67 22.04 5.91
C PRO C 236 28.44 21.40 7.27
N VAL C 237 27.47 21.90 8.03
CA VAL C 237 27.22 21.31 9.35
C VAL C 237 26.66 19.90 9.20
N GLY C 238 25.76 19.69 8.23
CA GLY C 238 25.16 18.38 8.03
C GLY C 238 26.19 17.30 7.80
N ARG C 239 27.27 17.62 7.09
CA ARG C 239 28.34 16.64 6.90
C ARG C 239 28.95 16.25 8.25
N ASN C 240 29.11 17.22 9.15
CA ASN C 240 29.61 16.89 10.48
C ASN C 240 28.61 16.04 11.26
N ILE C 241 27.32 16.37 11.17
CA ILE C 241 26.31 15.54 11.80
C ILE C 241 26.26 14.17 11.15
N GLY C 242 26.35 14.12 9.82
CA GLY C 242 26.35 12.85 9.13
C GLY C 242 27.56 12.00 9.45
N ARG C 243 28.74 12.61 9.56
CA ARG C 243 29.93 11.82 9.84
C ARG C 243 29.91 11.25 11.26
N ILE C 244 29.30 11.98 12.20
CA ILE C 244 29.22 11.49 13.57
C ILE C 244 28.28 10.29 13.67
N ALA C 245 27.08 10.42 13.09
CA ALA C 245 26.08 9.36 13.24
C ALA C 245 26.49 8.09 12.52
N SER C 246 27.02 8.22 11.29
CA SER C 246 27.48 7.06 10.55
C SER C 246 28.86 6.58 11.00
N GLY C 247 29.74 7.49 11.40
CA GLY C 247 31.09 7.09 11.76
C GLY C 247 31.39 6.97 13.24
N GLY C 248 30.44 7.36 14.10
CA GLY C 248 30.69 7.40 15.53
C GLY C 248 30.68 6.02 16.20
N ALA C 249 31.01 6.04 17.49
CA ALA C 249 30.97 4.82 18.29
C ALA C 249 29.57 4.22 18.31
N HIS C 250 28.56 5.05 18.45
CA HIS C 250 27.18 4.61 18.37
C HIS C 250 26.59 5.06 17.03
N LEU C 251 26.11 4.10 16.25
CA LEU C 251 25.61 4.35 14.91
C LEU C 251 24.09 4.42 14.97
N LYS C 252 23.50 5.48 14.42
CA LYS C 252 22.07 5.71 14.47
C LYS C 252 21.61 6.15 13.10
N HIS C 253 20.30 6.07 12.81
CA HIS C 253 19.89 6.60 11.53
C HIS C 253 20.06 8.11 11.59
N VAL C 254 20.39 8.72 10.47
CA VAL C 254 20.41 10.17 10.39
C VAL C 254 19.61 10.58 9.17
N ALA C 255 18.66 11.50 9.37
CA ALA C 255 17.92 12.11 8.28
C ALA C 255 18.42 13.54 8.12
N LEU C 256 18.97 13.83 6.95
CA LEU C 256 19.59 15.12 6.68
C LEU C 256 18.86 15.82 5.55
N GLU C 257 18.50 17.07 5.79
CA GLU C 257 18.00 17.98 4.76
C GLU C 257 18.97 19.14 4.67
N LEU C 258 19.73 19.19 3.57
CA LEU C 258 20.79 20.18 3.41
C LEU C 258 20.41 21.19 2.34
N GLY C 259 20.75 22.45 2.60
CA GLY C 259 20.33 23.53 1.73
C GLY C 259 20.78 23.32 0.29
N GLY C 260 19.91 23.67 -0.64
CA GLY C 260 20.20 23.49 -2.05
C GLY C 260 20.00 24.77 -2.84
N ASN C 261 20.95 25.06 -3.72
CA ASN C 261 20.73 26.07 -4.75
C ASN C 261 19.70 25.53 -5.72
N SER C 262 18.53 26.16 -5.75
CA SER C 262 17.37 25.65 -6.44
C SER C 262 17.15 26.41 -7.74
N PRO C 263 17.10 25.73 -8.89
CA PRO C 263 16.95 26.44 -10.16
C PRO C 263 15.49 26.77 -10.46
N PHE C 264 15.28 28.01 -10.92
CA PHE C 264 14.00 28.49 -11.42
C PHE C 264 14.19 28.72 -12.92
N VAL C 265 13.51 27.91 -13.73
CA VAL C 265 13.76 27.87 -15.17
C VAL C 265 12.54 28.44 -15.91
N VAL C 266 12.79 29.43 -16.76
CA VAL C 266 11.76 30.05 -17.60
C VAL C 266 12.12 29.76 -19.04
N LEU C 267 11.34 28.89 -19.69
CA LEU C 267 11.55 28.60 -21.10
C LEU C 267 10.88 29.67 -21.97
N GLY C 268 11.20 29.63 -23.26
CA GLY C 268 10.84 30.72 -24.16
C GLY C 268 9.34 30.94 -24.27
N ASP C 269 8.57 29.85 -24.32
CA ASP C 269 7.13 29.94 -24.50
C ASP C 269 6.38 30.33 -23.24
N ALA C 270 7.08 30.48 -22.11
CA ALA C 270 6.42 30.80 -20.85
C ALA C 270 5.71 32.15 -20.91
N ASP C 271 4.56 32.22 -20.24
CA ASP C 271 3.90 33.50 -20.02
C ASP C 271 4.76 34.33 -19.09
N LEU C 272 5.16 35.53 -19.55
CA LEU C 272 6.15 36.30 -18.83
C LEU C 272 5.64 36.78 -17.48
N GLU C 273 4.42 37.32 -17.43
CA GLU C 273 3.89 37.85 -16.18
C GLU C 273 3.88 36.80 -15.08
N GLN C 274 3.38 35.61 -15.39
CA GLN C 274 3.28 34.57 -14.37
C GLN C 274 4.65 34.19 -13.85
N ALA C 275 5.63 34.02 -14.76
CA ALA C 275 6.99 33.68 -14.37
C ALA C 275 7.61 34.77 -13.50
N VAL C 276 7.42 36.03 -13.90
CA VAL C 276 8.00 37.16 -13.13
C VAL C 276 7.37 37.18 -11.74
N SER C 277 6.04 37.10 -11.67
CA SER C 277 5.34 37.19 -10.36
C SER C 277 5.74 36.01 -9.46
N ALA C 278 5.84 34.81 -10.05
CA ALA C 278 6.23 33.62 -9.26
C ALA C 278 7.67 33.82 -8.76
N ALA C 279 8.55 34.28 -9.64
CA ALA C 279 9.94 34.48 -9.25
C ALA C 279 10.04 35.46 -8.08
N VAL C 280 9.28 36.55 -8.15
CA VAL C 280 9.32 37.57 -7.09
C VAL C 280 8.84 36.97 -5.77
N PHE C 281 7.75 36.22 -5.83
CA PHE C 281 7.18 35.63 -4.58
C PHE C 281 8.09 34.51 -4.12
N GLY C 282 8.65 33.75 -5.07
CA GLY C 282 9.42 32.57 -4.67
C GLY C 282 10.64 32.90 -3.83
N LYS C 283 11.41 33.95 -4.16
CA LYS C 283 12.54 34.23 -3.25
C LYS C 283 12.29 35.42 -2.32
N PHE C 284 11.91 36.58 -2.86
CA PHE C 284 11.80 37.80 -2.01
C PHE C 284 10.69 37.74 -0.94
N LEU C 285 9.50 37.26 -1.31
CA LEU C 285 8.41 37.13 -0.31
C LEU C 285 8.87 36.11 0.73
N HIS C 286 9.52 35.04 0.26
CA HIS C 286 10.12 34.02 1.16
C HIS C 286 11.24 34.69 1.97
N GLN C 287 11.96 35.67 1.41
CA GLN C 287 13.13 36.33 2.05
C GLN C 287 14.41 35.60 1.62
N GLY C 288 14.28 34.45 0.92
CA GLY C 288 15.45 33.72 0.40
C GLY C 288 16.12 32.86 1.44
N GLN C 289 15.58 32.80 2.65
CA GLN C 289 16.26 32.05 3.73
C GLN C 289 15.63 30.66 3.81
N ILE C 290 15.62 29.92 2.70
CA ILE C 290 15.01 28.59 2.66
C ILE C 290 15.77 27.67 1.70
N CYS C 291 15.82 26.36 2.00
CA CYS C 291 16.38 25.40 1.03
C CYS C 291 15.54 25.34 -0.27
N MET C 292 14.21 25.40 -0.14
CA MET C 292 13.33 25.35 -1.32
C MET C 292 13.36 26.63 -2.16
N ALA C 293 13.60 27.77 -1.53
CA ALA C 293 13.50 29.06 -2.20
C ALA C 293 14.41 29.15 -3.42
N ILE C 294 13.98 29.96 -4.39
CA ILE C 294 14.76 30.19 -5.59
C ILE C 294 16.12 30.77 -5.25
N ASN C 295 17.19 30.20 -5.79
CA ASN C 295 18.50 30.84 -5.79
C ASN C 295 19.01 31.19 -7.17
N ARG C 296 18.59 30.47 -8.21
CA ARG C 296 19.05 30.67 -9.57
C ARG C 296 17.83 30.83 -10.48
N ILE C 297 17.80 31.91 -11.26
CA ILE C 297 16.78 32.09 -12.28
C ILE C 297 17.46 31.90 -13.64
N ILE C 298 16.99 30.91 -14.39
CA ILE C 298 17.51 30.61 -15.73
C ILE C 298 16.40 30.89 -16.74
N VAL C 299 16.68 31.77 -17.70
CA VAL C 299 15.70 32.15 -18.71
C VAL C 299 16.28 31.88 -20.10
N GLU C 300 15.44 31.35 -20.98
CA GLU C 300 15.79 31.22 -22.39
C GLU C 300 16.05 32.59 -23.01
N ASP C 301 16.97 32.63 -23.99
CA ASP C 301 17.49 33.90 -24.50
C ASP C 301 16.38 34.82 -25.00
N SER C 302 15.36 34.25 -25.65
CA SER C 302 14.28 35.06 -26.21
C SER C 302 13.58 35.89 -25.15
N LEU C 303 13.39 35.34 -23.96
CA LEU C 303 12.67 36.02 -22.89
C LEU C 303 13.57 36.65 -21.84
N TYR C 304 14.89 36.50 -21.96
CA TYR C 304 15.78 36.96 -20.88
C TYR C 304 15.66 38.46 -20.66
N ASP C 305 15.81 39.25 -21.73
CA ASP C 305 15.87 40.71 -21.56
C ASP C 305 14.56 41.24 -21.00
N ALA C 306 13.43 40.73 -21.50
CA ALA C 306 12.14 41.14 -20.97
C ALA C 306 11.97 40.71 -19.51
N PHE C 307 12.38 39.47 -19.20
CA PHE C 307 12.24 39.00 -17.83
C PHE C 307 13.07 39.85 -16.86
N ALA C 308 14.32 40.16 -17.23
CA ALA C 308 15.18 40.92 -16.33
C ALA C 308 14.62 42.32 -16.07
N ALA C 309 14.06 42.95 -17.11
CA ALA C 309 13.47 44.27 -16.94
C ALA C 309 12.26 44.22 -16.00
N ARG C 310 11.32 43.31 -16.28
CA ARG C 310 10.12 43.21 -15.44
C ARG C 310 10.47 42.78 -14.03
N PHE C 311 11.39 41.81 -13.89
CA PHE C 311 11.72 41.30 -12.57
C PHE C 311 12.33 42.40 -11.69
N VAL C 312 13.25 43.18 -12.25
CA VAL C 312 13.93 44.21 -11.47
C VAL C 312 12.94 45.28 -11.03
N GLU C 313 12.07 45.72 -11.94
CA GLU C 313 11.11 46.76 -11.59
C GLU C 313 10.19 46.30 -10.47
N ARG C 314 9.77 45.04 -10.50
CA ARG C 314 8.95 44.52 -9.40
C ARG C 314 9.76 44.43 -8.11
N VAL C 315 11.04 44.07 -8.22
CA VAL C 315 11.89 43.97 -7.04
C VAL C 315 12.07 45.34 -6.39
N LYS C 316 12.25 46.38 -7.20
CA LYS C 316 12.32 47.74 -6.67
C LYS C 316 11.05 48.10 -5.91
N GLY C 317 9.91 47.56 -6.33
CA GLY C 317 8.67 47.82 -5.64
C GLY C 317 8.62 47.25 -4.24
N LEU C 318 9.30 46.12 -4.01
CA LEU C 318 9.18 45.44 -2.73
C LEU C 318 9.67 46.34 -1.60
N ARG C 319 8.96 46.31 -0.47
CA ARG C 319 9.28 47.21 0.63
C ARG C 319 10.03 46.46 1.73
N VAL C 320 11.23 46.93 2.03
CA VAL C 320 12.03 46.49 3.16
C VAL C 320 11.63 47.30 4.38
N GLY C 321 11.34 46.62 5.49
CA GLY C 321 10.77 47.33 6.62
C GLY C 321 10.68 46.49 7.86
N ASP C 322 10.01 47.06 8.86
CA ASP C 322 9.75 46.39 10.13
C ASP C 322 8.95 45.11 9.89
N PRO C 323 9.43 43.95 10.33
CA PRO C 323 8.74 42.68 10.02
C PRO C 323 7.34 42.58 10.61
N GLN C 324 7.02 43.38 11.65
CA GLN C 324 5.72 43.24 12.28
C GLN C 324 4.58 43.77 11.42
N ARG C 325 4.87 44.43 10.31
CA ARG C 325 3.81 44.98 9.48
C ARG C 325 3.41 43.96 8.43
N ALA C 326 2.12 43.94 8.11
CA ALA C 326 1.62 42.99 7.13
C ALA C 326 2.19 43.27 5.76
N ASP C 327 2.36 44.55 5.41
CA ASP C 327 2.78 44.94 4.07
C ASP C 327 4.27 44.68 3.81
N THR C 328 5.07 44.44 4.85
CA THR C 328 6.51 44.29 4.67
C THR C 328 6.82 43.00 3.91
N ALA C 329 7.68 43.12 2.88
CA ALA C 329 8.08 41.95 2.09
C ALA C 329 9.46 41.42 2.47
N VAL C 330 10.40 42.29 2.85
CA VAL C 330 11.75 41.90 3.21
C VAL C 330 12.05 42.37 4.63
N GLY C 331 12.56 41.46 5.44
CA GLY C 331 12.80 41.74 6.84
C GLY C 331 14.27 41.58 7.19
N PRO C 332 14.61 41.76 8.46
CA PRO C 332 16.01 41.67 8.87
C PRO C 332 16.58 40.26 8.75
N ILE C 333 17.87 40.20 8.43
CA ILE C 333 18.62 38.95 8.53
C ILE C 333 18.73 38.57 10.00
N VAL C 334 18.69 37.25 10.28
CA VAL C 334 18.50 36.78 11.65
C VAL C 334 19.68 37.15 12.55
N ASN C 335 20.91 37.07 12.04
CA ASN C 335 22.09 37.31 12.87
C ASN C 335 23.17 38.00 12.06
N ALA C 336 24.17 38.52 12.78
CA ALA C 336 25.25 39.28 12.14
C ALA C 336 26.12 38.38 11.25
N ARG C 337 26.42 37.16 11.70
CA ARG C 337 27.26 36.28 10.88
C ARG C 337 26.59 35.97 9.55
N GLN C 338 25.28 35.73 9.57
CA GLN C 338 24.55 35.49 8.32
C GLN C 338 24.59 36.73 7.44
N LEU C 339 24.45 37.92 8.02
CA LEU C 339 24.50 39.15 7.25
C LEU C 339 25.86 39.36 6.59
N GLU C 340 26.94 39.06 7.31
CA GLU C 340 28.28 39.24 6.76
C GLU C 340 28.52 38.31 5.59
N GLY C 341 28.05 37.07 5.68
CA GLY C 341 28.18 36.15 4.56
C GLY C 341 27.42 36.62 3.33
N LEU C 342 26.22 37.16 3.54
CA LEU C 342 25.47 37.71 2.41
C LEU C 342 26.20 38.89 1.77
N LEU C 343 26.75 39.78 2.59
CA LEU C 343 27.51 40.91 2.05
C LEU C 343 28.73 40.43 1.28
N GLU C 344 29.43 39.42 1.80
CA GLU C 344 30.58 38.88 1.09
C GLU C 344 30.16 38.26 -0.23
N LYS C 345 28.99 37.60 -0.27
CA LYS C 345 28.51 37.03 -1.52
C LYS C 345 28.25 38.12 -2.57
N ILE C 346 27.69 39.25 -2.14
CA ILE C 346 27.51 40.37 -3.06
C ILE C 346 28.86 40.87 -3.56
N ARG C 347 29.82 41.03 -2.65
CA ARG C 347 31.16 41.44 -3.06
C ARG C 347 31.77 40.42 -4.03
N LEU C 348 31.61 39.13 -3.74
CA LEU C 348 32.15 38.11 -4.62
C LEU C 348 31.51 38.17 -6.00
N ALA C 349 30.19 38.38 -6.06
CA ALA C 349 29.50 38.38 -7.34
C ALA C 349 29.97 39.52 -8.23
N ARG C 350 30.24 40.69 -7.66
CA ARG C 350 30.85 41.76 -8.43
C ARG C 350 32.25 41.37 -8.88
N GLN C 351 33.05 40.79 -7.98
CA GLN C 351 34.39 40.35 -8.34
C GLN C 351 34.36 39.28 -9.42
N GLU C 352 33.39 38.35 -9.36
CA GLU C 352 33.26 37.35 -10.41
C GLU C 352 32.92 37.97 -11.76
N GLY C 353 32.33 39.18 -11.76
CA GLY C 353 31.92 39.83 -12.97
C GLY C 353 30.46 39.70 -13.33
N ALA C 354 29.61 39.25 -12.40
CA ALA C 354 28.17 39.25 -12.65
C ALA C 354 27.66 40.68 -12.73
N LYS C 355 26.79 40.94 -13.70
CA LYS C 355 26.27 42.28 -13.86
C LYS C 355 25.25 42.60 -12.76
N PRO C 356 25.41 43.71 -12.06
CA PRO C 356 24.44 44.09 -11.03
C PRO C 356 23.25 44.83 -11.62
N LEU C 357 22.09 44.17 -11.65
CA LEU C 357 20.89 44.83 -12.16
C LEU C 357 20.24 45.73 -11.10
N TYR C 358 20.24 45.32 -9.84
CA TYR C 358 19.71 46.17 -8.78
C TYR C 358 20.41 45.86 -7.48
N GLU C 359 20.81 46.91 -6.76
CA GLU C 359 21.46 46.79 -5.46
C GLU C 359 20.75 47.74 -4.52
N GLY C 360 20.04 47.20 -3.52
CA GLY C 360 19.23 48.02 -2.66
C GLY C 360 19.86 48.49 -1.37
N GLY C 361 21.12 48.12 -1.11
CA GLY C 361 21.80 48.55 0.10
C GLY C 361 21.52 47.65 1.29
N VAL C 362 22.32 47.87 2.33
CA VAL C 362 22.13 47.25 3.64
C VAL C 362 21.90 48.34 4.66
N ASP C 363 20.89 48.15 5.51
CA ASP C 363 20.59 49.07 6.60
C ASP C 363 20.46 48.21 7.86
N GLY C 364 21.52 48.20 8.67
CA GLY C 364 21.59 47.31 9.82
C GLY C 364 21.38 45.86 9.43
N GLN C 365 20.47 45.20 10.13
CA GLN C 365 20.14 43.81 9.81
C GLN C 365 19.35 43.72 8.51
N LEU C 366 18.64 44.77 8.12
CA LEU C 366 17.85 44.71 6.90
C LEU C 366 18.78 44.77 5.69
N LEU C 367 18.69 43.76 4.84
CA LEU C 367 19.47 43.69 3.60
C LEU C 367 18.45 43.75 2.47
N ALA C 368 18.49 44.83 1.70
CA ALA C 368 17.57 45.01 0.61
C ALA C 368 17.87 44.01 -0.51
N PRO C 369 16.91 43.78 -1.41
CA PRO C 369 17.14 42.79 -2.47
C PRO C 369 18.31 43.20 -3.36
N HIS C 370 19.08 42.20 -3.78
CA HIS C 370 20.16 42.38 -4.73
C HIS C 370 19.96 41.42 -5.89
N VAL C 371 19.87 41.97 -7.10
CA VAL C 371 19.64 41.15 -8.31
C VAL C 371 20.90 41.23 -9.19
N PHE C 372 21.33 40.10 -9.73
CA PHE C 372 22.55 40.05 -10.57
C PHE C 372 22.18 39.43 -11.90
N GLY C 373 22.85 39.83 -12.98
CA GLY C 373 22.48 39.38 -14.33
C GLY C 373 23.69 38.87 -15.08
N GLU C 374 23.47 38.06 -16.14
CA GLU C 374 24.57 37.47 -16.93
C GLU C 374 25.39 36.54 -16.04
N VAL C 375 24.74 35.89 -15.07
CA VAL C 375 25.43 34.92 -14.17
C VAL C 375 25.80 33.65 -14.95
N THR C 376 26.92 33.01 -14.61
CA THR C 376 27.34 31.74 -15.26
C THR C 376 27.32 30.64 -14.21
N ALA C 377 27.13 29.38 -14.64
CA ALA C 377 27.05 28.27 -13.69
C ALA C 377 28.25 28.23 -12.76
N THR C 378 29.44 28.59 -13.28
CA THR C 378 30.65 28.55 -12.46
C THR C 378 30.68 29.63 -11.39
N MET C 379 29.89 30.70 -11.53
CA MET C 379 29.89 31.76 -10.52
C MET C 379 29.43 31.22 -9.18
N GLU C 380 30.00 31.81 -8.11
CA GLU C 380 29.67 31.36 -6.75
C GLU C 380 28.21 31.63 -6.41
N ILE C 381 27.65 32.72 -6.94
CA ILE C 381 26.27 33.06 -6.65
C ILE C 381 25.34 31.99 -7.21
N ALA C 382 25.70 31.40 -8.36
CA ALA C 382 24.94 30.28 -8.90
C ALA C 382 25.27 28.97 -8.19
N ARG C 383 26.54 28.77 -7.82
CA ARG C 383 26.99 27.47 -7.32
C ARG C 383 26.46 27.19 -5.91
N ASP C 384 26.53 28.17 -5.02
CA ASP C 384 26.26 27.97 -3.60
C ASP C 384 24.91 28.54 -3.22
N GLU C 385 24.29 27.92 -2.20
CA GLU C 385 23.00 28.38 -1.73
C GLU C 385 23.12 29.72 -1.02
N ILE C 386 22.13 30.58 -1.25
CA ILE C 386 22.06 31.88 -0.60
C ILE C 386 20.79 31.91 0.23
N PHE C 387 20.95 32.00 1.55
CA PHE C 387 19.81 32.17 2.44
C PHE C 387 19.55 33.66 2.66
N GLY C 388 19.20 34.34 1.57
CA GLY C 388 19.06 35.77 1.60
C GLY C 388 18.35 36.35 0.40
N PRO C 389 18.09 37.66 0.43
CA PRO C 389 17.44 38.35 -0.70
C PRO C 389 18.43 38.70 -1.81
N LEU C 390 19.17 37.69 -2.27
CA LEU C 390 20.16 37.85 -3.32
C LEU C 390 19.93 36.79 -4.39
N VAL C 391 19.84 37.21 -5.65
CA VAL C 391 19.53 36.31 -6.75
C VAL C 391 20.35 36.65 -7.97
N GLY C 392 20.70 35.62 -8.74
CA GLY C 392 21.43 35.78 -9.98
C GLY C 392 20.59 35.30 -11.14
N LEU C 393 20.69 36.01 -12.26
CA LEU C 393 19.91 35.72 -13.45
C LEU C 393 20.83 35.20 -14.54
N LEU C 394 20.52 34.03 -15.08
CA LEU C 394 21.34 33.38 -16.09
C LEU C 394 20.55 33.25 -17.38
N ARG C 395 21.23 33.47 -18.52
CA ARG C 395 20.60 33.36 -19.82
C ARG C 395 20.94 32.02 -20.46
N ALA C 396 19.95 31.37 -21.05
CA ALA C 396 20.11 30.07 -21.69
C ALA C 396 19.80 30.23 -23.18
N ARG C 397 20.72 29.75 -24.02
CA ARG C 397 20.56 29.87 -25.46
C ARG C 397 19.40 29.00 -25.95
N ASP C 398 19.34 27.75 -25.49
CA ASP C 398 18.29 26.83 -25.90
C ASP C 398 17.83 26.04 -24.68
N GLU C 399 16.77 25.23 -24.88
CA GLU C 399 16.23 24.43 -23.77
C GLU C 399 17.26 23.47 -23.21
N ALA C 400 18.06 22.85 -24.07
CA ALA C 400 19.09 21.92 -23.60
C ALA C 400 20.11 22.64 -22.73
N HIS C 401 20.45 23.87 -23.09
CA HIS C 401 21.37 24.66 -22.27
C HIS C 401 20.76 24.99 -20.92
N ALA C 402 19.46 25.29 -20.90
CA ALA C 402 18.78 25.56 -19.64
C ALA C 402 18.79 24.35 -18.72
N LEU C 403 18.60 23.15 -19.28
CA LEU C 403 18.67 21.94 -18.46
C LEU C 403 20.07 21.73 -17.91
N GLU C 404 21.09 21.94 -18.74
CA GLU C 404 22.47 21.84 -18.27
C GLU C 404 22.74 22.84 -17.16
N LEU C 405 22.25 24.08 -17.30
CA LEU C 405 22.42 25.07 -16.25
C LEU C 405 21.68 24.66 -14.97
N ALA C 406 20.43 24.19 -15.13
CA ALA C 406 19.65 23.80 -13.96
C ALA C 406 20.28 22.63 -13.22
N ASN C 407 20.80 21.65 -13.98
CA ASN C 407 21.33 20.43 -13.33
C ASN C 407 22.77 20.63 -12.86
N ALA C 408 23.37 21.79 -13.12
CA ALA C 408 24.74 22.02 -12.58
C ALA C 408 24.62 22.53 -11.15
N SER C 409 24.10 21.68 -10.25
CA SER C 409 23.98 22.07 -8.82
C SER C 409 24.60 21.01 -7.93
N GLU C 410 25.44 21.39 -6.96
CA GLU C 410 25.96 20.40 -6.00
C GLU C 410 24.75 19.84 -5.22
N TYR C 411 23.81 20.71 -4.87
CA TYR C 411 22.62 20.31 -4.08
C TYR C 411 21.36 20.62 -4.88
N GLY C 412 20.43 19.65 -4.95
CA GLY C 412 19.20 19.83 -5.74
C GLY C 412 17.97 19.49 -4.91
N LEU C 413 17.55 20.41 -4.02
CA LEU C 413 16.36 20.16 -3.16
C LEU C 413 15.07 20.42 -3.95
N SER C 414 14.88 21.65 -4.45
CA SER C 414 13.64 21.99 -5.14
C SER C 414 13.96 22.66 -6.48
N SER C 415 12.96 22.69 -7.35
CA SER C 415 13.12 23.26 -8.69
C SER C 415 11.77 23.76 -9.20
N ALA C 416 11.83 24.63 -10.21
CA ALA C 416 10.65 25.12 -10.91
C ALA C 416 10.96 25.33 -12.39
N VAL C 417 9.99 24.98 -13.26
CA VAL C 417 10.12 25.20 -14.70
C VAL C 417 8.81 25.81 -15.23
N PHE C 418 8.94 26.87 -16.03
CA PHE C 418 7.80 27.59 -16.58
C PHE C 418 7.75 27.45 -18.10
N SER C 419 6.64 26.94 -18.62
CA SER C 419 6.42 26.84 -20.06
C SER C 419 4.93 26.72 -20.35
N ARG C 420 4.53 27.22 -21.52
CA ARG C 420 3.12 27.12 -21.90
C ARG C 420 2.73 25.68 -22.20
N ASP C 421 3.66 24.91 -22.75
CA ASP C 421 3.42 23.51 -23.08
C ASP C 421 3.73 22.69 -21.83
N LEU C 422 2.68 22.14 -21.20
CA LEU C 422 2.89 21.38 -19.98
C LEU C 422 3.68 20.12 -20.25
N GLU C 423 3.45 19.49 -21.41
CA GLU C 423 4.18 18.28 -21.75
C GLU C 423 5.67 18.55 -21.88
N ARG C 424 6.04 19.62 -22.58
CA ARG C 424 7.45 19.98 -22.65
C ARG C 424 7.99 20.34 -21.27
N ALA C 425 7.18 21.03 -20.46
CA ALA C 425 7.61 21.39 -19.11
C ALA C 425 7.83 20.15 -18.24
N VAL C 426 6.90 19.20 -18.29
CA VAL C 426 7.05 17.98 -17.50
C VAL C 426 8.23 17.17 -18.00
N ARG C 427 8.38 17.05 -19.32
CA ARG C 427 9.54 16.35 -19.86
C ARG C 427 10.82 17.00 -19.37
N PHE C 428 10.88 18.33 -19.40
CA PHE C 428 12.01 19.05 -18.83
C PHE C 428 12.14 18.75 -17.34
N ALA C 429 11.01 18.75 -16.62
CA ALA C 429 11.05 18.57 -15.16
C ALA C 429 11.58 17.19 -14.78
N ARG C 430 11.19 16.15 -15.50
CA ARG C 430 11.65 14.81 -15.18
C ARG C 430 13.17 14.72 -15.28
N GLN C 431 13.77 15.40 -16.26
CA GLN C 431 15.21 15.39 -16.43
C GLN C 431 15.94 16.12 -15.29
N LEU C 432 15.24 17.00 -14.57
CA LEU C 432 15.88 17.74 -13.49
C LEU C 432 16.28 16.79 -12.37
N ARG C 433 17.51 16.95 -11.87
CA ARG C 433 18.01 16.09 -10.80
C ARG C 433 17.66 16.71 -9.44
N ALA C 434 16.35 16.70 -9.15
CA ALA C 434 15.84 17.27 -7.92
C ALA C 434 14.74 16.38 -7.37
N GLY C 435 14.56 16.46 -6.04
CA GLY C 435 13.45 15.76 -5.41
C GLY C 435 12.11 16.37 -5.73
N MET C 436 12.04 17.70 -5.82
CA MET C 436 10.78 18.41 -6.03
C MET C 436 10.92 19.36 -7.21
N THR C 437 9.91 19.36 -8.09
CA THR C 437 9.82 20.32 -9.18
C THR C 437 8.39 20.81 -9.30
N HIS C 438 8.23 22.12 -9.48
CA HIS C 438 6.91 22.70 -9.67
C HIS C 438 6.84 23.35 -11.04
N VAL C 439 5.82 22.96 -11.80
CA VAL C 439 5.66 23.41 -13.17
C VAL C 439 4.63 24.52 -13.16
N ASN C 440 5.04 25.71 -13.61
CA ASN C 440 4.19 26.90 -13.59
C ASN C 440 3.79 27.26 -12.17
N ASP C 441 4.74 27.11 -11.23
CA ASP C 441 4.54 27.45 -9.83
C ASP C 441 5.89 27.70 -9.16
N ILE C 442 5.85 28.24 -7.95
CA ILE C 442 7.09 28.59 -7.19
C ILE C 442 7.77 27.32 -6.63
N PRO C 443 9.10 27.33 -6.46
CA PRO C 443 9.83 26.21 -5.86
C PRO C 443 9.44 25.93 -4.42
N VAL C 444 9.18 26.97 -3.62
CA VAL C 444 8.94 26.76 -2.16
C VAL C 444 7.49 26.34 -1.90
N ASN C 445 7.16 25.08 -2.20
CA ASN C 445 5.79 24.56 -1.90
C ASN C 445 5.90 23.34 -0.98
N ASP C 446 5.16 23.33 0.13
CA ASP C 446 5.15 22.13 1.02
C ASP C 446 3.70 21.67 1.23
N GLU C 447 3.46 20.36 1.11
CA GLU C 447 2.09 19.81 1.36
C GLU C 447 2.19 18.66 2.38
N ALA C 448 1.17 18.51 3.24
CA ALA C 448 1.25 17.50 4.30
C ALA C 448 1.18 16.08 3.74
N ASN C 449 0.38 15.87 2.71
CA ASN C 449 0.35 14.56 2.07
C ASN C 449 1.56 14.33 1.16
N ALA C 450 2.17 15.40 0.66
CA ALA C 450 3.22 15.29 -0.35
C ALA C 450 4.53 14.75 0.25
N PRO C 451 5.30 13.99 -0.54
CA PRO C 451 6.60 13.45 -0.12
C PRO C 451 7.66 14.53 0.03
N PHE C 463 9.85 13.10 4.38
CA PHE C 463 8.93 13.63 5.38
C PHE C 463 7.51 13.62 4.81
N ASN C 464 6.54 13.59 5.75
CA ASN C 464 5.11 13.78 5.52
C ASN C 464 4.39 12.51 5.06
N GLY C 465 3.11 12.41 5.40
CA GLY C 465 2.27 11.32 4.93
C GLY C 465 2.79 9.95 5.32
N ASP C 466 2.71 9.02 4.37
CA ASP C 466 3.21 7.66 4.60
C ASP C 466 4.73 7.68 4.78
N TRP C 467 5.41 8.61 4.12
CA TRP C 467 6.87 8.72 4.27
C TRP C 467 7.25 9.05 5.71
N ALA C 468 6.47 9.92 6.36
CA ALA C 468 6.69 10.21 7.77
C ALA C 468 6.48 8.96 8.64
N ILE C 469 5.49 8.15 8.29
CA ILE C 469 5.21 6.94 9.08
C ILE C 469 6.38 5.97 9.01
N GLU C 470 6.98 5.85 7.83
CA GLU C 470 8.15 5.00 7.69
C GLU C 470 9.33 5.53 8.50
N GLU C 471 9.54 6.85 8.44
CA GLU C 471 10.77 7.43 8.99
C GLU C 471 10.84 7.29 10.49
N PHE C 472 9.72 7.46 11.18
CA PHE C 472 9.70 7.53 12.64
C PHE C 472 9.23 6.22 13.26
N THR C 473 9.20 5.14 12.49
CA THR C 473 8.92 3.81 12.98
C THR C 473 10.02 2.86 12.50
N THR C 474 10.20 1.77 13.24
CA THR C 474 11.11 0.71 12.85
C THR C 474 10.34 -0.60 12.69
N ASP C 475 10.69 -1.36 11.65
CA ASP C 475 10.07 -2.65 11.39
C ASP C 475 10.86 -3.75 12.08
N HIS C 476 10.16 -4.64 12.78
CA HIS C 476 10.77 -5.79 13.44
C HIS C 476 10.13 -7.06 12.91
N TRP C 477 10.95 -7.92 12.29
CA TRP C 477 10.46 -9.15 11.70
C TRP C 477 10.54 -10.27 12.72
N ILE C 478 9.39 -10.86 13.06
CA ILE C 478 9.30 -11.96 14.02
C ILE C 478 8.70 -13.17 13.32
N SER C 479 9.44 -14.28 13.33
CA SER C 479 8.96 -15.54 12.79
C SER C 479 8.58 -16.48 13.92
N VAL C 480 7.37 -17.03 13.87
CA VAL C 480 6.85 -17.90 14.92
C VAL C 480 6.68 -19.30 14.34
N GLN C 481 7.28 -20.29 15.00
CA GLN C 481 7.25 -21.67 14.56
C GLN C 481 6.20 -22.43 15.36
N HIS C 482 5.08 -22.76 14.71
CA HIS C 482 3.98 -23.47 15.34
C HIS C 482 4.10 -24.98 15.30
N ALA C 483 4.93 -25.52 14.41
CA ALA C 483 5.18 -26.95 14.33
C ALA C 483 6.69 -27.20 14.35
N PRO C 484 7.12 -28.32 14.95
CA PRO C 484 8.57 -28.56 15.06
C PRO C 484 9.20 -28.58 13.67
N ARG C 485 10.37 -27.97 13.56
CA ARG C 485 11.01 -27.80 12.26
C ARG C 485 12.18 -28.76 12.11
N GLN C 486 12.21 -29.47 10.98
CA GLN C 486 13.27 -30.41 10.70
C GLN C 486 14.46 -29.67 10.11
N TYR C 487 15.67 -30.11 10.46
CA TYR C 487 16.90 -29.42 10.07
C TYR C 487 17.80 -30.38 9.30
N PRO C 488 17.73 -30.38 7.96
CA PRO C 488 18.63 -31.16 7.11
C PRO C 488 19.94 -30.43 6.83
N SER D 4 -29.05 25.99 21.19
CA SER D 4 -30.39 25.44 21.35
C SER D 4 -30.63 24.22 20.43
N ARG D 5 -31.56 23.35 20.85
CA ARG D 5 -31.78 22.08 20.19
C ARG D 5 -32.44 22.25 18.83
N TYR D 6 -32.36 21.19 18.02
CA TYR D 6 -32.94 21.19 16.67
C TYR D 6 -34.46 21.15 16.75
N THR D 7 -35.12 22.06 16.03
CA THR D 7 -36.57 22.04 15.85
C THR D 7 -36.90 21.67 14.41
N ASP D 8 -38.19 21.50 14.15
CA ASP D 8 -38.70 21.25 12.80
C ASP D 8 -38.01 20.05 12.16
N LEU D 9 -37.94 18.95 12.91
CA LEU D 9 -37.18 17.80 12.43
C LEU D 9 -37.95 16.93 11.45
N GLY D 10 -39.25 17.14 11.30
CA GLY D 10 -40.02 16.41 10.30
C GLY D 10 -39.76 16.83 8.88
N LEU D 11 -39.21 18.02 8.67
CA LEU D 11 -38.87 18.46 7.32
C LEU D 11 -37.70 17.64 6.79
N GLN D 12 -37.81 17.21 5.54
CA GLN D 12 -36.69 16.43 5.04
C GLN D 12 -35.86 17.23 4.05
N PRO D 13 -34.55 17.00 4.00
CA PRO D 13 -33.71 17.71 3.03
C PRO D 13 -33.80 17.07 1.65
N LEU D 14 -34.55 17.69 0.75
CA LEU D 14 -34.71 17.17 -0.60
C LEU D 14 -34.25 18.22 -1.60
N ALA D 15 -33.28 17.85 -2.43
CA ALA D 15 -32.83 18.66 -3.57
C ALA D 15 -32.42 20.07 -3.15
N GLY D 16 -31.72 20.18 -2.03
CA GLY D 16 -31.22 21.47 -1.60
C GLY D 16 -32.17 22.30 -0.76
N GLU D 17 -33.36 21.78 -0.45
CA GLU D 17 -34.32 22.51 0.36
C GLU D 17 -34.90 21.58 1.41
N TRP D 18 -35.18 22.15 2.58
CA TRP D 18 -35.89 21.41 3.62
C TRP D 18 -37.39 21.60 3.38
N ARG D 19 -38.08 20.51 3.04
CA ARG D 19 -39.46 20.62 2.62
C ARG D 19 -40.22 19.36 3.01
N HIS D 20 -41.55 19.45 2.95
CA HIS D 20 -42.40 18.31 3.18
C HIS D 20 -42.40 17.36 1.99
N GLY D 21 -42.55 16.07 2.28
CA GLY D 21 -42.72 15.10 1.22
C GLY D 21 -44.05 15.25 0.52
N ARG D 22 -44.05 14.91 -0.77
CA ARG D 22 -45.22 15.03 -1.64
C ARG D 22 -46.10 13.79 -1.68
N ALA D 23 -45.74 12.72 -0.97
CA ALA D 23 -46.46 11.44 -1.12
C ALA D 23 -47.92 11.53 -0.70
N GLY D 24 -48.26 12.42 0.22
CA GLY D 24 -49.63 12.48 0.67
C GLY D 24 -49.97 11.58 1.84
N ARG D 25 -49.11 10.62 2.18
CA ARG D 25 -49.22 9.87 3.43
C ARG D 25 -48.36 10.50 4.52
N ARG D 26 -48.94 10.64 5.72
CA ARG D 26 -48.23 11.17 6.87
C ARG D 26 -47.71 10.01 7.71
N LEU D 27 -46.46 10.10 8.15
CA LEU D 27 -45.84 9.06 8.94
C LEU D 27 -45.66 9.52 10.38
N LYS D 28 -46.09 8.68 11.31
CA LYS D 28 -46.02 8.99 12.73
C LYS D 28 -44.84 8.26 13.35
N VAL D 29 -44.00 9.00 14.06
CA VAL D 29 -42.82 8.45 14.71
C VAL D 29 -43.11 8.42 16.21
N SER D 30 -43.04 7.23 16.80
CA SER D 30 -43.51 7.03 18.15
C SER D 30 -42.44 6.33 18.98
N ASN D 31 -42.40 6.67 20.25
CA ASN D 31 -41.48 6.02 21.16
C ASN D 31 -41.90 4.56 21.35
N PRO D 32 -41.01 3.60 21.12
CA PRO D 32 -41.41 2.19 21.30
C PRO D 32 -41.77 1.86 22.73
N PHE D 33 -41.16 2.53 23.71
CA PHE D 33 -41.39 2.17 25.10
C PHE D 33 -42.81 2.50 25.55
N ASP D 34 -43.23 3.75 25.38
CA ASP D 34 -44.53 4.19 25.88
C ASP D 34 -45.57 4.37 24.79
N GLY D 35 -45.18 4.41 23.52
CA GLY D 35 -46.10 4.68 22.45
C GLY D 35 -46.33 6.15 22.16
N SER D 36 -45.65 7.05 22.88
CA SER D 36 -45.83 8.47 22.67
C SER D 36 -45.21 8.92 21.35
N LEU D 37 -45.83 9.93 20.74
CA LEU D 37 -45.47 10.42 19.41
C LEU D 37 -44.33 11.43 19.48
N LEU D 38 -43.21 11.10 18.83
CA LEU D 38 -42.11 12.06 18.77
C LEU D 38 -42.39 13.16 17.74
N LEU D 39 -42.79 12.78 16.54
CA LEU D 39 -43.03 13.74 15.47
C LEU D 39 -43.79 13.07 14.34
N GLU D 40 -44.21 13.88 13.37
CA GLU D 40 -44.95 13.44 12.19
C GLU D 40 -44.23 13.91 10.95
N ILE D 41 -44.15 13.06 9.94
CA ILE D 41 -43.41 13.34 8.71
C ILE D 41 -44.34 13.16 7.53
N GLU D 42 -44.40 14.17 6.64
CA GLU D 42 -44.99 13.95 5.32
C GLU D 42 -44.03 13.13 4.48
N GLN D 43 -44.45 11.93 4.10
CA GLN D 43 -43.58 10.99 3.40
C GLN D 43 -43.26 11.46 1.98
N ALA D 44 -42.09 11.05 1.50
CA ALA D 44 -41.65 11.38 0.15
C ALA D 44 -42.21 10.41 -0.89
N ASP D 45 -42.56 10.95 -2.05
CA ASP D 45 -42.98 10.17 -3.21
C ASP D 45 -41.81 9.98 -4.19
N ARG D 46 -42.07 9.24 -5.27
CA ARG D 46 -41.05 8.96 -6.28
C ARG D 46 -40.54 10.22 -6.98
N ASP D 47 -41.38 11.25 -7.13
CA ASP D 47 -40.88 12.51 -7.70
C ASP D 47 -39.86 13.16 -6.78
N ASP D 48 -40.10 13.10 -5.47
CA ASP D 48 -39.11 13.61 -4.52
C ASP D 48 -37.81 12.84 -4.65
N LEU D 49 -37.89 11.52 -4.79
CA LEU D 49 -36.69 10.72 -4.94
C LEU D 49 -35.91 11.12 -6.20
N ASP D 50 -36.62 11.34 -7.31
CA ASP D 50 -35.95 11.76 -8.53
C ASP D 50 -35.24 13.10 -8.35
N ALA D 51 -35.89 14.03 -7.64
CA ALA D 51 -35.30 15.35 -7.44
C ALA D 51 -34.05 15.28 -6.57
N ALA D 52 -34.07 14.43 -5.54
CA ALA D 52 -32.91 14.32 -4.66
C ALA D 52 -31.71 13.77 -5.42
N TYR D 53 -31.92 12.73 -6.22
CA TYR D 53 -30.82 12.16 -6.99
C TYR D 53 -30.30 13.15 -8.03
N ALA D 54 -31.22 13.83 -8.73
CA ALA D 54 -30.81 14.74 -9.79
C ALA D 54 -30.02 15.93 -9.25
N LYS D 55 -30.47 16.51 -8.14
CA LYS D 55 -29.72 17.61 -7.53
C LYS D 55 -28.37 17.14 -7.01
N ALA D 56 -28.32 15.93 -6.42
CA ALA D 56 -27.07 15.41 -5.89
C ALA D 56 -26.04 15.23 -7.00
N ALA D 57 -26.46 14.69 -8.15
CA ALA D 57 -25.57 14.57 -9.29
C ALA D 57 -25.13 15.94 -9.78
N GLU D 58 -26.00 16.94 -9.66
CA GLU D 58 -25.69 18.28 -10.15
C GLU D 58 -24.65 18.98 -9.27
N VAL D 59 -24.82 18.91 -7.95
CA VAL D 59 -23.91 19.63 -7.05
C VAL D 59 -22.65 18.84 -6.75
N GLN D 60 -22.63 17.53 -6.98
CA GLN D 60 -21.48 16.72 -6.58
C GLN D 60 -20.16 17.14 -7.21
N PRO D 61 -20.07 17.46 -8.52
CA PRO D 61 -18.75 17.78 -9.09
C PRO D 61 -18.07 18.99 -8.45
N ALA D 62 -18.84 20.03 -8.11
CA ALA D 62 -18.26 21.16 -7.39
C ALA D 62 -17.74 20.74 -6.02
N TRP D 63 -18.46 19.85 -5.33
CA TRP D 63 -17.99 19.34 -4.05
C TRP D 63 -16.67 18.59 -4.23
N ALA D 64 -16.62 17.67 -5.21
CA ALA D 64 -15.39 16.94 -5.48
C ALA D 64 -14.27 17.85 -5.96
N ALA D 65 -14.60 18.91 -6.70
CA ALA D 65 -13.57 19.81 -7.20
C ALA D 65 -12.83 20.50 -6.07
N LEU D 66 -13.48 20.69 -4.92
CA LEU D 66 -12.84 21.35 -3.80
C LEU D 66 -11.66 20.52 -3.30
N GLY D 67 -10.71 21.20 -2.67
CA GLY D 67 -9.55 20.54 -2.13
C GLY D 67 -9.86 19.59 -0.98
N PRO D 68 -8.92 18.70 -0.69
CA PRO D 68 -9.14 17.76 0.42
C PRO D 68 -9.34 18.45 1.77
N SER D 69 -8.64 19.56 2.02
CA SER D 69 -8.77 20.25 3.30
C SER D 69 -10.16 20.83 3.50
N ALA D 70 -10.75 21.36 2.43
CA ALA D 70 -12.09 21.93 2.53
C ALA D 70 -13.12 20.86 2.90
N ARG D 71 -13.09 19.73 2.18
CA ARG D 71 -14.02 18.65 2.50
C ARG D 71 -13.74 18.06 3.87
N ALA D 72 -12.47 17.92 4.24
CA ALA D 72 -12.14 17.44 5.58
C ALA D 72 -12.60 18.41 6.66
N ALA D 73 -12.58 19.72 6.36
CA ALA D 73 -12.98 20.71 7.36
C ALA D 73 -14.43 20.50 7.78
N VAL D 74 -15.30 20.12 6.83
CA VAL D 74 -16.70 19.86 7.16
C VAL D 74 -16.80 18.65 8.09
N LEU D 75 -15.99 17.62 7.85
CA LEU D 75 -16.00 16.46 8.72
C LEU D 75 -15.54 16.81 10.14
N TYR D 76 -14.51 17.67 10.26
CA TYR D 76 -14.05 18.08 11.58
C TYR D 76 -15.10 18.89 12.32
N LYS D 77 -15.75 19.83 11.63
CA LYS D 77 -16.81 20.62 12.27
C LYS D 77 -17.96 19.72 12.72
N ALA D 78 -18.28 18.70 11.92
CA ALA D 78 -19.34 17.77 12.30
C ALA D 78 -19.01 17.05 13.59
N VAL D 79 -17.73 16.76 13.81
CA VAL D 79 -17.30 16.17 15.08
C VAL D 79 -17.57 17.13 16.23
N GLU D 80 -17.35 18.43 16.00
CA GLU D 80 -17.63 19.42 17.03
C GLU D 80 -19.12 19.45 17.36
N VAL D 81 -19.98 19.32 16.34
CA VAL D 81 -21.42 19.25 16.58
C VAL D 81 -21.76 18.01 17.38
N PHE D 82 -21.09 16.90 17.10
CA PHE D 82 -21.33 15.67 17.86
C PHE D 82 -21.06 15.88 19.34
N ASP D 83 -19.97 16.57 19.67
CA ASP D 83 -19.69 16.86 21.08
C ASP D 83 -20.66 17.89 21.65
N ARG D 84 -20.98 18.93 20.87
CA ARG D 84 -21.85 19.99 21.38
C ARG D 84 -23.27 19.47 21.62
N ARG D 85 -23.78 18.63 20.74
CA ARG D 85 -25.14 18.12 20.82
C ARG D 85 -25.20 16.69 21.35
N HIS D 86 -24.20 16.29 22.15
CA HIS D 86 -24.06 14.90 22.55
C HIS D 86 -25.32 14.38 23.24
N GLU D 87 -25.78 15.09 24.28
CA GLU D 87 -26.97 14.64 25.00
C GLU D 87 -28.20 14.64 24.11
N GLU D 88 -28.32 15.65 23.23
CA GLU D 88 -29.48 15.71 22.34
C GLU D 88 -29.49 14.51 21.39
N ILE D 89 -28.32 14.12 20.89
CA ILE D 89 -28.22 12.98 20.00
C ILE D 89 -28.58 11.69 20.73
N VAL D 90 -28.04 11.50 21.94
CA VAL D 90 -28.31 10.27 22.69
C VAL D 90 -29.79 10.19 23.05
N ASP D 91 -30.38 11.32 23.46
CA ASP D 91 -31.80 11.33 23.78
C ASP D 91 -32.65 10.93 22.57
N TRP D 92 -32.25 11.40 21.38
CA TRP D 92 -32.98 11.03 20.17
C TRP D 92 -32.89 9.54 19.89
N ILE D 93 -31.71 8.94 20.10
CA ILE D 93 -31.54 7.51 19.86
C ILE D 93 -32.41 6.71 20.82
N ILE D 94 -32.46 7.11 22.10
CA ILE D 94 -33.24 6.38 23.09
C ILE D 94 -34.72 6.40 22.73
N ARG D 95 -35.26 7.58 22.43
CA ARG D 95 -36.70 7.73 22.24
C ARG D 95 -37.15 7.09 20.93
N GLU D 96 -36.45 7.37 19.83
CA GLU D 96 -36.92 6.89 18.53
C GLU D 96 -36.74 5.38 18.38
N SER D 97 -35.58 4.85 18.76
CA SER D 97 -35.22 3.46 18.46
C SER D 97 -35.47 2.53 19.62
N GLY D 98 -35.89 3.03 20.77
CA GLY D 98 -36.00 2.15 21.91
C GLY D 98 -34.70 1.72 22.54
N SER D 99 -33.64 2.49 22.37
CA SER D 99 -32.35 2.01 22.87
C SER D 99 -32.21 2.34 24.34
N THR D 100 -31.61 1.42 25.05
CA THR D 100 -30.99 1.67 26.33
C THR D 100 -30.04 2.85 26.19
N ARG D 101 -29.97 3.63 27.26
CA ARG D 101 -29.10 4.78 27.32
C ARG D 101 -27.65 4.34 27.16
N LEU D 102 -27.32 3.18 27.74
CA LEU D 102 -25.96 2.66 27.62
C LEU D 102 -25.64 2.32 26.17
N LYS D 103 -26.57 1.70 25.45
CA LYS D 103 -26.32 1.43 24.03
C LYS D 103 -26.28 2.72 23.23
N ALA D 104 -27.14 3.68 23.56
CA ALA D 104 -27.17 4.94 22.81
C ALA D 104 -25.86 5.70 22.94
N GLU D 105 -25.24 5.66 24.13
CA GLU D 105 -23.93 6.27 24.28
C GLU D 105 -22.88 5.53 23.46
N ILE D 106 -22.97 4.21 23.40
CA ILE D 106 -22.04 3.44 22.56
C ILE D 106 -22.21 3.84 21.10
N GLU D 107 -23.46 3.93 20.63
CA GLU D 107 -23.72 4.30 19.25
C GLU D 107 -23.21 5.71 18.96
N TRP D 108 -23.39 6.63 19.91
CA TRP D 108 -22.87 7.98 19.75
C TRP D 108 -21.35 7.98 19.62
N GLY D 109 -20.67 7.19 20.46
CA GLY D 109 -19.23 7.13 20.37
C GLY D 109 -18.74 6.53 19.05
N ALA D 110 -19.38 5.46 18.60
CA ALA D 110 -19.01 4.83 17.35
C ALA D 110 -19.22 5.79 16.17
N ALA D 111 -20.36 6.47 16.16
CA ALA D 111 -20.63 7.43 15.08
C ALA D 111 -19.64 8.58 15.11
N ARG D 112 -19.25 9.03 16.30
CA ARG D 112 -18.25 10.09 16.40
C ARG D 112 -16.91 9.65 15.83
N ALA D 113 -16.49 8.41 16.14
CA ALA D 113 -15.20 7.93 15.68
C ALA D 113 -15.14 7.81 14.15
N ILE D 114 -16.19 7.27 13.54
CA ILE D 114 -16.24 7.15 12.08
C ILE D 114 -16.18 8.53 11.44
N THR D 115 -16.87 9.51 12.00
CA THR D 115 -16.80 10.87 11.46
C THR D 115 -15.39 11.44 11.56
N LEU D 116 -14.73 11.21 12.70
CA LEU D 116 -13.35 11.68 12.88
C LEU D 116 -12.39 10.96 11.95
N GLU D 117 -12.52 9.63 11.85
CA GLU D 117 -11.62 8.86 10.99
C GLU D 117 -11.74 9.27 9.53
N SER D 118 -12.97 9.53 9.08
CA SER D 118 -13.19 9.93 7.69
C SER D 118 -12.52 11.25 7.35
N ALA D 119 -12.36 12.14 8.34
CA ALA D 119 -11.75 13.45 8.08
C ALA D 119 -10.35 13.32 7.50
N SER D 120 -9.62 12.26 7.86
CA SER D 120 -8.29 12.02 7.31
C SER D 120 -8.34 11.49 5.87
N PHE D 121 -9.45 10.91 5.44
CA PHE D 121 -9.48 10.24 4.15
C PHE D 121 -9.16 11.13 2.94
N PRO D 122 -9.62 12.39 2.86
CA PRO D 122 -9.30 13.18 1.65
C PRO D 122 -7.81 13.33 1.38
N ALA D 123 -7.00 13.45 2.44
CA ALA D 123 -5.56 13.52 2.24
C ALA D 123 -4.97 12.20 1.76
N ARG D 124 -5.61 11.08 2.10
CA ARG D 124 -5.03 9.76 1.86
C ARG D 124 -5.25 9.26 0.43
N VAL D 125 -6.35 9.66 -0.22
CA VAL D 125 -6.65 9.12 -1.55
C VAL D 125 -5.56 9.51 -2.53
N HIS D 126 -5.14 8.54 -3.36
CA HIS D 126 -4.12 8.84 -4.35
C HIS D 126 -4.27 7.91 -5.55
N GLY D 127 -3.84 8.42 -6.71
CA GLY D 127 -3.75 7.63 -7.93
C GLY D 127 -2.42 6.89 -8.04
N ARG D 128 -2.24 6.22 -9.17
CA ARG D 128 -1.04 5.45 -9.45
C ARG D 128 -0.49 5.79 -10.84
N ILE D 129 0.83 5.84 -10.94
CA ILE D 129 1.54 5.92 -12.21
C ILE D 129 2.32 4.61 -12.37
N VAL D 130 2.11 3.93 -13.50
CA VAL D 130 2.56 2.56 -13.71
C VAL D 130 3.45 2.48 -14.95
N GLU D 131 4.49 1.64 -14.88
CA GLU D 131 5.39 1.42 -16.00
C GLU D 131 4.70 0.58 -17.09
N SER D 132 4.97 0.93 -18.35
CA SER D 132 4.37 0.26 -19.50
C SER D 132 5.45 -0.27 -20.43
N ASP D 133 5.21 -1.46 -20.99
CA ASP D 133 6.12 -2.00 -21.99
C ASP D 133 6.07 -1.22 -23.30
N VAL D 134 4.90 -0.70 -23.67
CA VAL D 134 4.75 -0.01 -24.94
C VAL D 134 5.64 1.23 -24.93
N PRO D 135 6.52 1.39 -25.91
CA PRO D 135 7.43 2.54 -25.91
C PRO D 135 6.68 3.85 -26.10
N GLY D 136 7.10 4.87 -25.36
CA GLY D 136 6.47 6.17 -25.42
C GLY D 136 5.12 6.27 -24.75
N LYS D 137 4.73 5.25 -23.99
CA LYS D 137 3.42 5.21 -23.34
C LYS D 137 3.59 5.39 -21.84
N GLU D 138 2.80 6.30 -21.28
CA GLU D 138 2.73 6.51 -19.84
C GLU D 138 1.35 6.09 -19.36
N SER D 139 1.32 5.27 -18.31
CA SER D 139 0.08 4.70 -17.78
C SER D 139 -0.28 5.39 -16.47
N ARG D 140 -1.47 6.00 -16.43
CA ARG D 140 -1.96 6.73 -15.27
C ARG D 140 -3.26 6.09 -14.78
N VAL D 141 -3.36 5.86 -13.47
CA VAL D 141 -4.60 5.42 -12.83
C VAL D 141 -5.07 6.54 -11.90
N TYR D 142 -6.24 7.10 -12.19
CA TYR D 142 -6.80 8.20 -11.41
C TYR D 142 -7.88 7.65 -10.47
N ARG D 143 -7.73 7.91 -9.18
CA ARG D 143 -8.76 7.57 -8.20
C ARG D 143 -9.69 8.77 -8.04
N SER D 144 -10.99 8.55 -8.25
CA SER D 144 -11.97 9.64 -8.22
C SER D 144 -13.19 9.20 -7.42
N ALA D 145 -13.98 10.18 -6.99
CA ALA D 145 -15.24 9.88 -6.34
C ALA D 145 -16.17 9.13 -7.29
N ILE D 146 -17.00 8.26 -6.72
CA ILE D 146 -17.96 7.51 -7.53
C ILE D 146 -18.95 8.46 -8.18
N GLY D 147 -19.43 9.46 -7.44
CA GLY D 147 -20.50 10.31 -7.88
C GLY D 147 -21.55 10.44 -6.79
N VAL D 148 -22.71 9.81 -6.97
CA VAL D 148 -23.78 9.80 -5.99
C VAL D 148 -23.88 8.41 -5.39
N VAL D 149 -23.99 8.35 -4.05
CA VAL D 149 -24.07 7.10 -3.31
C VAL D 149 -25.45 7.03 -2.66
N GLY D 150 -26.14 5.91 -2.83
CA GLY D 150 -27.42 5.68 -2.19
C GLY D 150 -27.21 4.78 -0.98
N VAL D 151 -27.76 5.21 0.16
CA VAL D 151 -27.57 4.53 1.43
C VAL D 151 -28.91 4.15 2.02
N ILE D 152 -29.07 2.88 2.36
CA ILE D 152 -30.25 2.39 3.07
C ILE D 152 -29.82 1.94 4.46
N SER D 153 -30.48 2.47 5.49
CA SER D 153 -30.05 2.22 6.86
C SER D 153 -31.10 1.42 7.62
N PRO D 154 -30.68 0.51 8.49
CA PRO D 154 -31.62 -0.23 9.34
C PRO D 154 -32.04 0.60 10.55
N TRP D 155 -32.95 0.01 11.34
CA TRP D 155 -33.48 0.69 12.52
C TRP D 155 -32.68 0.39 13.79
N ASN D 156 -31.91 -0.70 13.82
CA ASN D 156 -31.30 -1.15 15.06
C ASN D 156 -30.22 -0.17 15.55
N PHE D 157 -29.29 0.19 14.67
CA PHE D 157 -28.26 1.18 14.98
C PHE D 157 -28.32 2.24 13.88
N PRO D 158 -29.42 3.00 13.82
CA PRO D 158 -29.65 3.84 12.64
C PRO D 158 -28.61 4.93 12.45
N LEU D 159 -28.19 5.59 13.54
CA LEU D 159 -27.28 6.72 13.40
C LEU D 159 -25.88 6.26 13.03
N HIS D 160 -25.36 5.23 13.72
CA HIS D 160 -24.02 4.75 13.42
C HIS D 160 -23.95 4.14 12.03
N LEU D 161 -24.91 3.27 11.70
CA LEU D 161 -24.83 2.54 10.43
C LEU D 161 -25.04 3.46 9.24
N THR D 162 -25.83 4.53 9.38
CA THR D 162 -25.91 5.52 8.30
C THR D 162 -24.58 6.26 8.17
N GLN D 163 -24.04 6.75 9.28
CA GLN D 163 -22.82 7.56 9.22
C GLN D 163 -21.63 6.75 8.71
N ARG D 164 -21.63 5.44 8.97
CA ARG D 164 -20.51 4.60 8.56
C ARG D 164 -20.34 4.58 7.04
N SER D 165 -21.45 4.69 6.30
CA SER D 165 -21.36 4.93 4.86
C SER D 165 -21.27 6.42 4.53
N ILE D 166 -22.04 7.24 5.23
CA ILE D 166 -22.22 8.64 4.85
C ILE D 166 -20.92 9.42 4.98
N ALA D 167 -20.27 9.32 6.15
CA ALA D 167 -19.09 10.13 6.39
C ALA D 167 -17.93 9.81 5.44
N PRO D 168 -17.59 8.55 5.16
CA PRO D 168 -16.53 8.31 4.15
C PRO D 168 -16.91 8.81 2.77
N ALA D 169 -18.14 8.54 2.33
CA ALA D 169 -18.54 8.93 0.98
C ALA D 169 -18.48 10.44 0.78
N LEU D 170 -18.98 11.20 1.77
CA LEU D 170 -18.95 12.66 1.67
C LEU D 170 -17.53 13.20 1.67
N ALA D 171 -16.69 12.69 2.57
CA ALA D 171 -15.30 13.16 2.64
C ALA D 171 -14.57 12.92 1.33
N LEU D 172 -14.87 11.81 0.65
CA LEU D 172 -14.20 11.43 -0.58
C LEU D 172 -14.80 12.10 -1.81
N GLY D 173 -15.71 13.05 -1.65
CA GLY D 173 -16.22 13.83 -2.77
C GLY D 173 -17.53 13.35 -3.36
N ASN D 174 -18.13 12.31 -2.81
CA ASN D 174 -19.43 11.85 -3.29
C ASN D 174 -20.57 12.68 -2.72
N ALA D 175 -21.73 12.55 -3.36
CA ALA D 175 -22.99 13.01 -2.83
C ALA D 175 -23.81 11.79 -2.40
N VAL D 176 -24.61 11.97 -1.34
CA VAL D 176 -25.32 10.85 -0.71
C VAL D 176 -26.81 11.14 -0.66
N VAL D 177 -27.61 10.11 -0.92
CA VAL D 177 -29.05 10.12 -0.67
C VAL D 177 -29.37 8.96 0.24
N VAL D 178 -30.08 9.21 1.33
CA VAL D 178 -30.27 8.24 2.40
C VAL D 178 -31.75 7.90 2.50
N LYS D 179 -32.06 6.60 2.51
CA LYS D 179 -33.38 6.10 2.81
C LYS D 179 -33.33 5.41 4.17
N PRO D 180 -33.79 6.06 5.23
CA PRO D 180 -33.74 5.45 6.57
C PRO D 180 -34.91 4.50 6.78
N ALA D 181 -34.78 3.67 7.82
CA ALA D 181 -35.89 2.83 8.22
C ALA D 181 -37.06 3.69 8.68
N SER D 182 -38.27 3.30 8.26
CA SER D 182 -39.44 4.12 8.57
C SER D 182 -39.66 4.22 10.07
N ASP D 183 -39.22 3.20 10.83
CA ASP D 183 -39.31 3.28 12.28
C ASP D 183 -38.37 4.33 12.86
N THR D 184 -37.24 4.59 12.22
CA THR D 184 -36.22 5.51 12.74
C THR D 184 -35.74 6.49 11.67
N PRO D 185 -36.61 7.39 11.20
CA PRO D 185 -36.14 8.36 10.19
C PRO D 185 -35.24 9.45 10.77
N VAL D 186 -35.52 9.93 11.98
CA VAL D 186 -34.74 11.03 12.54
C VAL D 186 -33.30 10.60 12.79
N CYS D 187 -33.11 9.50 13.53
CA CYS D 187 -31.73 8.98 13.76
C CYS D 187 -31.28 8.24 12.50
N GLY D 188 -32.10 8.24 11.45
CA GLY D 188 -31.79 7.54 10.19
C GLY D 188 -31.09 8.44 9.21
N GLY D 189 -30.77 9.67 9.62
CA GLY D 189 -30.15 10.64 8.70
C GLY D 189 -30.82 12.00 8.68
N LEU D 190 -31.99 12.15 9.30
CA LEU D 190 -32.56 13.52 9.41
C LEU D 190 -31.67 14.29 10.40
N LEU D 191 -31.35 13.67 11.54
CA LEU D 191 -30.43 14.26 12.51
C LEU D 191 -29.06 14.49 11.89
N LEU D 192 -28.53 13.50 11.17
CA LEU D 192 -27.22 13.63 10.56
C LEU D 192 -27.20 14.72 9.50
N ALA D 193 -28.29 14.85 8.74
CA ALA D 193 -28.36 15.92 7.74
C ALA D 193 -28.32 17.30 8.41
N ARG D 194 -28.97 17.44 9.56
CA ARG D 194 -28.88 18.68 10.31
C ARG D 194 -27.46 18.90 10.84
N ILE D 195 -26.82 17.83 11.31
CA ILE D 195 -25.45 17.94 11.82
C ILE D 195 -24.51 18.35 10.69
N PHE D 196 -24.65 17.71 9.53
CA PHE D 196 -23.79 18.06 8.40
C PHE D 196 -24.10 19.46 7.87
N GLU D 197 -25.36 19.88 7.90
CA GLU D 197 -25.67 21.27 7.53
C GLU D 197 -24.97 22.24 8.46
N GLU D 198 -25.06 22.00 9.78
CA GLU D 198 -24.37 22.85 10.75
C GLU D 198 -22.87 22.85 10.50
N ALA D 199 -22.31 21.71 10.10
CA ALA D 199 -20.89 21.60 9.79
C ALA D 199 -20.48 22.38 8.56
N GLY D 200 -21.44 22.83 7.75
CA GLY D 200 -21.14 23.60 6.55
C GLY D 200 -21.18 22.85 5.24
N LEU D 201 -21.77 21.65 5.21
CA LEU D 201 -21.87 20.91 3.95
C LEU D 201 -22.81 21.62 2.99
N PRO D 202 -22.42 21.83 1.73
CA PRO D 202 -23.28 22.54 0.79
C PRO D 202 -24.60 21.83 0.52
N ALA D 203 -25.64 22.63 0.29
CA ALA D 203 -26.99 22.11 0.10
C ALA D 203 -27.09 21.24 -1.15
N GLY D 204 -27.89 20.17 -1.05
CA GLY D 204 -28.10 19.25 -2.13
C GLY D 204 -27.13 18.09 -2.17
N LEU D 205 -26.05 18.15 -1.41
CA LEU D 205 -25.09 17.05 -1.34
C LEU D 205 -25.64 15.90 -0.52
N PHE D 206 -26.50 16.20 0.46
CA PHE D 206 -27.06 15.21 1.38
C PHE D 206 -28.58 15.35 1.34
N SER D 207 -29.27 14.32 0.85
CA SER D 207 -30.71 14.28 0.86
C SER D 207 -31.19 13.04 1.61
N VAL D 208 -32.28 13.20 2.36
CA VAL D 208 -32.93 12.09 3.05
C VAL D 208 -34.31 11.91 2.46
N VAL D 209 -34.62 10.69 2.04
CA VAL D 209 -35.91 10.36 1.45
C VAL D 209 -36.63 9.42 2.40
N VAL D 210 -37.71 9.89 3.01
CA VAL D 210 -38.48 9.11 3.96
C VAL D 210 -39.75 8.67 3.26
N GLY D 211 -39.90 7.37 3.10
CA GLY D 211 -41.05 6.80 2.45
C GLY D 211 -41.15 5.34 2.79
N PRO D 212 -42.28 4.71 2.49
CA PRO D 212 -42.41 3.27 2.76
C PRO D 212 -41.42 2.48 1.91
N GLY D 213 -40.73 1.54 2.55
CA GLY D 213 -39.77 0.71 1.83
C GLY D 213 -40.42 -0.07 0.70
N SER D 214 -41.65 -0.54 0.93
CA SER D 214 -42.38 -1.22 -0.13
C SER D 214 -42.86 -0.26 -1.21
N GLU D 215 -42.92 1.04 -0.91
CA GLU D 215 -43.44 2.04 -1.84
C GLU D 215 -42.36 2.60 -2.77
N ILE D 216 -41.21 2.97 -2.22
CA ILE D 216 -40.16 3.65 -2.97
C ILE D 216 -38.85 2.89 -2.95
N GLY D 217 -38.78 1.74 -2.29
CA GLY D 217 -37.51 1.05 -2.15
C GLY D 217 -36.94 0.57 -3.47
N ASP D 218 -37.78 -0.02 -4.32
CA ASP D 218 -37.30 -0.52 -5.60
C ASP D 218 -36.80 0.61 -6.49
N ALA D 219 -37.54 1.73 -6.53
CA ALA D 219 -37.10 2.88 -7.31
C ALA D 219 -35.79 3.46 -6.77
N PHE D 220 -35.58 3.37 -5.46
CA PHE D 220 -34.35 3.89 -4.87
C PHE D 220 -33.13 3.15 -5.41
N VAL D 221 -33.21 1.81 -5.46
CA VAL D 221 -32.10 1.02 -5.99
C VAL D 221 -32.09 1.02 -7.52
N GLU D 222 -33.26 1.10 -8.15
CA GLU D 222 -33.34 1.03 -9.61
C GLU D 222 -32.72 2.24 -10.29
N HIS D 223 -32.67 3.37 -9.60
CA HIS D 223 -32.44 4.66 -10.23
C HIS D 223 -31.12 4.70 -10.99
N PRO D 224 -31.07 5.39 -12.14
CA PRO D 224 -29.82 5.44 -12.91
C PRO D 224 -28.71 6.26 -12.25
N VAL D 225 -29.03 7.26 -11.44
CA VAL D 225 -28.04 8.20 -10.91
C VAL D 225 -27.00 7.56 -9.98
N PRO D 226 -27.41 6.83 -8.93
CA PRO D 226 -26.40 6.40 -7.94
C PRO D 226 -25.41 5.39 -8.50
N GLY D 227 -24.12 5.71 -8.34
CA GLY D 227 -23.07 4.78 -8.73
C GLY D 227 -22.95 3.60 -7.78
N LEU D 228 -23.29 3.77 -6.51
CA LEU D 228 -23.14 2.73 -5.50
C LEU D 228 -24.34 2.76 -4.57
N VAL D 229 -24.75 1.58 -4.11
CA VAL D 229 -25.79 1.43 -3.10
C VAL D 229 -25.26 0.58 -1.96
N THR D 230 -25.40 1.07 -0.73
CA THR D 230 -24.98 0.36 0.46
C THR D 230 -26.21 0.00 1.30
N PHE D 231 -26.24 -1.23 1.79
CA PHE D 231 -27.37 -1.71 2.58
C PHE D 231 -26.89 -2.45 3.82
N THR D 232 -27.50 -2.15 4.95
CA THR D 232 -27.38 -2.95 6.17
C THR D 232 -28.77 -3.31 6.63
N GLY D 233 -29.02 -4.60 6.85
CA GLY D 233 -30.36 -5.02 7.22
C GLY D 233 -30.54 -6.51 7.03
N SER D 234 -31.81 -6.91 6.90
CA SER D 234 -32.17 -8.31 6.80
C SER D 234 -31.75 -8.92 5.47
N THR D 235 -31.48 -10.22 5.50
CA THR D 235 -31.07 -10.95 4.29
C THR D 235 -32.13 -10.96 3.20
N PRO D 236 -33.44 -11.16 3.48
CA PRO D 236 -34.41 -11.12 2.38
C PRO D 236 -34.43 -9.80 1.63
N VAL D 237 -34.36 -8.67 2.35
CA VAL D 237 -34.33 -7.38 1.68
C VAL D 237 -33.02 -7.18 0.93
N GLY D 238 -31.91 -7.58 1.54
CA GLY D 238 -30.63 -7.46 0.87
C GLY D 238 -30.58 -8.24 -0.44
N ARG D 239 -31.22 -9.42 -0.46
CA ARG D 239 -31.29 -10.19 -1.69
C ARG D 239 -32.06 -9.43 -2.77
N ASN D 240 -33.16 -8.78 -2.38
CA ASN D 240 -33.93 -8.00 -3.34
C ASN D 240 -33.15 -6.78 -3.82
N ILE D 241 -32.43 -6.11 -2.91
CA ILE D 241 -31.61 -4.99 -3.33
C ILE D 241 -30.48 -5.47 -4.23
N GLY D 242 -29.85 -6.60 -3.88
CA GLY D 242 -28.81 -7.14 -4.73
C GLY D 242 -29.33 -7.58 -6.09
N ARG D 243 -30.56 -8.09 -6.12
CA ARG D 243 -31.14 -8.53 -7.38
C ARG D 243 -31.41 -7.35 -8.31
N ILE D 244 -31.82 -6.21 -7.76
CA ILE D 244 -32.08 -5.04 -8.59
C ILE D 244 -30.77 -4.42 -9.08
N ALA D 245 -29.82 -4.22 -8.16
CA ALA D 245 -28.61 -3.50 -8.52
C ALA D 245 -27.73 -4.30 -9.45
N SER D 246 -27.59 -5.61 -9.21
CA SER D 246 -26.79 -6.43 -10.12
C SER D 246 -27.58 -6.80 -11.38
N GLY D 247 -28.90 -7.01 -11.25
CA GLY D 247 -29.70 -7.45 -12.37
C GLY D 247 -30.58 -6.43 -13.08
N GLY D 248 -30.64 -5.21 -12.56
CA GLY D 248 -31.56 -4.21 -13.10
C GLY D 248 -31.12 -3.62 -14.42
N ALA D 249 -31.99 -2.76 -14.96
CA ALA D 249 -31.69 -2.06 -16.21
C ALA D 249 -30.43 -1.21 -16.07
N HIS D 250 -30.29 -0.49 -14.97
CA HIS D 250 -29.11 0.30 -14.66
C HIS D 250 -28.30 -0.41 -13.59
N LEU D 251 -27.04 -0.71 -13.88
CA LEU D 251 -26.20 -1.54 -13.02
C LEU D 251 -25.27 -0.68 -12.18
N LYS D 252 -25.25 -0.94 -10.88
CA LYS D 252 -24.39 -0.23 -9.94
C LYS D 252 -23.80 -1.23 -8.95
N HIS D 253 -22.68 -0.83 -8.35
CA HIS D 253 -22.07 -1.60 -7.28
C HIS D 253 -22.97 -1.59 -6.04
N VAL D 254 -22.92 -2.67 -5.28
CA VAL D 254 -23.62 -2.78 -4.00
C VAL D 254 -22.68 -3.26 -2.91
N ALA D 255 -22.71 -2.58 -1.78
CA ALA D 255 -22.09 -3.02 -0.53
C ALA D 255 -23.24 -3.49 0.36
N LEU D 256 -23.21 -4.75 0.75
CA LEU D 256 -24.30 -5.35 1.50
C LEU D 256 -23.80 -5.79 2.88
N GLU D 257 -24.52 -5.39 3.92
CA GLU D 257 -24.33 -5.93 5.26
C GLU D 257 -25.64 -6.60 5.66
N LEU D 258 -25.65 -7.91 5.68
CA LEU D 258 -26.86 -8.69 5.95
C LEU D 258 -26.72 -9.37 7.30
N GLY D 259 -27.84 -9.46 8.01
CA GLY D 259 -27.80 -10.04 9.34
C GLY D 259 -27.20 -11.43 9.31
N GLY D 260 -26.38 -11.72 10.30
CA GLY D 260 -25.68 -13.00 10.35
C GLY D 260 -25.89 -13.70 11.68
N ASN D 261 -26.12 -15.00 11.59
CA ASN D 261 -26.02 -15.89 12.74
C ASN D 261 -24.57 -15.93 13.15
N SER D 262 -24.27 -15.35 14.30
CA SER D 262 -22.88 -15.19 14.69
C SER D 262 -22.57 -16.22 15.77
N PRO D 263 -21.61 -17.10 15.54
CA PRO D 263 -21.32 -18.14 16.53
C PRO D 263 -20.41 -17.63 17.62
N PHE D 264 -20.78 -17.94 18.86
CA PHE D 264 -19.98 -17.69 20.06
C PHE D 264 -19.57 -19.06 20.58
N VAL D 265 -18.27 -19.36 20.52
CA VAL D 265 -17.76 -20.69 20.82
C VAL D 265 -16.96 -20.65 22.11
N VAL D 266 -17.31 -21.51 23.05
CA VAL D 266 -16.60 -21.64 24.31
C VAL D 266 -15.97 -23.03 24.35
N LEU D 267 -14.65 -23.09 24.21
CA LEU D 267 -13.93 -24.35 24.28
C LEU D 267 -13.69 -24.72 25.75
N GLY D 268 -13.24 -25.96 25.96
CA GLY D 268 -13.22 -26.51 27.31
C GLY D 268 -12.37 -25.74 28.30
N ASP D 269 -11.21 -25.27 27.85
CA ASP D 269 -10.26 -24.57 28.73
C ASP D 269 -10.62 -23.11 28.96
N ALA D 270 -11.70 -22.61 28.37
CA ALA D 270 -12.02 -21.19 28.44
C ALA D 270 -12.18 -20.71 29.87
N ASP D 271 -11.78 -19.46 30.11
CA ASP D 271 -12.10 -18.81 31.37
C ASP D 271 -13.62 -18.61 31.40
N LEU D 272 -14.27 -19.27 32.36
CA LEU D 272 -15.73 -19.30 32.35
C LEU D 272 -16.31 -17.93 32.65
N GLU D 273 -15.75 -17.24 33.66
CA GLU D 273 -16.26 -15.92 34.02
C GLU D 273 -16.24 -14.98 32.81
N GLN D 274 -15.11 -14.95 32.11
CA GLN D 274 -14.99 -14.02 30.96
C GLN D 274 -16.01 -14.40 29.89
N ALA D 275 -16.10 -15.69 29.55
CA ALA D 275 -17.02 -16.14 28.48
C ALA D 275 -18.45 -15.76 28.83
N VAL D 276 -18.90 -16.11 30.05
CA VAL D 276 -20.32 -15.84 30.40
C VAL D 276 -20.57 -14.33 30.38
N SER D 277 -19.64 -13.54 30.91
CA SER D 277 -19.82 -12.07 30.93
C SER D 277 -19.87 -11.55 29.49
N ALA D 278 -18.98 -12.06 28.62
CA ALA D 278 -19.00 -11.65 27.20
C ALA D 278 -20.32 -12.08 26.54
N ALA D 279 -20.76 -13.29 26.85
CA ALA D 279 -22.01 -13.81 26.22
C ALA D 279 -23.18 -12.93 26.64
N VAL D 280 -23.22 -12.54 27.91
CA VAL D 280 -24.37 -11.73 28.41
C VAL D 280 -24.30 -10.36 27.73
N PHE D 281 -23.13 -9.71 27.78
CA PHE D 281 -23.02 -8.40 27.16
C PHE D 281 -23.15 -8.47 25.64
N GLY D 282 -22.52 -9.48 25.03
CA GLY D 282 -22.60 -9.62 23.58
C GLY D 282 -24.01 -9.88 23.08
N LYS D 283 -24.76 -10.69 23.81
CA LYS D 283 -26.10 -11.07 23.39
C LYS D 283 -27.12 -9.98 23.69
N PHE D 284 -27.13 -9.48 24.91
CA PHE D 284 -28.23 -8.67 25.39
C PHE D 284 -27.98 -7.16 25.28
N LEU D 285 -26.84 -6.75 24.76
CA LEU D 285 -26.68 -5.36 24.35
C LEU D 285 -27.76 -4.99 23.33
N HIS D 286 -28.49 -3.92 23.62
CA HIS D 286 -29.58 -3.45 22.75
C HIS D 286 -30.58 -4.56 22.44
N GLN D 287 -30.97 -5.30 23.46
CA GLN D 287 -32.02 -6.31 23.37
C GLN D 287 -31.75 -7.35 22.28
N GLY D 288 -30.49 -7.57 21.90
CA GLY D 288 -30.19 -8.54 20.87
C GLY D 288 -30.31 -8.06 19.45
N GLN D 289 -30.73 -6.81 19.22
CA GLN D 289 -30.98 -6.31 17.87
C GLN D 289 -29.69 -5.70 17.31
N ILE D 290 -28.71 -6.58 17.11
CA ILE D 290 -27.45 -6.22 16.49
C ILE D 290 -27.09 -7.31 15.48
N CYS D 291 -26.50 -6.90 14.36
CA CYS D 291 -26.02 -7.86 13.37
C CYS D 291 -24.94 -8.75 13.96
N MET D 292 -24.06 -8.18 14.77
CA MET D 292 -22.97 -8.90 15.40
C MET D 292 -23.42 -9.81 16.52
N ALA D 293 -24.55 -9.49 17.15
CA ALA D 293 -24.94 -10.13 18.40
C ALA D 293 -25.00 -11.64 18.26
N ILE D 294 -24.71 -12.32 19.38
CA ILE D 294 -24.69 -13.78 19.40
C ILE D 294 -26.06 -14.31 19.02
N ASN D 295 -26.08 -15.29 18.13
CA ASN D 295 -27.28 -16.07 17.86
C ASN D 295 -27.14 -17.51 18.33
N ARG D 296 -25.93 -18.03 18.34
CA ARG D 296 -25.62 -19.40 18.73
C ARG D 296 -24.49 -19.37 19.74
N ILE D 297 -24.70 -19.99 20.89
CA ILE D 297 -23.62 -20.22 21.84
C ILE D 297 -23.28 -21.69 21.76
N ILE D 298 -22.06 -22.01 21.36
CA ILE D 298 -21.59 -23.39 21.23
C ILE D 298 -20.52 -23.61 22.28
N VAL D 299 -20.74 -24.59 23.15
CA VAL D 299 -19.80 -24.91 24.22
C VAL D 299 -19.40 -26.38 24.12
N GLU D 300 -18.13 -26.65 24.36
CA GLU D 300 -17.67 -28.03 24.47
C GLU D 300 -18.39 -28.72 25.62
N ASP D 301 -18.67 -30.01 25.44
CA ASP D 301 -19.57 -30.70 26.36
C ASP D 301 -19.05 -30.66 27.79
N SER D 302 -17.73 -30.73 27.97
CA SER D 302 -17.15 -30.74 29.31
C SER D 302 -17.56 -29.49 30.10
N LEU D 303 -17.62 -28.34 29.44
CA LEU D 303 -17.97 -27.09 30.11
C LEU D 303 -19.40 -26.64 29.88
N TYR D 304 -20.20 -27.38 29.11
CA TYR D 304 -21.52 -26.91 28.71
C TYR D 304 -22.42 -26.62 29.90
N ASP D 305 -22.57 -27.61 30.80
CA ASP D 305 -23.54 -27.46 31.88
C ASP D 305 -23.16 -26.35 32.84
N ALA D 306 -21.85 -26.20 33.10
CA ALA D 306 -21.40 -25.09 33.94
C ALA D 306 -21.70 -23.75 33.29
N PHE D 307 -21.47 -23.63 31.99
CA PHE D 307 -21.76 -22.38 31.29
C PHE D 307 -23.25 -22.04 31.36
N ALA D 308 -24.09 -23.05 31.14
CA ALA D 308 -25.54 -22.80 31.11
C ALA D 308 -26.02 -22.19 32.42
N ALA D 309 -25.68 -22.79 33.55
CA ALA D 309 -26.21 -22.29 34.84
C ALA D 309 -25.74 -20.87 35.11
N ARG D 310 -24.47 -20.58 34.84
CA ARG D 310 -23.93 -19.22 35.07
C ARG D 310 -24.63 -18.22 34.15
N PHE D 311 -24.87 -18.62 32.90
CA PHE D 311 -25.52 -17.71 31.92
C PHE D 311 -26.94 -17.41 32.37
N VAL D 312 -27.71 -18.45 32.67
CA VAL D 312 -29.10 -18.24 33.05
C VAL D 312 -29.18 -17.40 34.31
N GLU D 313 -28.35 -17.73 35.31
CA GLU D 313 -28.34 -16.98 36.56
C GLU D 313 -27.97 -15.52 36.31
N ARG D 314 -27.02 -15.27 35.43
CA ARG D 314 -26.64 -13.89 35.10
C ARG D 314 -27.75 -13.18 34.34
N VAL D 315 -28.42 -13.90 33.42
CA VAL D 315 -29.48 -13.28 32.62
C VAL D 315 -30.63 -12.83 33.51
N LYS D 316 -30.96 -13.64 34.53
CA LYS D 316 -32.01 -13.24 35.47
C LYS D 316 -31.70 -11.91 36.14
N GLY D 317 -30.41 -11.59 36.30
CA GLY D 317 -30.05 -10.31 36.89
C GLY D 317 -30.43 -9.10 36.06
N LEU D 318 -30.38 -9.23 34.73
CA LEU D 318 -30.57 -8.07 33.88
C LEU D 318 -31.96 -7.48 34.07
N ARG D 319 -32.05 -6.15 34.04
CA ARG D 319 -33.28 -5.44 34.32
C ARG D 319 -33.90 -4.98 32.99
N VAL D 320 -35.12 -5.42 32.75
CA VAL D 320 -35.92 -4.92 31.64
C VAL D 320 -36.66 -3.70 32.14
N GLY D 321 -36.56 -2.59 31.41
CA GLY D 321 -37.08 -1.36 32.00
C GLY D 321 -37.08 -0.21 31.02
N ASP D 322 -37.38 0.96 31.57
CA ASP D 322 -37.36 2.22 30.82
C ASP D 322 -35.96 2.45 30.27
N PRO D 323 -35.81 2.56 28.95
CA PRO D 323 -34.45 2.66 28.36
C PRO D 323 -33.70 3.92 28.75
N GLN D 324 -34.40 4.97 29.17
CA GLN D 324 -33.72 6.22 29.47
C GLN D 324 -32.85 6.12 30.71
N ARG D 325 -33.07 5.12 31.54
CA ARG D 325 -32.29 4.95 32.76
C ARG D 325 -30.93 4.37 32.43
N ALA D 326 -29.92 4.80 33.16
CA ALA D 326 -28.56 4.31 32.92
C ALA D 326 -28.47 2.82 33.24
N ASP D 327 -29.15 2.38 34.30
CA ASP D 327 -29.00 1.01 34.78
C ASP D 327 -29.71 0.00 33.89
N THR D 328 -30.69 0.43 33.09
CA THR D 328 -31.50 -0.51 32.32
C THR D 328 -30.66 -1.21 31.26
N ALA D 329 -30.76 -2.54 31.22
CA ALA D 329 -30.01 -3.34 30.25
C ALA D 329 -30.85 -3.79 29.07
N VAL D 330 -32.15 -4.02 29.26
CA VAL D 330 -33.03 -4.49 28.20
C VAL D 330 -34.17 -3.48 28.03
N GLY D 331 -34.41 -3.08 26.79
CA GLY D 331 -35.37 -2.06 26.46
C GLY D 331 -36.43 -2.59 25.54
N PRO D 332 -37.34 -1.72 25.10
CA PRO D 332 -38.44 -2.18 24.24
C PRO D 332 -37.96 -2.65 22.87
N ILE D 333 -38.66 -3.65 22.35
CA ILE D 333 -38.51 -4.04 20.95
C ILE D 333 -39.00 -2.90 20.07
N VAL D 334 -38.37 -2.72 18.91
CA VAL D 334 -38.54 -1.47 18.16
C VAL D 334 -39.99 -1.31 17.70
N ASN D 335 -40.63 -2.39 17.24
CA ASN D 335 -41.98 -2.30 16.72
C ASN D 335 -42.72 -3.61 17.01
N ALA D 336 -44.05 -3.56 16.89
CA ALA D 336 -44.88 -4.72 17.19
C ALA D 336 -44.63 -5.85 16.19
N ARG D 337 -44.45 -5.52 14.91
CA ARG D 337 -44.19 -6.56 13.91
C ARG D 337 -42.92 -7.33 14.25
N GLN D 338 -41.88 -6.61 14.68
CA GLN D 338 -40.65 -7.27 15.12
C GLN D 338 -40.91 -8.13 16.36
N LEU D 339 -41.72 -7.62 17.29
CA LEU D 339 -42.03 -8.37 18.51
C LEU D 339 -42.81 -9.64 18.20
N GLU D 340 -43.74 -9.56 17.24
CA GLU D 340 -44.59 -10.74 16.96
C GLU D 340 -43.71 -11.91 16.46
N GLY D 341 -42.78 -11.62 15.55
CA GLY D 341 -41.93 -12.68 14.99
C GLY D 341 -41.06 -13.32 16.06
N LEU D 342 -40.52 -12.50 16.96
CA LEU D 342 -39.67 -13.03 18.06
C LEU D 342 -40.50 -13.95 18.95
N LEU D 343 -41.75 -13.56 19.24
CA LEU D 343 -42.64 -14.40 20.07
C LEU D 343 -42.91 -15.72 19.33
N GLU D 344 -43.10 -15.64 18.01
CA GLU D 344 -43.31 -16.88 17.20
C GLU D 344 -42.06 -17.74 17.27
N LYS D 345 -40.87 -17.12 17.20
CA LYS D 345 -39.60 -17.87 17.25
C LYS D 345 -39.50 -18.59 18.60
N ILE D 346 -39.91 -17.90 19.68
CA ILE D 346 -39.90 -18.53 21.03
C ILE D 346 -40.82 -19.76 20.96
N ARG D 347 -42.06 -19.57 20.50
CA ARG D 347 -42.99 -20.70 20.48
C ARG D 347 -42.48 -21.80 19.56
N LEU D 348 -41.89 -21.45 18.40
CA LEU D 348 -41.37 -22.48 17.50
C LEU D 348 -40.26 -23.29 18.17
N ALA D 349 -39.40 -22.63 18.96
CA ALA D 349 -38.28 -23.34 19.58
C ALA D 349 -38.75 -24.41 20.54
N ARG D 350 -39.84 -24.16 21.27
CA ARG D 350 -40.44 -25.21 22.09
C ARG D 350 -40.97 -26.34 21.23
N GLN D 351 -41.64 -26.01 20.12
CA GLN D 351 -42.09 -27.03 19.19
C GLN D 351 -40.92 -27.81 18.62
N GLU D 352 -39.79 -27.14 18.35
CA GLU D 352 -38.60 -27.82 17.89
C GLU D 352 -38.05 -28.80 18.92
N GLY D 353 -38.39 -28.61 20.20
CA GLY D 353 -37.90 -29.45 21.27
C GLY D 353 -36.72 -28.95 22.06
N ALA D 354 -36.36 -27.67 21.92
CA ALA D 354 -35.30 -27.09 22.74
C ALA D 354 -35.75 -26.96 24.18
N LYS D 355 -34.86 -27.28 25.11
CA LYS D 355 -35.19 -27.16 26.53
C LYS D 355 -35.18 -25.67 26.90
N PRO D 356 -36.24 -25.17 27.55
CA PRO D 356 -36.27 -23.75 27.94
C PRO D 356 -35.54 -23.52 29.26
N LEU D 357 -34.37 -22.87 29.18
CA LEU D 357 -33.59 -22.57 30.37
C LEU D 357 -34.13 -21.35 31.11
N TYR D 358 -34.63 -20.35 30.38
CA TYR D 358 -35.22 -19.20 31.04
C TYR D 358 -36.32 -18.63 30.15
N GLU D 359 -37.45 -18.29 30.76
CA GLU D 359 -38.58 -17.71 30.07
C GLU D 359 -38.96 -16.44 30.81
N GLY D 360 -38.68 -15.31 30.18
CA GLY D 360 -38.97 -14.02 30.79
C GLY D 360 -40.31 -13.55 30.27
N GLY D 361 -40.84 -12.54 30.93
CA GLY D 361 -42.11 -12.02 30.51
C GLY D 361 -42.00 -11.18 29.26
N VAL D 362 -43.15 -10.92 28.66
CA VAL D 362 -43.33 -9.87 27.68
C VAL D 362 -44.35 -8.90 28.28
N ASP D 363 -43.99 -7.63 28.33
CA ASP D 363 -44.87 -6.60 28.86
C ASP D 363 -44.88 -5.46 27.87
N GLY D 364 -45.97 -5.34 27.11
CA GLY D 364 -46.01 -4.38 26.04
C GLY D 364 -44.89 -4.63 25.05
N GLN D 365 -44.13 -3.59 24.74
CA GLN D 365 -43.00 -3.74 23.83
C GLN D 365 -41.81 -4.44 24.48
N LEU D 366 -41.65 -4.33 25.80
CA LEU D 366 -40.48 -4.94 26.45
C LEU D 366 -40.63 -6.46 26.50
N LEU D 367 -39.65 -7.17 25.95
CA LEU D 367 -39.60 -8.62 25.97
C LEU D 367 -38.35 -9.04 26.72
N ALA D 368 -38.53 -9.72 27.85
CA ALA D 368 -37.42 -10.16 28.67
C ALA D 368 -36.64 -11.28 27.98
N PRO D 369 -35.41 -11.54 28.42
CA PRO D 369 -34.58 -12.57 27.76
C PRO D 369 -35.20 -13.95 27.80
N HIS D 370 -35.01 -14.69 26.71
CA HIS D 370 -35.42 -16.09 26.61
C HIS D 370 -34.20 -16.91 26.19
N VAL D 371 -33.88 -17.95 26.97
CA VAL D 371 -32.72 -18.79 26.73
C VAL D 371 -33.18 -20.23 26.56
N PHE D 372 -32.69 -20.88 25.50
CA PHE D 372 -33.03 -22.27 25.21
C PHE D 372 -31.75 -23.10 25.17
N GLY D 373 -31.86 -24.35 25.64
CA GLY D 373 -30.72 -25.23 25.76
C GLY D 373 -30.94 -26.52 24.99
N GLU D 374 -29.84 -27.28 24.85
CA GLU D 374 -29.83 -28.52 24.07
C GLU D 374 -30.29 -28.28 22.64
N VAL D 375 -29.92 -27.12 22.10
CA VAL D 375 -30.29 -26.76 20.73
C VAL D 375 -29.47 -27.60 19.76
N THR D 376 -30.04 -27.83 18.57
CA THR D 376 -29.36 -28.55 17.49
C THR D 376 -29.31 -27.66 16.26
N ALA D 377 -28.34 -27.96 15.38
CA ALA D 377 -28.07 -27.09 14.23
C ALA D 377 -29.29 -26.94 13.33
N THR D 378 -30.07 -28.00 13.13
CA THR D 378 -31.22 -27.91 12.24
C THR D 378 -32.35 -27.05 12.78
N MET D 379 -32.37 -26.80 14.09
CA MET D 379 -33.42 -25.97 14.67
C MET D 379 -33.40 -24.56 14.10
N GLU D 380 -34.59 -23.96 14.00
CA GLU D 380 -34.70 -22.61 13.46
C GLU D 380 -34.00 -21.59 14.34
N ILE D 381 -33.99 -21.80 15.66
CA ILE D 381 -33.37 -20.84 16.56
C ILE D 381 -31.87 -20.75 16.28
N ALA D 382 -31.24 -21.88 15.96
CA ALA D 382 -29.84 -21.87 15.55
C ALA D 382 -29.69 -21.45 14.09
N ARG D 383 -30.61 -21.88 13.23
CA ARG D 383 -30.44 -21.73 11.79
C ARG D 383 -30.56 -20.27 11.35
N ASP D 384 -31.55 -19.56 11.88
CA ASP D 384 -31.86 -18.20 11.43
C ASP D 384 -31.41 -17.19 12.48
N GLU D 385 -30.96 -16.02 12.01
CA GLU D 385 -30.58 -14.95 12.92
C GLU D 385 -31.81 -14.32 13.54
N ILE D 386 -31.73 -13.99 14.81
CA ILE D 386 -32.83 -13.38 15.55
C ILE D 386 -32.39 -12.02 16.06
N PHE D 387 -33.12 -10.97 15.66
CA PHE D 387 -32.87 -9.63 16.17
C PHE D 387 -33.67 -9.40 17.45
N GLY D 388 -33.27 -10.12 18.49
CA GLY D 388 -33.99 -10.07 19.75
C GLY D 388 -33.23 -10.64 20.92
N PRO D 389 -33.78 -10.48 22.13
CA PRO D 389 -33.15 -11.02 23.34
C PRO D 389 -33.45 -12.52 23.49
N LEU D 390 -33.10 -13.26 22.45
CA LEU D 390 -33.33 -14.69 22.36
C LEU D 390 -32.02 -15.37 21.99
N VAL D 391 -31.66 -16.43 22.71
CA VAL D 391 -30.41 -17.12 22.47
C VAL D 391 -30.60 -18.62 22.67
N GLY D 392 -29.87 -19.41 21.89
CA GLY D 392 -29.89 -20.86 22.01
C GLY D 392 -28.50 -21.37 22.37
N LEU D 393 -28.46 -22.39 23.23
CA LEU D 393 -27.20 -22.96 23.71
C LEU D 393 -27.03 -24.35 23.11
N LEU D 394 -25.89 -24.58 22.47
CA LEU D 394 -25.62 -25.82 21.76
C LEU D 394 -24.46 -26.56 22.41
N ARG D 395 -24.58 -27.89 22.47
CA ARG D 395 -23.59 -28.75 23.08
C ARG D 395 -22.73 -29.40 21.99
N ALA D 396 -21.41 -29.34 22.16
CA ALA D 396 -20.44 -29.90 21.21
C ALA D 396 -19.57 -30.92 21.92
N ARG D 397 -19.41 -32.10 21.32
CA ARG D 397 -18.64 -33.16 21.97
C ARG D 397 -17.16 -32.80 22.06
N ASP D 398 -16.56 -32.32 20.97
CA ASP D 398 -15.16 -31.95 20.96
C ASP D 398 -14.99 -30.67 20.17
N GLU D 399 -13.74 -30.19 20.12
CA GLU D 399 -13.43 -28.96 19.39
C GLU D 399 -13.80 -29.10 17.91
N ALA D 400 -13.55 -30.26 17.31
CA ALA D 400 -13.87 -30.47 15.91
C ALA D 400 -15.38 -30.37 15.65
N HIS D 401 -16.19 -30.89 16.57
CA HIS D 401 -17.64 -30.76 16.42
C HIS D 401 -18.08 -29.31 16.58
N ALA D 402 -17.44 -28.57 17.49
CA ALA D 402 -17.75 -27.15 17.67
C ALA D 402 -17.46 -26.36 16.40
N LEU D 403 -16.38 -26.69 15.69
CA LEU D 403 -16.09 -26.00 14.44
C LEU D 403 -17.16 -26.25 13.40
N GLU D 404 -17.63 -27.49 13.30
CA GLU D 404 -18.72 -27.81 12.37
C GLU D 404 -19.99 -27.05 12.73
N LEU D 405 -20.31 -26.96 14.02
CA LEU D 405 -21.50 -26.24 14.45
C LEU D 405 -21.41 -24.75 14.13
N ALA D 406 -20.26 -24.13 14.43
CA ALA D 406 -20.09 -22.70 14.18
C ALA D 406 -20.20 -22.38 12.70
N ASN D 407 -19.58 -23.21 11.84
CA ASN D 407 -19.58 -22.97 10.41
C ASN D 407 -20.88 -23.40 9.74
N ALA D 408 -21.74 -24.14 10.43
CA ALA D 408 -22.99 -24.64 9.83
C ALA D 408 -24.06 -23.54 9.81
N SER D 409 -23.70 -22.43 9.18
CA SER D 409 -24.57 -21.27 9.08
C SER D 409 -24.49 -20.70 7.66
N GLU D 410 -25.65 -20.36 7.11
CA GLU D 410 -25.68 -19.78 5.77
C GLU D 410 -24.94 -18.46 5.70
N TYR D 411 -24.93 -17.68 6.78
CA TYR D 411 -24.32 -16.35 6.79
C TYR D 411 -23.35 -16.21 7.96
N GLY D 412 -22.15 -15.67 7.69
CA GLY D 412 -21.14 -15.50 8.71
C GLY D 412 -20.53 -14.10 8.79
N LEU D 413 -21.22 -13.20 9.50
CA LEU D 413 -20.71 -11.83 9.66
C LEU D 413 -19.58 -11.75 10.69
N SER D 414 -19.85 -12.21 11.91
CA SER D 414 -18.89 -12.10 13.01
C SER D 414 -18.91 -13.37 13.84
N SER D 415 -17.85 -13.57 14.62
CA SER D 415 -17.72 -14.78 15.43
C SER D 415 -16.86 -14.48 16.65
N ALA D 416 -16.96 -15.37 17.65
CA ALA D 416 -16.15 -15.28 18.86
C ALA D 416 -15.72 -16.67 19.30
N VAL D 417 -14.48 -16.79 19.78
CA VAL D 417 -13.92 -18.04 20.28
C VAL D 417 -13.26 -17.79 21.63
N PHE D 418 -13.59 -18.61 22.63
CA PHE D 418 -13.03 -18.49 23.96
C PHE D 418 -12.20 -19.73 24.30
N SER D 419 -10.91 -19.52 24.55
CA SER D 419 -10.02 -20.58 25.02
C SER D 419 -8.81 -19.92 25.67
N ARG D 420 -8.28 -20.56 26.71
CA ARG D 420 -7.11 -19.99 27.39
C ARG D 420 -5.86 -20.10 26.54
N ASP D 421 -5.76 -21.14 25.72
CA ASP D 421 -4.59 -21.33 24.85
C ASP D 421 -4.84 -20.51 23.59
N LEU D 422 -4.10 -19.41 23.45
CA LEU D 422 -4.32 -18.47 22.36
C LEU D 422 -3.99 -19.07 20.99
N GLU D 423 -2.95 -19.89 20.91
CA GLU D 423 -2.61 -20.49 19.61
C GLU D 423 -3.76 -21.35 19.10
N ARG D 424 -4.31 -22.20 19.96
CA ARG D 424 -5.43 -23.04 19.58
C ARG D 424 -6.64 -22.20 19.21
N ALA D 425 -6.88 -21.11 19.94
CA ALA D 425 -8.01 -20.26 19.63
C ALA D 425 -7.86 -19.59 18.27
N VAL D 426 -6.66 -19.07 17.97
CA VAL D 426 -6.42 -18.43 16.68
C VAL D 426 -6.48 -19.45 15.55
N ARG D 427 -5.92 -20.64 15.77
CA ARG D 427 -6.02 -21.72 14.79
C ARG D 427 -7.47 -22.04 14.49
N PHE D 428 -8.28 -22.16 15.54
CA PHE D 428 -9.72 -22.35 15.38
C PHE D 428 -10.34 -21.16 14.65
N ALA D 429 -9.90 -19.94 14.97
CA ALA D 429 -10.50 -18.74 14.40
C ALA D 429 -10.32 -18.68 12.88
N ARG D 430 -9.15 -19.08 12.38
CA ARG D 430 -8.93 -19.06 10.93
C ARG D 430 -9.91 -19.98 10.22
N GLN D 431 -10.24 -21.13 10.82
CA GLN D 431 -11.17 -22.07 10.20
C GLN D 431 -12.59 -21.51 10.12
N LEU D 432 -12.91 -20.51 10.93
CA LEU D 432 -14.26 -19.95 10.93
C LEU D 432 -14.56 -19.26 9.60
N ARG D 433 -15.76 -19.52 9.08
CA ARG D 433 -16.20 -18.93 7.81
C ARG D 433 -16.88 -17.59 8.08
N ALA D 434 -16.08 -16.64 8.55
CA ALA D 434 -16.58 -15.33 8.91
C ALA D 434 -15.57 -14.27 8.48
N GLY D 435 -16.07 -13.05 8.27
CA GLY D 435 -15.18 -11.94 8.02
C GLY D 435 -14.40 -11.53 9.25
N MET D 436 -15.04 -11.57 10.42
CA MET D 436 -14.43 -11.14 11.67
C MET D 436 -14.57 -12.21 12.74
N THR D 437 -13.50 -12.45 13.49
CA THR D 437 -13.51 -13.33 14.64
C THR D 437 -12.78 -12.66 15.79
N HIS D 438 -13.36 -12.72 16.98
CA HIS D 438 -12.79 -12.15 18.18
C HIS D 438 -12.47 -13.25 19.17
N VAL D 439 -11.22 -13.28 19.64
CA VAL D 439 -10.73 -14.36 20.50
C VAL D 439 -10.77 -13.85 21.93
N ASN D 440 -11.53 -14.53 22.78
CA ASN D 440 -11.70 -14.15 24.19
C ASN D 440 -12.31 -12.76 24.32
N ASP D 441 -13.30 -12.47 23.47
CA ASP D 441 -14.00 -11.19 23.51
C ASP D 441 -15.37 -11.36 22.84
N ILE D 442 -16.20 -10.34 23.00
CA ILE D 442 -17.55 -10.30 22.45
C ILE D 442 -17.52 -10.23 20.92
N PRO D 443 -18.50 -10.80 20.22
CA PRO D 443 -18.53 -10.66 18.77
C PRO D 443 -18.88 -9.26 18.32
N VAL D 444 -19.58 -8.49 19.16
CA VAL D 444 -19.99 -7.13 18.81
C VAL D 444 -18.79 -6.21 18.99
N ASN D 445 -18.03 -5.99 17.92
CA ASN D 445 -16.90 -5.07 17.93
C ASN D 445 -16.78 -4.36 16.58
N ASP D 446 -16.71 -3.04 16.60
CA ASP D 446 -16.49 -2.25 15.39
C ASP D 446 -15.38 -1.26 15.65
N GLU D 447 -14.33 -1.32 14.82
CA GLU D 447 -13.18 -0.44 14.92
C GLU D 447 -12.98 0.28 13.60
N ALA D 448 -12.73 1.60 13.69
CA ALA D 448 -12.66 2.42 12.48
C ALA D 448 -11.51 2.01 11.58
N ASN D 449 -10.37 1.60 12.15
CA ASN D 449 -9.27 1.12 11.32
C ASN D 449 -9.52 -0.30 10.80
N ALA D 450 -10.29 -1.10 11.53
CA ALA D 450 -10.50 -2.51 11.21
C ALA D 450 -11.48 -2.69 10.05
N PRO D 451 -11.27 -3.72 9.22
CA PRO D 451 -12.23 -4.00 8.14
C PRO D 451 -13.52 -4.59 8.69
N PHE D 452 -14.63 -4.20 8.09
CA PHE D 452 -15.96 -4.58 8.57
C PHE D 452 -16.80 -5.11 7.41
N GLY D 453 -17.24 -6.36 7.52
CA GLY D 453 -18.10 -6.95 6.52
C GLY D 453 -18.40 -8.39 6.86
N GLY D 454 -19.09 -9.07 5.95
CA GLY D 454 -19.55 -10.42 6.20
C GLY D 454 -19.27 -11.33 5.02
N GLU D 455 -19.32 -12.64 5.30
CA GLU D 455 -19.07 -13.69 4.32
C GLU D 455 -20.33 -14.54 4.15
N LYS D 456 -20.32 -15.33 3.07
CA LYS D 456 -21.44 -16.19 2.67
C LYS D 456 -22.68 -15.31 2.51
N ASN D 457 -23.84 -15.68 3.07
CA ASN D 457 -25.09 -14.95 2.88
C ASN D 457 -25.22 -13.77 3.82
N SER D 458 -24.11 -13.20 4.27
CA SER D 458 -24.16 -12.12 5.24
C SER D 458 -23.62 -10.79 4.72
N GLY D 459 -22.81 -10.77 3.68
CA GLY D 459 -22.16 -9.53 3.30
C GLY D 459 -21.71 -9.50 1.86
N LEU D 460 -21.68 -8.28 1.31
CA LEU D 460 -20.96 -7.96 0.08
C LEU D 460 -20.25 -6.64 0.35
N GLY D 461 -18.94 -6.67 0.49
CA GLY D 461 -18.14 -5.46 0.62
C GLY D 461 -17.58 -5.27 2.02
N ARG D 462 -16.68 -4.30 2.12
CA ARG D 462 -15.99 -3.99 3.36
C ARG D 462 -16.06 -2.50 3.66
N PHE D 463 -15.98 -2.15 4.94
CA PHE D 463 -16.15 -0.79 5.41
C PHE D 463 -14.96 -0.40 6.28
N ASN D 464 -14.73 0.92 6.37
CA ASN D 464 -13.79 1.55 7.29
C ASN D 464 -12.34 1.54 6.81
N GLY D 465 -11.57 2.54 7.23
CA GLY D 465 -10.14 2.62 6.94
C GLY D 465 -9.84 2.67 5.45
N ASP D 466 -8.79 1.94 5.05
CA ASP D 466 -8.43 1.88 3.64
C ASP D 466 -9.54 1.22 2.82
N TRP D 467 -10.28 0.30 3.43
CA TRP D 467 -11.40 -0.33 2.74
C TRP D 467 -12.46 0.70 2.37
N ALA D 468 -12.73 1.65 3.28
CA ALA D 468 -13.67 2.72 2.95
C ALA D 468 -13.17 3.55 1.78
N ILE D 469 -11.86 3.78 1.71
CA ILE D 469 -11.29 4.56 0.62
C ILE D 469 -11.48 3.83 -0.71
N GLU D 470 -11.25 2.52 -0.73
CA GLU D 470 -11.50 1.74 -1.93
C GLU D 470 -12.99 1.70 -2.27
N GLU D 471 -13.84 1.55 -1.25
CA GLU D 471 -15.27 1.34 -1.48
C GLU D 471 -15.93 2.55 -2.14
N PHE D 472 -15.54 3.76 -1.72
CA PHE D 472 -16.22 4.97 -2.15
C PHE D 472 -15.47 5.75 -3.23
N THR D 473 -14.46 5.15 -3.86
CA THR D 473 -13.77 5.76 -4.99
C THR D 473 -13.70 4.75 -6.13
N THR D 474 -13.59 5.27 -7.35
CA THR D 474 -13.39 4.45 -8.54
C THR D 474 -12.07 4.80 -9.22
N ASP D 475 -11.36 3.78 -9.68
CA ASP D 475 -10.12 3.96 -10.41
C ASP D 475 -10.40 4.04 -11.91
N HIS D 476 -9.77 5.01 -12.58
CA HIS D 476 -9.90 5.21 -14.01
C HIS D 476 -8.52 5.11 -14.63
N TRP D 477 -8.33 4.15 -15.53
CA TRP D 477 -7.02 3.90 -16.15
C TRP D 477 -6.94 4.75 -17.41
N ILE D 478 -6.03 5.72 -17.41
CA ILE D 478 -5.80 6.59 -18.56
C ILE D 478 -4.34 6.42 -18.97
N SER D 479 -4.13 5.92 -20.18
CA SER D 479 -2.80 5.74 -20.74
C SER D 479 -2.58 6.81 -21.80
N VAL D 480 -1.44 7.48 -21.72
CA VAL D 480 -1.10 8.59 -22.59
C VAL D 480 0.06 8.20 -23.49
N GLN D 481 -0.10 8.45 -24.79
CA GLN D 481 0.90 8.10 -25.78
C GLN D 481 1.73 9.35 -26.11
N HIS D 482 2.97 9.37 -25.65
CA HIS D 482 3.85 10.49 -25.94
C HIS D 482 4.63 10.31 -27.25
N ALA D 483 4.80 9.07 -27.71
CA ALA D 483 5.41 8.77 -29.00
C ALA D 483 4.52 7.79 -29.76
N PRO D 484 4.41 7.93 -31.08
CA PRO D 484 3.49 7.08 -31.84
C PRO D 484 3.83 5.60 -31.74
N ARG D 485 2.80 4.78 -31.59
CA ARG D 485 2.91 3.34 -31.40
C ARG D 485 2.47 2.64 -32.67
N GLN D 486 3.24 1.64 -33.10
CA GLN D 486 2.93 0.96 -34.36
C GLN D 486 1.87 -0.12 -34.18
N TYR D 487 1.07 -0.30 -35.22
CA TYR D 487 -0.02 -1.24 -35.26
C TYR D 487 0.20 -2.19 -36.44
N PRO D 488 0.09 -3.50 -36.23
CA PRO D 488 0.36 -4.49 -37.29
C PRO D 488 -0.77 -4.58 -38.32
PA NAP E . -22.41 -14.65 -23.93
O1A NAP E . -23.00 -13.81 -22.85
O2A NAP E . -21.34 -14.13 -24.85
O5B NAP E . -21.86 -16.00 -23.18
C5B NAP E . -20.67 -15.91 -22.42
C4B NAP E . -20.59 -17.14 -21.54
O4B NAP E . -21.73 -17.18 -20.68
C3B NAP E . -20.62 -18.45 -22.36
O3B NAP E . -19.73 -19.41 -21.87
C2B NAP E . -22.09 -18.92 -22.23
O2B NAP E . -22.07 -20.31 -22.20
C1B NAP E . -22.43 -18.38 -20.84
N9A NAP E . -23.85 -18.23 -20.56
C8A NAP E . -24.94 -17.98 -21.35
N7A NAP E . -26.05 -17.95 -20.68
C5A NAP E . -25.69 -18.18 -19.38
C6A NAP E . -26.40 -18.26 -18.17
N6A NAP E . -27.72 -18.10 -18.10
N1A NAP E . -25.71 -18.51 -17.05
C2A NAP E . -24.39 -18.67 -17.11
N3A NAP E . -23.63 -18.62 -18.18
C4A NAP E . -24.32 -18.37 -19.29
O3 NAP E . -23.57 -15.27 -24.92
PN NAP E . -23.73 -15.08 -26.54
O1N NAP E . -25.03 -15.66 -26.99
O2N NAP E . -22.42 -15.48 -27.13
O5D NAP E . -23.90 -13.45 -26.73
C5D NAP E . -23.05 -12.71 -27.57
C4D NAP E . -23.25 -11.20 -27.45
O4D NAP E . -22.58 -10.77 -26.23
C3D NAP E . -22.69 -10.35 -28.58
O3D NAP E . -23.68 -9.44 -28.98
C2D NAP E . -21.49 -9.60 -27.97
O2D NAP E . -21.46 -8.24 -28.23
C1D NAP E . -21.62 -9.82 -26.46
N1N NAP E . -20.31 -10.30 -25.90
C2N NAP E . -19.50 -9.52 -25.16
C3N NAP E . -18.31 -10.02 -24.69
C7N NAP E . -17.36 -9.21 -23.84
O7N NAP E . -17.68 -8.10 -23.45
N7N NAP E . -16.18 -9.80 -23.59
C4N NAP E . -17.95 -11.32 -24.99
C5N NAP E . -18.80 -12.10 -25.76
C6N NAP E . -19.97 -11.56 -26.20
P2B NAP E . -23.19 -21.13 -23.24
O1X NAP E . -24.54 -20.48 -22.98
O2X NAP E . -22.55 -20.79 -24.57
O3X NAP E . -23.07 -22.59 -22.82
PA NAP F . 36.50 -7.75 5.85
O1A NAP F . 36.68 -9.20 5.53
O2A NAP F . 37.64 -6.78 5.85
O5B NAP F . 35.40 -7.27 4.73
C5B NAP F . 34.43 -6.24 4.78
C4B NAP F . 34.74 -5.54 3.46
O4B NAP F . 35.36 -4.26 3.61
C3B NAP F . 35.68 -6.39 2.58
O3B NAP F . 35.20 -6.58 1.28
C2B NAP F . 37.00 -5.58 2.57
O2B NAP F . 37.57 -5.76 1.31
C1B NAP F . 36.46 -4.15 2.72
N9A NAP F . 37.40 -3.15 3.20
C8A NAP F . 38.56 -3.22 3.94
N7A NAP F . 39.11 -2.06 4.14
C5A NAP F . 38.29 -1.17 3.49
C6A NAP F . 38.32 0.24 3.31
N6A NAP F . 39.26 1.02 3.81
N1A NAP F . 37.32 0.79 2.60
C2A NAP F . 36.36 0.02 2.09
N3A NAP F . 36.24 -1.29 2.19
C4A NAP F . 37.23 -1.83 2.91
O3 NAP F . 35.86 -7.67 7.37
PN NAP F . 36.31 -8.78 8.53
O1N NAP F . 35.92 -8.41 9.91
O2N NAP F . 37.70 -9.15 8.18
O5D NAP F . 35.31 -10.05 8.17
P2B NAP F . 38.98 -6.79 1.22
O1X NAP F . 38.43 -8.19 1.45
O2X NAP F . 39.44 -6.51 -0.19
O3X NAP F . 39.89 -6.29 2.33
PA NAP G . 23.40 26.46 11.14
O1A NAP G . 23.94 25.32 10.33
O2A NAP G . 23.05 27.76 10.50
O5B NAP G . 22.11 25.86 11.95
C5B NAP G . 21.85 24.47 12.02
C4B NAP G . 21.83 23.92 13.45
O4B NAP G . 22.97 23.09 13.71
C3B NAP G . 21.83 25.00 14.57
O3B NAP G . 20.81 24.77 15.50
C2B NAP G . 23.22 24.84 15.22
O2B NAP G . 23.09 25.09 16.58
C1B NAP G . 23.50 23.36 14.97
N9A NAP G . 24.91 22.98 15.03
C8A NAP G . 26.05 23.71 14.85
N7A NAP G . 27.14 23.00 15.00
C5A NAP G . 26.69 21.73 15.28
C6A NAP G . 27.34 20.51 15.53
N6A NAP G . 28.67 20.40 15.54
N1A NAP G . 26.59 19.43 15.77
C2A NAP G . 25.27 19.55 15.77
N3A NAP G . 24.54 20.64 15.54
C4A NAP G . 25.31 21.70 15.30
O3 NAP G . 24.42 26.85 12.38
PN NAP G . 26.06 26.82 12.40
O1N NAP G . 26.59 25.69 11.57
O2N NAP G . 26.43 27.02 13.84
O5D NAP G . 26.42 28.19 11.54
P2B NAP G . 23.73 26.59 17.19
O1X NAP G . 22.80 27.66 16.66
O2X NAP G . 23.65 26.35 18.69
O3X NAP G . 25.14 26.63 16.61
PA NAP H . -35.56 -4.13 6.67
O1A NAP H . -36.79 -3.73 5.90
O2A NAP H . -34.60 -5.15 6.15
O5B NAP H . -34.76 -2.72 6.95
C5B NAP H . -33.76 -2.43 6.01
C4B NAP H . -34.15 -1.17 5.25
O4B NAP H . -34.56 -1.54 3.95
C3B NAP H . -35.31 -0.35 5.87
O3B NAP H . -34.97 1.00 5.96
C2B NAP H . -36.48 -0.61 4.91
O2B NAP H . -37.24 0.55 4.82
C1B NAP H . -35.72 -0.86 3.60
N9A NAP H . -36.43 -1.62 2.58
C8A NAP H . -37.47 -2.51 2.65
N7A NAP H . -37.81 -2.98 1.47
C5A NAP H . -36.95 -2.37 0.59
C6A NAP H . -36.79 -2.42 -0.80
N6A NAP H . -37.54 -3.19 -1.59
N1A NAP H . -35.82 -1.68 -1.35
C2A NAP H . -35.07 -0.90 -0.57
N3A NAP H . -35.13 -0.76 0.74
C4A NAP H . -36.10 -1.52 1.27
O3 NAP H . -35.96 -4.64 8.18
PN NAP H . -37.29 -5.51 8.61
O1N NAP H . -38.08 -5.89 7.39
O2N NAP H . -37.89 -4.75 9.74
O5D NAP H . -36.63 -6.92 9.15
C5D NAP H . -36.92 -7.45 10.42
C4D NAP H . -36.95 -8.97 10.41
O4D NAP H . -35.70 -9.43 9.84
C3D NAP H . -37.05 -9.68 11.75
O3D NAP H . -37.64 -10.93 11.53
C2D NAP H . -35.57 -9.84 12.17
O2D NAP H . -35.29 -10.98 12.93
C1D NAP H . -34.87 -9.94 10.80
N1N NAP H . -33.59 -9.17 10.74
C2N NAP H . -33.58 -7.87 10.47
C3N NAP H . -32.40 -7.17 10.39
C7N NAP H . -32.37 -5.69 10.10
O7N NAP H . -31.39 -5.04 10.37
N7N NAP H . -33.50 -5.21 9.54
C4N NAP H . -31.20 -7.86 10.58
C5N NAP H . -31.24 -9.21 10.86
C6N NAP H . -32.46 -9.84 10.93
P2B NAP H . -38.78 0.55 5.64
O1X NAP H . -38.43 0.59 7.11
O2X NAP H . -39.40 1.82 5.08
O3X NAP H . -39.43 -0.76 5.18
#